data_1J85
# 
_entry.id   1J85 
# 
_audit_conform.dict_name       mmcif_pdbx.dic 
_audit_conform.dict_version    5.386 
_audit_conform.dict_location   http://mmcif.pdb.org/dictionaries/ascii/mmcif_pdbx.dic 
# 
loop_
_database_2.database_id 
_database_2.database_code 
_database_2.pdbx_database_accession 
_database_2.pdbx_DOI 
PDB   1J85         pdb_00001j85 10.2210/pdb1j85/pdb 
RCSB  RCSB013479   ?            ?                   
WWPDB D_1000013479 ?            ?                   
# 
loop_
_pdbx_audit_revision_history.ordinal 
_pdbx_audit_revision_history.data_content_type 
_pdbx_audit_revision_history.major_revision 
_pdbx_audit_revision_history.minor_revision 
_pdbx_audit_revision_history.revision_date 
1 'Structure model' 1 0 2003-02-25 
2 'Structure model' 1 1 2008-04-27 
3 'Structure model' 1 2 2011-07-13 
4 'Structure model' 1 3 2024-02-07 
# 
_pdbx_audit_revision_details.ordinal             1 
_pdbx_audit_revision_details.revision_ordinal    1 
_pdbx_audit_revision_details.data_content_type   'Structure model' 
_pdbx_audit_revision_details.provider            repository 
_pdbx_audit_revision_details.type                'Initial release' 
_pdbx_audit_revision_details.description         ? 
_pdbx_audit_revision_details.details             ? 
# 
loop_
_pdbx_audit_revision_group.ordinal 
_pdbx_audit_revision_group.revision_ordinal 
_pdbx_audit_revision_group.data_content_type 
_pdbx_audit_revision_group.group 
1 2 'Structure model' 'Version format compliance' 
2 3 'Structure model' 'Derived calculations'      
3 3 'Structure model' 'Source and taxonomy'       
4 3 'Structure model' 'Version format compliance' 
5 4 'Structure model' 'Data collection'           
6 4 'Structure model' 'Database references'       
# 
loop_
_pdbx_audit_revision_category.ordinal 
_pdbx_audit_revision_category.revision_ordinal 
_pdbx_audit_revision_category.data_content_type 
_pdbx_audit_revision_category.category 
1 4 'Structure model' chem_comp_atom 
2 4 'Structure model' chem_comp_bond 
3 4 'Structure model' database_2     
# 
loop_
_pdbx_audit_revision_item.ordinal 
_pdbx_audit_revision_item.revision_ordinal 
_pdbx_audit_revision_item.data_content_type 
_pdbx_audit_revision_item.item 
1 4 'Structure model' '_database_2.pdbx_DOI'                
2 4 'Structure model' '_database_2.pdbx_database_accession' 
# 
_pdbx_database_status.status_code                     REL 
_pdbx_database_status.entry_id                        1J85 
_pdbx_database_status.recvd_initial_deposition_date   2001-05-20 
_pdbx_database_status.deposit_site                    RCSB 
_pdbx_database_status.process_site                    RCSB 
_pdbx_database_status.status_code_sf                  REL 
_pdbx_database_status.SG_entry                        Y 
_pdbx_database_status.pdb_format_compatible           Y 
_pdbx_database_status.status_code_mr                  ? 
_pdbx_database_status.status_code_cs                  ? 
_pdbx_database_status.status_code_nmr_data            ? 
_pdbx_database_status.methods_development_category    ? 
# 
_pdbx_database_related.db_name        TargetDB 
_pdbx_database_related.db_id          HI0766 
_pdbx_database_related.details        . 
_pdbx_database_related.content_type   unspecified 
# 
loop_
_audit_author.name 
_audit_author.pdbx_ordinal 
'Lim, K.'                            1 
'Zhang, H.'                          2 
'Toedt, J.'                          3 
'Tempcyzk, A.'                       4 
'Krajewski, W.'                      5 
'Howard, A.'                         6 
'Eisenstein, E.'                     7 
'Herzberg, O.'                       8 
'Structure 2 Function Project (S2F)' 9 
# 
_citation.id                        primary 
_citation.title                     
;Structure of the YibK methyltransferase from Haemophilus influenzae 
 (HI0766): A cofactor bound at a site formed by a knot
;
_citation.journal_abbrev            Proteins 
_citation.journal_volume            51 
_citation.page_first                56 
_citation.page_last                 67 
_citation.year                      2003 
_citation.journal_id_ASTM           PSFGEY 
_citation.country                   US 
_citation.journal_id_ISSN           0887-3585 
_citation.journal_id_CSD            0867 
_citation.book_publisher            ? 
_citation.pdbx_database_id_PubMed   12596263 
_citation.pdbx_database_id_DOI      10.1002/prot.10323 
# 
loop_
_citation_author.citation_id 
_citation_author.name 
_citation_author.ordinal 
_citation_author.identifier_ORCID 
primary 'Lim, K.'        1 ? 
primary 'Zhang, H.'      2 ? 
primary 'Tempcyzk, A.'   3 ? 
primary 'Krajewski, W.'  4 ? 
primary 'Bonander, N.'   5 ? 
primary 'Toedt, J.'      6 ? 
primary 'Howard, A.'     7 ? 
primary 'Eisenstein, E.' 8 ? 
primary 'Herzberg, O.'   9 ? 
# 
loop_
_entity.id 
_entity.type 
_entity.src_method 
_entity.pdbx_description 
_entity.formula_weight 
_entity.pdbx_number_of_molecules 
_entity.pdbx_ec 
_entity.pdbx_mutation 
_entity.pdbx_fragment 
_entity.details 
1 polymer man YibK  18427.414 1   2.1.1.- ? ? ? 
2 water   nat water 18.015    124 ?       ? ? ? 
# 
_entity_name_com.entity_id   1 
_entity_name_com.name        'HYPOTHETICAL TRNA/RRNA METHYLTRANSFERASE HI0766' 
# 
_entity_poly.entity_id                      1 
_entity_poly.type                           'polypeptide(L)' 
_entity_poly.nstd_linkage                   no 
_entity_poly.nstd_monomer                   no 
_entity_poly.pdbx_seq_one_letter_code       
;MLDIVLYEPEIPQNTGNIIRLCANTGFRLHLIEPLGFTWDDKRLRRSGLDYHEFAEIKRHKTFEAFLESEKPKRLFALTT
KGCPAHSQVKFKLGDYLMFGPETRGIPMSILNEMPMEQKIRIPMTANSRSMNLSNSVAVTVYEAWRQLGYKGAVNLPEVK
;
_entity_poly.pdbx_seq_one_letter_code_can   
;MLDIVLYEPEIPQNTGNIIRLCANTGFRLHLIEPLGFTWDDKRLRRSGLDYHEFAEIKRHKTFEAFLESEKPKRLFALTT
KGCPAHSQVKFKLGDYLMFGPETRGIPMSILNEMPMEQKIRIPMTANSRSMNLSNSVAVTVYEAWRQLGYKGAVNLPEVK
;
_entity_poly.pdbx_strand_id                 A 
_entity_poly.pdbx_target_identifier         HI0766 
# 
_pdbx_entity_nonpoly.entity_id   2 
_pdbx_entity_nonpoly.name        water 
_pdbx_entity_nonpoly.comp_id     HOH 
# 
loop_
_entity_poly_seq.entity_id 
_entity_poly_seq.num 
_entity_poly_seq.mon_id 
_entity_poly_seq.hetero 
1 1   MET n 
1 2   LEU n 
1 3   ASP n 
1 4   ILE n 
1 5   VAL n 
1 6   LEU n 
1 7   TYR n 
1 8   GLU n 
1 9   PRO n 
1 10  GLU n 
1 11  ILE n 
1 12  PRO n 
1 13  GLN n 
1 14  ASN n 
1 15  THR n 
1 16  GLY n 
1 17  ASN n 
1 18  ILE n 
1 19  ILE n 
1 20  ARG n 
1 21  LEU n 
1 22  CYS n 
1 23  ALA n 
1 24  ASN n 
1 25  THR n 
1 26  GLY n 
1 27  PHE n 
1 28  ARG n 
1 29  LEU n 
1 30  HIS n 
1 31  LEU n 
1 32  ILE n 
1 33  GLU n 
1 34  PRO n 
1 35  LEU n 
1 36  GLY n 
1 37  PHE n 
1 38  THR n 
1 39  TRP n 
1 40  ASP n 
1 41  ASP n 
1 42  LYS n 
1 43  ARG n 
1 44  LEU n 
1 45  ARG n 
1 46  ARG n 
1 47  SER n 
1 48  GLY n 
1 49  LEU n 
1 50  ASP n 
1 51  TYR n 
1 52  HIS n 
1 53  GLU n 
1 54  PHE n 
1 55  ALA n 
1 56  GLU n 
1 57  ILE n 
1 58  LYS n 
1 59  ARG n 
1 60  HIS n 
1 61  LYS n 
1 62  THR n 
1 63  PHE n 
1 64  GLU n 
1 65  ALA n 
1 66  PHE n 
1 67  LEU n 
1 68  GLU n 
1 69  SER n 
1 70  GLU n 
1 71  LYS n 
1 72  PRO n 
1 73  LYS n 
1 74  ARG n 
1 75  LEU n 
1 76  PHE n 
1 77  ALA n 
1 78  LEU n 
1 79  THR n 
1 80  THR n 
1 81  LYS n 
1 82  GLY n 
1 83  CYS n 
1 84  PRO n 
1 85  ALA n 
1 86  HIS n 
1 87  SER n 
1 88  GLN n 
1 89  VAL n 
1 90  LYS n 
1 91  PHE n 
1 92  LYS n 
1 93  LEU n 
1 94  GLY n 
1 95  ASP n 
1 96  TYR n 
1 97  LEU n 
1 98  MET n 
1 99  PHE n 
1 100 GLY n 
1 101 PRO n 
1 102 GLU n 
1 103 THR n 
1 104 ARG n 
1 105 GLY n 
1 106 ILE n 
1 107 PRO n 
1 108 MET n 
1 109 SER n 
1 110 ILE n 
1 111 LEU n 
1 112 ASN n 
1 113 GLU n 
1 114 MET n 
1 115 PRO n 
1 116 MET n 
1 117 GLU n 
1 118 GLN n 
1 119 LYS n 
1 120 ILE n 
1 121 ARG n 
1 122 ILE n 
1 123 PRO n 
1 124 MET n 
1 125 THR n 
1 126 ALA n 
1 127 ASN n 
1 128 SER n 
1 129 ARG n 
1 130 SER n 
1 131 MET n 
1 132 ASN n 
1 133 LEU n 
1 134 SER n 
1 135 ASN n 
1 136 SER n 
1 137 VAL n 
1 138 ALA n 
1 139 VAL n 
1 140 THR n 
1 141 VAL n 
1 142 TYR n 
1 143 GLU n 
1 144 ALA n 
1 145 TRP n 
1 146 ARG n 
1 147 GLN n 
1 148 LEU n 
1 149 GLY n 
1 150 TYR n 
1 151 LYS n 
1 152 GLY n 
1 153 ALA n 
1 154 VAL n 
1 155 ASN n 
1 156 LEU n 
1 157 PRO n 
1 158 GLU n 
1 159 VAL n 
1 160 LYS n 
# 
_entity_src_gen.entity_id                          1 
_entity_src_gen.pdbx_src_id                        1 
_entity_src_gen.pdbx_alt_source_flag               sample 
_entity_src_gen.pdbx_seq_type                      ? 
_entity_src_gen.pdbx_beg_seq_num                   ? 
_entity_src_gen.pdbx_end_seq_num                   ? 
_entity_src_gen.gene_src_common_name               ? 
_entity_src_gen.gene_src_genus                     Haemophilus 
_entity_src_gen.pdbx_gene_src_gene                 HI0766 
_entity_src_gen.gene_src_species                   'Haemophilus influenzae' 
_entity_src_gen.gene_src_strain                    KW20 
_entity_src_gen.gene_src_tissue                    ? 
_entity_src_gen.gene_src_tissue_fraction           ? 
_entity_src_gen.gene_src_details                   ? 
_entity_src_gen.pdbx_gene_src_fragment             ? 
_entity_src_gen.pdbx_gene_src_scientific_name      'Haemophilus influenzae Rd' 
_entity_src_gen.pdbx_gene_src_ncbi_taxonomy_id     71421 
_entity_src_gen.pdbx_gene_src_variant              ? 
_entity_src_gen.pdbx_gene_src_cell_line            ? 
_entity_src_gen.pdbx_gene_src_atcc                 ? 
_entity_src_gen.pdbx_gene_src_organ                ? 
_entity_src_gen.pdbx_gene_src_organelle            ? 
_entity_src_gen.pdbx_gene_src_cell                 ? 
_entity_src_gen.pdbx_gene_src_cellular_location    ? 
_entity_src_gen.host_org_common_name               ? 
_entity_src_gen.pdbx_host_org_scientific_name      'Escherichia coli BL21(DE3)' 
_entity_src_gen.pdbx_host_org_ncbi_taxonomy_id     469008 
_entity_src_gen.host_org_genus                     Escherichia 
_entity_src_gen.pdbx_host_org_gene                 ? 
_entity_src_gen.pdbx_host_org_organ                ? 
_entity_src_gen.host_org_species                   'Escherichia coli' 
_entity_src_gen.pdbx_host_org_tissue               ? 
_entity_src_gen.pdbx_host_org_tissue_fraction      ? 
_entity_src_gen.pdbx_host_org_strain               'BL21(DE3)' 
_entity_src_gen.pdbx_host_org_variant              ? 
_entity_src_gen.pdbx_host_org_cell_line            ? 
_entity_src_gen.pdbx_host_org_atcc                 ? 
_entity_src_gen.pdbx_host_org_culture_collection   ? 
_entity_src_gen.pdbx_host_org_cell                 ? 
_entity_src_gen.pdbx_host_org_organelle            ? 
_entity_src_gen.pdbx_host_org_cellular_location    ? 
_entity_src_gen.pdbx_host_org_vector_type          pET17b 
_entity_src_gen.pdbx_host_org_vector               ? 
_entity_src_gen.host_org_details                   ? 
_entity_src_gen.expression_system_id               ? 
_entity_src_gen.plasmid_name                       ? 
_entity_src_gen.plasmid_details                    ? 
_entity_src_gen.pdbx_description                   ? 
# 
loop_
_chem_comp.id 
_chem_comp.type 
_chem_comp.mon_nstd_flag 
_chem_comp.name 
_chem_comp.pdbx_synonyms 
_chem_comp.formula 
_chem_comp.formula_weight 
ALA 'L-peptide linking' y ALANINE         ? 'C3 H7 N O2'     89.093  
ARG 'L-peptide linking' y ARGININE        ? 'C6 H15 N4 O2 1' 175.209 
ASN 'L-peptide linking' y ASPARAGINE      ? 'C4 H8 N2 O3'    132.118 
ASP 'L-peptide linking' y 'ASPARTIC ACID' ? 'C4 H7 N O4'     133.103 
CYS 'L-peptide linking' y CYSTEINE        ? 'C3 H7 N O2 S'   121.158 
GLN 'L-peptide linking' y GLUTAMINE       ? 'C5 H10 N2 O3'   146.144 
GLU 'L-peptide linking' y 'GLUTAMIC ACID' ? 'C5 H9 N O4'     147.129 
GLY 'peptide linking'   y GLYCINE         ? 'C2 H5 N O2'     75.067  
HIS 'L-peptide linking' y HISTIDINE       ? 'C6 H10 N3 O2 1' 156.162 
HOH non-polymer         . WATER           ? 'H2 O'           18.015  
ILE 'L-peptide linking' y ISOLEUCINE      ? 'C6 H13 N O2'    131.173 
LEU 'L-peptide linking' y LEUCINE         ? 'C6 H13 N O2'    131.173 
LYS 'L-peptide linking' y LYSINE          ? 'C6 H15 N2 O2 1' 147.195 
MET 'L-peptide linking' y METHIONINE      ? 'C5 H11 N O2 S'  149.211 
PHE 'L-peptide linking' y PHENYLALANINE   ? 'C9 H11 N O2'    165.189 
PRO 'L-peptide linking' y PROLINE         ? 'C5 H9 N O2'     115.130 
SER 'L-peptide linking' y SERINE          ? 'C3 H7 N O3'     105.093 
THR 'L-peptide linking' y THREONINE       ? 'C4 H9 N O3'     119.119 
TRP 'L-peptide linking' y TRYPTOPHAN      ? 'C11 H12 N2 O2'  204.225 
TYR 'L-peptide linking' y TYROSINE        ? 'C9 H11 N O3'    181.189 
VAL 'L-peptide linking' y VALINE          ? 'C5 H11 N O2'    117.146 
# 
loop_
_pdbx_poly_seq_scheme.asym_id 
_pdbx_poly_seq_scheme.entity_id 
_pdbx_poly_seq_scheme.seq_id 
_pdbx_poly_seq_scheme.mon_id 
_pdbx_poly_seq_scheme.ndb_seq_num 
_pdbx_poly_seq_scheme.pdb_seq_num 
_pdbx_poly_seq_scheme.auth_seq_num 
_pdbx_poly_seq_scheme.pdb_mon_id 
_pdbx_poly_seq_scheme.auth_mon_id 
_pdbx_poly_seq_scheme.pdb_strand_id 
_pdbx_poly_seq_scheme.pdb_ins_code 
_pdbx_poly_seq_scheme.hetero 
A 1 1   MET 1   1   1   MET MET A . n 
A 1 2   LEU 2   2   2   LEU LEU A . n 
A 1 3   ASP 3   3   3   ASP ASP A . n 
A 1 4   ILE 4   4   4   ILE ILE A . n 
A 1 5   VAL 5   5   5   VAL VAL A . n 
A 1 6   LEU 6   6   6   LEU LEU A . n 
A 1 7   TYR 7   7   7   TYR TYR A . n 
A 1 8   GLU 8   8   8   GLU GLU A . n 
A 1 9   PRO 9   9   9   PRO PRO A . n 
A 1 10  GLU 10  10  10  GLU GLU A . n 
A 1 11  ILE 11  11  11  ILE ILE A . n 
A 1 12  PRO 12  12  12  PRO PRO A . n 
A 1 13  GLN 13  13  13  GLN GLN A . n 
A 1 14  ASN 14  14  14  ASN ASN A . n 
A 1 15  THR 15  15  15  THR THR A . n 
A 1 16  GLY 16  16  16  GLY GLY A . n 
A 1 17  ASN 17  17  17  ASN ASN A . n 
A 1 18  ILE 18  18  18  ILE ILE A . n 
A 1 19  ILE 19  19  19  ILE ILE A . n 
A 1 20  ARG 20  20  20  ARG ARG A . n 
A 1 21  LEU 21  21  21  LEU LEU A . n 
A 1 22  CYS 22  22  22  CYS CYS A . n 
A 1 23  ALA 23  23  23  ALA ALA A . n 
A 1 24  ASN 24  24  24  ASN ASN A . n 
A 1 25  THR 25  25  25  THR THR A . n 
A 1 26  GLY 26  26  26  GLY GLY A . n 
A 1 27  PHE 27  27  27  PHE PHE A . n 
A 1 28  ARG 28  28  28  ARG ARG A . n 
A 1 29  LEU 29  29  29  LEU LEU A . n 
A 1 30  HIS 30  30  30  HIS HIS A . n 
A 1 31  LEU 31  31  31  LEU LEU A . n 
A 1 32  ILE 32  32  32  ILE ILE A . n 
A 1 33  GLU 33  33  33  GLU GLU A . n 
A 1 34  PRO 34  34  34  PRO PRO A . n 
A 1 35  LEU 35  35  35  LEU LEU A . n 
A 1 36  GLY 36  36  36  GLY GLY A . n 
A 1 37  PHE 37  37  37  PHE PHE A . n 
A 1 38  THR 38  38  38  THR THR A . n 
A 1 39  TRP 39  39  39  TRP TRP A . n 
A 1 40  ASP 40  40  40  ASP ASP A . n 
A 1 41  ASP 41  41  41  ASP ASP A . n 
A 1 42  LYS 42  42  42  LYS LYS A . n 
A 1 43  ARG 43  43  43  ARG ARG A . n 
A 1 44  LEU 44  44  44  LEU LEU A . n 
A 1 45  ARG 45  45  45  ARG ARG A . n 
A 1 46  ARG 46  46  46  ARG ARG A . n 
A 1 47  SER 47  47  47  SER SER A . n 
A 1 48  GLY 48  48  48  GLY GLY A . n 
A 1 49  LEU 49  49  49  LEU LEU A . n 
A 1 50  ASP 50  50  50  ASP ASP A . n 
A 1 51  TYR 51  51  51  TYR TYR A . n 
A 1 52  HIS 52  52  52  HIS HIS A . n 
A 1 53  GLU 53  53  53  GLU GLU A . n 
A 1 54  PHE 54  54  54  PHE PHE A . n 
A 1 55  ALA 55  55  55  ALA ALA A . n 
A 1 56  GLU 56  56  56  GLU GLU A . n 
A 1 57  ILE 57  57  57  ILE ILE A . n 
A 1 58  LYS 58  58  58  LYS LYS A . n 
A 1 59  ARG 59  59  59  ARG ARG A . n 
A 1 60  HIS 60  60  60  HIS HIS A . n 
A 1 61  LYS 61  61  61  LYS LYS A . n 
A 1 62  THR 62  62  62  THR THR A . n 
A 1 63  PHE 63  63  63  PHE PHE A . n 
A 1 64  GLU 64  64  64  GLU GLU A . n 
A 1 65  ALA 65  65  65  ALA ALA A . n 
A 1 66  PHE 66  66  66  PHE PHE A . n 
A 1 67  LEU 67  67  67  LEU LEU A . n 
A 1 68  GLU 68  68  68  GLU GLU A . n 
A 1 69  SER 69  69  69  SER SER A . n 
A 1 70  GLU 70  70  70  GLU GLU A . n 
A 1 71  LYS 71  71  71  LYS LYS A . n 
A 1 72  PRO 72  72  72  PRO PRO A . n 
A 1 73  LYS 73  73  73  LYS LYS A . n 
A 1 74  ARG 74  74  74  ARG ARG A . n 
A 1 75  LEU 75  75  75  LEU LEU A . n 
A 1 76  PHE 76  76  76  PHE PHE A . n 
A 1 77  ALA 77  77  77  ALA ALA A . n 
A 1 78  LEU 78  78  78  LEU LEU A . n 
A 1 79  THR 79  79  79  THR THR A . n 
A 1 80  THR 80  80  80  THR THR A . n 
A 1 81  LYS 81  81  81  LYS LYS A . n 
A 1 82  GLY 82  82  82  GLY GLY A . n 
A 1 83  CYS 83  83  83  CYS CYS A . n 
A 1 84  PRO 84  84  84  PRO PRO A . n 
A 1 85  ALA 85  85  85  ALA ALA A . n 
A 1 86  HIS 86  86  86  HIS HIS A . n 
A 1 87  SER 87  87  87  SER SER A . n 
A 1 88  GLN 88  88  88  GLN GLN A . n 
A 1 89  VAL 89  89  89  VAL VAL A . n 
A 1 90  LYS 90  90  90  LYS LYS A . n 
A 1 91  PHE 91  91  91  PHE PHE A . n 
A 1 92  LYS 92  92  92  LYS LYS A . n 
A 1 93  LEU 93  93  93  LEU LEU A . n 
A 1 94  GLY 94  94  94  GLY GLY A . n 
A 1 95  ASP 95  95  95  ASP ASP A . n 
A 1 96  TYR 96  96  96  TYR TYR A . n 
A 1 97  LEU 97  97  97  LEU LEU A . n 
A 1 98  MET 98  98  98  MET MET A . n 
A 1 99  PHE 99  99  99  PHE PHE A . n 
A 1 100 GLY 100 100 100 GLY GLY A . n 
A 1 101 PRO 101 101 101 PRO PRO A . n 
A 1 102 GLU 102 102 102 GLU GLU A . n 
A 1 103 THR 103 103 103 THR THR A . n 
A 1 104 ARG 104 104 104 ARG ARG A . n 
A 1 105 GLY 105 105 105 GLY GLY A . n 
A 1 106 ILE 106 106 106 ILE ILE A . n 
A 1 107 PRO 107 107 107 PRO PRO A . n 
A 1 108 MET 108 108 108 MET MET A . n 
A 1 109 SER 109 109 109 SER SER A . n 
A 1 110 ILE 110 110 110 ILE ILE A . n 
A 1 111 LEU 111 111 111 LEU LEU A . n 
A 1 112 ASN 112 112 112 ASN ASN A . n 
A 1 113 GLU 113 113 113 GLU GLU A . n 
A 1 114 MET 114 114 114 MET MET A . n 
A 1 115 PRO 115 115 115 PRO PRO A . n 
A 1 116 MET 116 116 116 MET MET A . n 
A 1 117 GLU 117 117 117 GLU GLU A . n 
A 1 118 GLN 118 118 118 GLN GLN A . n 
A 1 119 LYS 119 119 119 LYS LYS A . n 
A 1 120 ILE 120 120 120 ILE ILE A . n 
A 1 121 ARG 121 121 121 ARG ARG A . n 
A 1 122 ILE 122 122 122 ILE ILE A . n 
A 1 123 PRO 123 123 123 PRO PRO A . n 
A 1 124 MET 124 124 124 MET MET A . n 
A 1 125 THR 125 125 125 THR THR A . n 
A 1 126 ALA 126 126 126 ALA ALA A . n 
A 1 127 ASN 127 127 127 ASN ASN A . n 
A 1 128 SER 128 128 128 SER SER A . n 
A 1 129 ARG 129 129 129 ARG ARG A . n 
A 1 130 SER 130 130 130 SER SER A . n 
A 1 131 MET 131 131 131 MET MET A . n 
A 1 132 ASN 132 132 132 ASN ASN A . n 
A 1 133 LEU 133 133 133 LEU LEU A . n 
A 1 134 SER 134 134 134 SER SER A . n 
A 1 135 ASN 135 135 135 ASN ASN A . n 
A 1 136 SER 136 136 136 SER SER A . n 
A 1 137 VAL 137 137 137 VAL VAL A . n 
A 1 138 ALA 138 138 138 ALA ALA A . n 
A 1 139 VAL 139 139 139 VAL VAL A . n 
A 1 140 THR 140 140 140 THR THR A . n 
A 1 141 VAL 141 141 141 VAL VAL A . n 
A 1 142 TYR 142 142 142 TYR TYR A . n 
A 1 143 GLU 143 143 143 GLU GLU A . n 
A 1 144 ALA 144 144 144 ALA ALA A . n 
A 1 145 TRP 145 145 145 TRP TRP A . n 
A 1 146 ARG 146 146 146 ARG ARG A . n 
A 1 147 GLN 147 147 147 GLN GLN A . n 
A 1 148 LEU 148 148 148 LEU LEU A . n 
A 1 149 GLY 149 149 149 GLY GLY A . n 
A 1 150 TYR 150 150 150 TYR TYR A . n 
A 1 151 LYS 151 151 151 LYS LYS A . n 
A 1 152 GLY 152 152 152 GLY GLY A . n 
A 1 153 ALA 153 153 153 ALA ALA A . n 
A 1 154 VAL 154 154 154 VAL VAL A . n 
A 1 155 ASN 155 155 155 ASN ASN A . n 
A 1 156 LEU 156 156 156 LEU LEU A . n 
A 1 157 PRO 157 157 ?   ?   ?   A . n 
A 1 158 GLU 158 158 ?   ?   ?   A . n 
A 1 159 VAL 159 159 ?   ?   ?   A . n 
A 1 160 LYS 160 160 ?   ?   ?   A . n 
# 
loop_
_pdbx_nonpoly_scheme.asym_id 
_pdbx_nonpoly_scheme.entity_id 
_pdbx_nonpoly_scheme.mon_id 
_pdbx_nonpoly_scheme.ndb_seq_num 
_pdbx_nonpoly_scheme.pdb_seq_num 
_pdbx_nonpoly_scheme.auth_seq_num 
_pdbx_nonpoly_scheme.pdb_mon_id 
_pdbx_nonpoly_scheme.auth_mon_id 
_pdbx_nonpoly_scheme.pdb_strand_id 
_pdbx_nonpoly_scheme.pdb_ins_code 
B 2 HOH 1   201 201 HOH HOH A . 
B 2 HOH 2   202 202 HOH HOH A . 
B 2 HOH 3   203 203 HOH HOH A . 
B 2 HOH 4   204 204 HOH HOH A . 
B 2 HOH 5   205 205 HOH HOH A . 
B 2 HOH 6   206 206 HOH HOH A . 
B 2 HOH 7   207 207 HOH HOH A . 
B 2 HOH 8   208 208 HOH HOH A . 
B 2 HOH 9   209 209 HOH HOH A . 
B 2 HOH 10  210 210 HOH HOH A . 
B 2 HOH 11  211 211 HOH HOH A . 
B 2 HOH 12  212 212 HOH HOH A . 
B 2 HOH 13  213 213 HOH HOH A . 
B 2 HOH 14  214 214 HOH HOH A . 
B 2 HOH 15  215 215 HOH HOH A . 
B 2 HOH 16  216 216 HOH HOH A . 
B 2 HOH 17  217 217 HOH HOH A . 
B 2 HOH 18  218 218 HOH HOH A . 
B 2 HOH 19  219 219 HOH HOH A . 
B 2 HOH 20  220 220 HOH HOH A . 
B 2 HOH 21  221 221 HOH HOH A . 
B 2 HOH 22  222 222 HOH HOH A . 
B 2 HOH 23  223 223 HOH HOH A . 
B 2 HOH 24  224 224 HOH HOH A . 
B 2 HOH 25  225 225 HOH HOH A . 
B 2 HOH 26  226 226 HOH HOH A . 
B 2 HOH 27  227 227 HOH HOH A . 
B 2 HOH 28  228 228 HOH HOH A . 
B 2 HOH 29  229 229 HOH HOH A . 
B 2 HOH 30  230 230 HOH HOH A . 
B 2 HOH 31  231 231 HOH HOH A . 
B 2 HOH 32  232 232 HOH HOH A . 
B 2 HOH 33  233 233 HOH HOH A . 
B 2 HOH 34  234 234 HOH HOH A . 
B 2 HOH 35  235 235 HOH HOH A . 
B 2 HOH 36  236 236 HOH HOH A . 
B 2 HOH 37  237 237 HOH HOH A . 
B 2 HOH 38  238 238 HOH HOH A . 
B 2 HOH 39  239 239 HOH HOH A . 
B 2 HOH 40  240 240 HOH HOH A . 
B 2 HOH 41  241 241 HOH HOH A . 
B 2 HOH 42  242 242 HOH HOH A . 
B 2 HOH 43  243 243 HOH HOH A . 
B 2 HOH 44  244 244 HOH HOH A . 
B 2 HOH 45  245 245 HOH HOH A . 
B 2 HOH 46  246 246 HOH HOH A . 
B 2 HOH 47  247 247 HOH HOH A . 
B 2 HOH 48  248 248 HOH HOH A . 
B 2 HOH 49  249 249 HOH HOH A . 
B 2 HOH 50  250 250 HOH HOH A . 
B 2 HOH 51  251 251 HOH HOH A . 
B 2 HOH 52  252 252 HOH HOH A . 
B 2 HOH 53  253 253 HOH HOH A . 
B 2 HOH 54  254 254 HOH HOH A . 
B 2 HOH 55  255 255 HOH HOH A . 
B 2 HOH 56  256 256 HOH HOH A . 
B 2 HOH 57  257 257 HOH HOH A . 
B 2 HOH 58  258 258 HOH HOH A . 
B 2 HOH 59  259 259 HOH HOH A . 
B 2 HOH 60  260 260 HOH HOH A . 
B 2 HOH 61  261 261 HOH HOH A . 
B 2 HOH 62  262 262 HOH HOH A . 
B 2 HOH 63  263 263 HOH HOH A . 
B 2 HOH 64  264 264 HOH HOH A . 
B 2 HOH 65  265 265 HOH HOH A . 
B 2 HOH 66  266 266 HOH HOH A . 
B 2 HOH 67  267 267 HOH HOH A . 
B 2 HOH 68  268 268 HOH HOH A . 
B 2 HOH 69  269 269 HOH HOH A . 
B 2 HOH 70  270 270 HOH HOH A . 
B 2 HOH 71  271 271 HOH HOH A . 
B 2 HOH 72  272 272 HOH HOH A . 
B 2 HOH 73  273 273 HOH HOH A . 
B 2 HOH 74  274 274 HOH HOH A . 
B 2 HOH 75  275 275 HOH HOH A . 
B 2 HOH 76  276 276 HOH HOH A . 
B 2 HOH 77  277 277 HOH HOH A . 
B 2 HOH 78  278 278 HOH HOH A . 
B 2 HOH 79  279 279 HOH HOH A . 
B 2 HOH 80  280 280 HOH HOH A . 
B 2 HOH 81  281 281 HOH HOH A . 
B 2 HOH 82  282 282 HOH HOH A . 
B 2 HOH 83  283 283 HOH HOH A . 
B 2 HOH 84  284 284 HOH HOH A . 
B 2 HOH 85  285 285 HOH HOH A . 
B 2 HOH 86  286 286 HOH HOH A . 
B 2 HOH 87  287 287 HOH HOH A . 
B 2 HOH 88  288 288 HOH HOH A . 
B 2 HOH 89  289 289 HOH HOH A . 
B 2 HOH 90  290 290 HOH HOH A . 
B 2 HOH 91  291 291 HOH HOH A . 
B 2 HOH 92  292 292 HOH HOH A . 
B 2 HOH 93  293 293 HOH HOH A . 
B 2 HOH 94  294 294 HOH HOH A . 
B 2 HOH 95  295 295 HOH HOH A . 
B 2 HOH 96  296 296 HOH HOH A . 
B 2 HOH 97  297 297 HOH HOH A . 
B 2 HOH 98  298 298 HOH HOH A . 
B 2 HOH 99  299 299 HOH HOH A . 
B 2 HOH 100 300 300 HOH HOH A . 
B 2 HOH 101 301 301 HOH HOH A . 
B 2 HOH 102 302 302 HOH HOH A . 
B 2 HOH 103 303 303 HOH HOH A . 
B 2 HOH 104 304 304 HOH HOH A . 
B 2 HOH 105 305 305 HOH HOH A . 
B 2 HOH 106 306 306 HOH HOH A . 
B 2 HOH 107 307 307 HOH HOH A . 
B 2 HOH 108 308 308 HOH HOH A . 
B 2 HOH 109 309 309 HOH HOH A . 
B 2 HOH 110 310 310 HOH HOH A . 
B 2 HOH 111 311 311 HOH HOH A . 
B 2 HOH 112 312 312 HOH HOH A . 
B 2 HOH 113 313 313 HOH HOH A . 
B 2 HOH 114 314 314 HOH HOH A . 
B 2 HOH 115 315 315 HOH HOH A . 
B 2 HOH 116 316 316 HOH HOH A . 
B 2 HOH 117 317 317 HOH HOH A . 
B 2 HOH 118 318 318 HOH HOH A . 
B 2 HOH 119 319 319 HOH HOH A . 
B 2 HOH 120 320 320 HOH HOH A . 
B 2 HOH 121 321 321 HOH HOH A . 
B 2 HOH 122 322 322 HOH HOH A . 
B 2 HOH 123 323 323 HOH HOH A . 
B 2 HOH 124 324 324 HOH HOH A . 
# 
loop_
_software.name 
_software.classification 
_software.version 
_software.citation_id 
_software.pdbx_ordinal 
DENZO     'data reduction' . ? 1 
SCALEPACK 'data scaling'   . ? 2 
SOLVE     phasing          . ? 3 
MLPHARE   phasing          . ? 4 
DM        'model building' . ? 5 
CNS       refinement       . ? 6 
DM        phasing          . ? 7 
# 
_cell.entry_id           1J85 
_cell.length_a           40.37 
_cell.length_b           40.37 
_cell.length_c           165.82 
_cell.angle_alpha        90.0 
_cell.angle_beta         90.0 
_cell.angle_gamma        90.0 
_cell.Z_PDB              8 
_cell.pdbx_unique_axis   ? 
# 
_symmetry.entry_id                         1J85 
_symmetry.space_group_name_H-M             'P 41 21 2' 
_symmetry.pdbx_full_space_group_name_H-M   ? 
_symmetry.cell_setting                     ? 
_symmetry.Int_Tables_number                92 
# 
_exptl.entry_id          1J85 
_exptl.method            'X-RAY DIFFRACTION' 
_exptl.crystals_number   1 
# 
_exptl_crystal.id                    1 
_exptl_crystal.density_meas          ? 
_exptl_crystal.density_Matthews      1.83 
_exptl_crystal.density_percent_sol   32.87 
_exptl_crystal.description           ? 
# 
_exptl_crystal_grow.crystal_id      1 
_exptl_crystal_grow.method          'VAPOR DIFFUSION, HANGING DROP' 
_exptl_crystal_grow.temp            295 
_exptl_crystal_grow.temp_details    ? 
_exptl_crystal_grow.pH              4.6 
_exptl_crystal_grow.pdbx_details    
;protein solution (12.5 mg/ml) in 50mM Tris-HCl pH7.5, 0.1mM EDTA, 0.1mM DTT; crystallization condition - 20 % polyethylene glycol monomethylether 2000, 0.1 M Na Acetate, 0.2 M Ammonium acetate, 3 % ethylene glycol, pH 4.6, VAPOR DIFFUSION, HANGING DROP, temperature 295K
;
_exptl_crystal_grow.pdbx_pH_range   . 
# 
_diffrn.id                     1 
_diffrn.ambient_temp           100 
_diffrn.ambient_temp_details   ? 
_diffrn.crystal_id             1 
# 
_diffrn_detector.diffrn_id              1 
_diffrn_detector.detector               CCD 
_diffrn_detector.type                   MARRESEARCH 
_diffrn_detector.pdbx_collection_date   2000-01-27 
_diffrn_detector.details                ? 
# 
_diffrn_radiation.diffrn_id                        1 
_diffrn_radiation.wavelength_id                    1 
_diffrn_radiation.pdbx_monochromatic_or_laue_m_l   M 
_diffrn_radiation.monochromator                    ? 
_diffrn_radiation.pdbx_diffrn_protocol             'SINGLE WAVELENGTH' 
_diffrn_radiation.pdbx_scattering_type             x-ray 
# 
_diffrn_radiation_wavelength.id           1 
_diffrn_radiation_wavelength.wavelength   1.0 
_diffrn_radiation_wavelength.wt           1.0 
# 
_diffrn_source.diffrn_id                   1 
_diffrn_source.source                      SYNCHROTRON 
_diffrn_source.type                        'APS BEAMLINE 17-ID' 
_diffrn_source.pdbx_synchrotron_site       APS 
_diffrn_source.pdbx_synchrotron_beamline   17-ID 
_diffrn_source.pdbx_wavelength             ? 
_diffrn_source.pdbx_wavelength_list        1.0 
# 
_reflns.entry_id                     1J85 
_reflns.observed_criterion_sigma_I   0 
_reflns.observed_criterion_sigma_F   0 
_reflns.d_resolution_low             50 
_reflns.d_resolution_high            2 
_reflns.number_obs                   9754 
_reflns.number_all                   9754 
_reflns.percent_possible_obs         98.1 
_reflns.pdbx_Rmerge_I_obs            0.058 
_reflns.pdbx_Rsym_value              ? 
_reflns.pdbx_netI_over_sigmaI        14.0 
_reflns.B_iso_Wilson_estimate        21 
_reflns.pdbx_redundancy              10.9 
_reflns.R_free_details               ? 
_reflns.limit_h_max                  ? 
_reflns.limit_h_min                  ? 
_reflns.limit_k_max                  ? 
_reflns.limit_k_min                  ? 
_reflns.limit_l_max                  ? 
_reflns.limit_l_min                  ? 
_reflns.observed_criterion_F_max     ? 
_reflns.observed_criterion_F_min     ? 
_reflns.pdbx_ordinal                 1 
_reflns.pdbx_diffrn_id               1 
# 
_reflns_shell.d_res_high             2.0 
_reflns_shell.d_res_low              2.09 
_reflns_shell.percent_possible_all   99.8 
_reflns_shell.Rmerge_I_obs           0.134 
_reflns_shell.pdbx_Rsym_value        0.134 
_reflns_shell.meanI_over_sigI_obs    ? 
_reflns_shell.pdbx_redundancy        8.7 
_reflns_shell.percent_possible_obs   ? 
_reflns_shell.number_unique_all      1190 
_reflns_shell.pdbx_ordinal           1 
_reflns_shell.pdbx_diffrn_id         1 
# 
_refine.entry_id                                 1J85 
_refine.ls_number_reflns_obs                     9326 
_refine.ls_number_reflns_all                     9558 
_refine.pdbx_ls_sigma_I                          ? 
_refine.pdbx_ls_sigma_F                          2 
_refine.pdbx_data_cutoff_high_absF               ? 
_refine.pdbx_data_cutoff_low_absF                ? 
_refine.ls_d_res_low                             20.0 
_refine.ls_d_res_high                            2.0 
_refine.ls_percent_reflns_obs                    ? 
_refine.ls_R_factor_obs                          ? 
_refine.ls_R_factor_all                          ? 
_refine.ls_R_factor_R_work                       0.195 
_refine.ls_R_factor_R_free                       0.263 
_refine.ls_R_factor_R_free_error                 ? 
_refine.ls_R_factor_R_free_error_details         ? 
_refine.ls_percent_reflns_R_free                 11.1 
_refine.ls_number_reflns_R_free                  1036 
_refine.ls_number_parameters                     ? 
_refine.ls_number_restraints                     ? 
_refine.occupancy_min                            ? 
_refine.occupancy_max                            ? 
_refine.B_iso_mean                               30 
_refine.aniso_B[1][1]                            ? 
_refine.aniso_B[2][2]                            ? 
_refine.aniso_B[3][3]                            ? 
_refine.aniso_B[1][2]                            ? 
_refine.aniso_B[1][3]                            ? 
_refine.aniso_B[2][3]                            ? 
_refine.solvent_model_details                    ? 
_refine.solvent_model_param_ksol                 ? 
_refine.solvent_model_param_bsol                 ? 
_refine.pdbx_ls_cross_valid_method               THROUGHOUT 
_refine.details                                  ? 
_refine.pdbx_starting_model                      ? 
_refine.pdbx_method_to_determine_struct          MIR 
_refine.pdbx_isotropic_thermal_model             ? 
_refine.pdbx_stereochemistry_target_values       'Engh & Huber' 
_refine.pdbx_stereochem_target_val_spec_case     ? 
_refine.pdbx_R_Free_selection_details            random 
_refine.pdbx_overall_ESU_R_Free                  ? 
_refine.overall_SU_B                             ? 
_refine.ls_redundancy_reflns_obs                 ? 
_refine.B_iso_min                                ? 
_refine.B_iso_max                                ? 
_refine.correlation_coeff_Fo_to_Fc               ? 
_refine.overall_SU_R_Cruickshank_DPI             ? 
_refine.overall_SU_R_free                        ? 
_refine.overall_SU_ML                            ? 
_refine.pdbx_overall_ESU_R                       ? 
_refine.pdbx_data_cutoff_high_rms_absF           ? 
_refine.correlation_coeff_Fo_to_Fc_free          ? 
_refine.pdbx_solvent_vdw_probe_radii             ? 
_refine.pdbx_solvent_ion_probe_radii             ? 
_refine.pdbx_solvent_shrinkage_radii             ? 
_refine.pdbx_refine_id                           'X-RAY DIFFRACTION' 
_refine.pdbx_diffrn_id                           1 
_refine.pdbx_TLS_residual_ADP_flag               ? 
_refine.pdbx_overall_phase_error                 ? 
_refine.pdbx_overall_SU_R_free_Cruickshank_DPI   ? 
_refine.pdbx_overall_SU_R_Blow_DPI               ? 
_refine.pdbx_overall_SU_R_free_Blow_DPI          ? 
# 
_refine_hist.pdbx_refine_id                   'X-RAY DIFFRACTION' 
_refine_hist.cycle_id                         LAST 
_refine_hist.pdbx_number_atoms_protein        1260 
_refine_hist.pdbx_number_atoms_nucleic_acid   0 
_refine_hist.pdbx_number_atoms_ligand         0 
_refine_hist.number_atoms_solvent             124 
_refine_hist.number_atoms_total               1384 
_refine_hist.d_res_high                       2.0 
_refine_hist.d_res_low                        20.0 
# 
loop_
_refine_ls_restr.type 
_refine_ls_restr.dev_ideal 
_refine_ls_restr.dev_ideal_target 
_refine_ls_restr.weight 
_refine_ls_restr.number 
_refine_ls_restr.pdbx_refine_id 
_refine_ls_restr.pdbx_restraint_function 
c_bond_d    0.018 ? ? ? 'X-RAY DIFFRACTION' ? 
c_angle_deg 1.9   ? ? ? 'X-RAY DIFFRACTION' ? 
# 
_refine_ls_shell.pdbx_total_number_of_bins_used   ? 
_refine_ls_shell.d_res_high                       2.0 
_refine_ls_shell.d_res_low                        2.07 
_refine_ls_shell.number_reflns_R_work             ? 
_refine_ls_shell.R_factor_R_work                  0.234 
_refine_ls_shell.percent_reflns_obs               94.6 
_refine_ls_shell.R_factor_R_free                  0.323 
_refine_ls_shell.R_factor_R_free_error            ? 
_refine_ls_shell.percent_reflns_R_free            ? 
_refine_ls_shell.number_reflns_R_free             ? 
_refine_ls_shell.number_reflns_obs                ? 
_refine_ls_shell.redundancy_reflns_obs            ? 
_refine_ls_shell.number_reflns_all                ? 
_refine_ls_shell.pdbx_refine_id                   'X-RAY DIFFRACTION' 
_refine_ls_shell.R_factor_all                     ? 
# 
_struct.entry_id                  1J85 
_struct.title                     
;Structure of YibK from Haemophilus influenzae (HI0766), a truncated sequence homolog of tRNA (guanosine-2'-O-) methyltransferase (SpoU)
;
_struct.pdbx_model_details        ? 
_struct.pdbx_CASP_flag            ? 
_struct.pdbx_model_type_details   ? 
# 
_struct_keywords.entry_id        1J85 
_struct_keywords.pdbx_keywords   TRANSFERASE 
_struct_keywords.text            
'methyltransferase, structural genomics, hypothetical protein, Structure 2 Function Project, S2F, TRANSFERASE' 
# 
loop_
_struct_asym.id 
_struct_asym.pdbx_blank_PDB_chainid_flag 
_struct_asym.pdbx_modified 
_struct_asym.entity_id 
_struct_asym.details 
A N N 1 ? 
B N N 2 ? 
# 
_struct_ref.id                         1 
_struct_ref.db_name                    UNP 
_struct_ref.db_code                    Y766_HAEIN 
_struct_ref.entity_id                  1 
_struct_ref.pdbx_seq_one_letter_code   
;MLDIVLYEPEIPQNTGNIIRLCANTGFRLHLIEPLGFTWDDKRLRRSGLDYHEFAEIKRHKTFEAFLESEKPKRLFALTT
KGCPAHSQVKFKLGDYLMFGPETRGIPMSILNEMPMEQKIRIPMTANSRSMNLSNSVAVTVYEAWRQLGYKGAVNLPEVK

;
_struct_ref.pdbx_align_begin           1 
_struct_ref.pdbx_db_accession          P44868 
_struct_ref.pdbx_db_isoform            ? 
# 
_struct_ref_seq.align_id                      1 
_struct_ref_seq.ref_id                        1 
_struct_ref_seq.pdbx_PDB_id_code              1J85 
_struct_ref_seq.pdbx_strand_id                A 
_struct_ref_seq.seq_align_beg                 1 
_struct_ref_seq.pdbx_seq_align_beg_ins_code   ? 
_struct_ref_seq.seq_align_end                 160 
_struct_ref_seq.pdbx_seq_align_end_ins_code   ? 
_struct_ref_seq.pdbx_db_accession             P44868 
_struct_ref_seq.db_align_beg                  1 
_struct_ref_seq.pdbx_db_align_beg_ins_code    ? 
_struct_ref_seq.db_align_end                  160 
_struct_ref_seq.pdbx_db_align_end_ins_code    ? 
_struct_ref_seq.pdbx_auth_seq_align_beg       1 
_struct_ref_seq.pdbx_auth_seq_align_end       160 
# 
_pdbx_struct_assembly.id                   1 
_pdbx_struct_assembly.details              author_and_software_defined_assembly 
_pdbx_struct_assembly.method_details       PISA,PQS 
_pdbx_struct_assembly.oligomeric_details   dimeric 
_pdbx_struct_assembly.oligomeric_count     2 
# 
loop_
_pdbx_struct_assembly_prop.biol_id 
_pdbx_struct_assembly_prop.type 
_pdbx_struct_assembly_prop.value 
_pdbx_struct_assembly_prop.details 
1 'ABSA (A^2)' 3190  ? 
1 MORE         -10   ? 
1 'SSA (A^2)'  14380 ? 
# 
_pdbx_struct_assembly_gen.assembly_id       1 
_pdbx_struct_assembly_gen.oper_expression   1,2 
_pdbx_struct_assembly_gen.asym_id_list      A,B 
# 
loop_
_pdbx_struct_oper_list.id 
_pdbx_struct_oper_list.type 
_pdbx_struct_oper_list.name 
_pdbx_struct_oper_list.symmetry_operation 
_pdbx_struct_oper_list.matrix[1][1] 
_pdbx_struct_oper_list.matrix[1][2] 
_pdbx_struct_oper_list.matrix[1][3] 
_pdbx_struct_oper_list.vector[1] 
_pdbx_struct_oper_list.matrix[2][1] 
_pdbx_struct_oper_list.matrix[2][2] 
_pdbx_struct_oper_list.matrix[2][3] 
_pdbx_struct_oper_list.vector[2] 
_pdbx_struct_oper_list.matrix[3][1] 
_pdbx_struct_oper_list.matrix[3][2] 
_pdbx_struct_oper_list.matrix[3][3] 
_pdbx_struct_oper_list.vector[3] 
1 'identity operation'         1_555 x,y,z  1.0000000000  0.0000000000 0.0000000000  0.0000000000  0.0000000000 1.0000000000  0.0000000000  0.0000000000 0.0000000000  0.0000000000  1.0000000000 0.0000000000 
2 'crystal symmetry operation' 7_555 y,x,-z -0.6954543447 0.1930745712 -0.6921455515 21.1564289607 0.1930745712 -0.8775953970 -0.4388035199 1.6116473299 -0.6921455515 -0.4388035199 0.5730497417 9.7584483855 
# 
_struct_biol.id   1 
# 
loop_
_struct_conf.conf_type_id 
_struct_conf.id 
_struct_conf.pdbx_PDB_helix_id 
_struct_conf.beg_label_comp_id 
_struct_conf.beg_label_asym_id 
_struct_conf.beg_label_seq_id 
_struct_conf.pdbx_beg_PDB_ins_code 
_struct_conf.end_label_comp_id 
_struct_conf.end_label_asym_id 
_struct_conf.end_label_seq_id 
_struct_conf.pdbx_end_PDB_ins_code 
_struct_conf.beg_auth_comp_id 
_struct_conf.beg_auth_asym_id 
_struct_conf.beg_auth_seq_id 
_struct_conf.end_auth_comp_id 
_struct_conf.end_auth_asym_id 
_struct_conf.end_auth_seq_id 
_struct_conf.pdbx_PDB_helix_class 
_struct_conf.details 
_struct_conf.pdbx_PDB_helix_length 
HELX_P HELX_P1 1 ILE A 11  ? GLY A 26  ? ILE A 11  GLY A 26  1 ? 16 
HELX_P HELX_P2 2 ASP A 41  ? ARG A 46  ? ASP A 41  ARG A 46  1 ? 6  
HELX_P HELX_P3 3 ASP A 50  ? PHE A 54  ? ASP A 50  PHE A 54  5 ? 5  
HELX_P HELX_P4 4 THR A 62  ? LYS A 71  ? THR A 62  LYS A 71  1 ? 10 
HELX_P HELX_P5 5 PRO A 107 ? ASN A 112 ? PRO A 107 ASN A 112 1 ? 6  
HELX_P HELX_P6 6 GLU A 113 ? MET A 114 ? GLU A 113 MET A 114 5 ? 2  
HELX_P HELX_P7 7 PRO A 115 ? GLU A 117 ? PRO A 115 GLU A 117 5 ? 3  
HELX_P HELX_P8 8 ASN A 132 ? LEU A 148 ? ASN A 132 LEU A 148 1 ? 17 
# 
_struct_conf_type.id          HELX_P 
_struct_conf_type.criteria    ? 
_struct_conf_type.reference   ? 
# 
_struct_mon_prot_cis.pdbx_id                1 
_struct_mon_prot_cis.label_comp_id          GLU 
_struct_mon_prot_cis.label_seq_id           33 
_struct_mon_prot_cis.label_asym_id          A 
_struct_mon_prot_cis.label_alt_id           . 
_struct_mon_prot_cis.pdbx_PDB_ins_code      ? 
_struct_mon_prot_cis.auth_comp_id           GLU 
_struct_mon_prot_cis.auth_seq_id            33 
_struct_mon_prot_cis.auth_asym_id           A 
_struct_mon_prot_cis.pdbx_label_comp_id_2   PRO 
_struct_mon_prot_cis.pdbx_label_seq_id_2    34 
_struct_mon_prot_cis.pdbx_label_asym_id_2   A 
_struct_mon_prot_cis.pdbx_PDB_ins_code_2    ? 
_struct_mon_prot_cis.pdbx_auth_comp_id_2    PRO 
_struct_mon_prot_cis.pdbx_auth_seq_id_2     34 
_struct_mon_prot_cis.pdbx_auth_asym_id_2    A 
_struct_mon_prot_cis.pdbx_PDB_model_num     1 
_struct_mon_prot_cis.pdbx_omega_angle       -0.45 
# 
_struct_sheet.id               A 
_struct_sheet.type             ? 
_struct_sheet.number_strands   6 
_struct_sheet.details          ? 
# 
loop_
_struct_sheet_order.sheet_id 
_struct_sheet_order.range_id_1 
_struct_sheet_order.range_id_2 
_struct_sheet_order.offset 
_struct_sheet_order.sense 
A 1 2 ? parallel 
A 2 3 ? parallel 
A 3 4 ? parallel 
A 4 5 ? parallel 
A 5 6 ? parallel 
# 
loop_
_struct_sheet_range.sheet_id 
_struct_sheet_range.id 
_struct_sheet_range.beg_label_comp_id 
_struct_sheet_range.beg_label_asym_id 
_struct_sheet_range.beg_label_seq_id 
_struct_sheet_range.pdbx_beg_PDB_ins_code 
_struct_sheet_range.end_label_comp_id 
_struct_sheet_range.end_label_asym_id 
_struct_sheet_range.end_label_seq_id 
_struct_sheet_range.pdbx_end_PDB_ins_code 
_struct_sheet_range.beg_auth_comp_id 
_struct_sheet_range.beg_auth_asym_id 
_struct_sheet_range.beg_auth_seq_id 
_struct_sheet_range.end_auth_comp_id 
_struct_sheet_range.end_auth_asym_id 
_struct_sheet_range.end_auth_seq_id 
A 1 LYS A 58  ? HIS A 60  ? LYS A 58  HIS A 60  
A 2 ARG A 28  ? ILE A 32  ? ARG A 28  ILE A 32  
A 3 ASP A 3   ? TYR A 7   ? ASP A 3   TYR A 7   
A 4 ASP A 95  ? PHE A 99  ? ASP A 95  PHE A 99  
A 5 ARG A 74  ? LEU A 78  ? ARG A 74  LEU A 78  
A 6 LYS A 119 ? ILE A 120 ? LYS A 119 ILE A 120 
# 
loop_
_pdbx_struct_sheet_hbond.sheet_id 
_pdbx_struct_sheet_hbond.range_id_1 
_pdbx_struct_sheet_hbond.range_id_2 
_pdbx_struct_sheet_hbond.range_1_label_atom_id 
_pdbx_struct_sheet_hbond.range_1_label_comp_id 
_pdbx_struct_sheet_hbond.range_1_label_asym_id 
_pdbx_struct_sheet_hbond.range_1_label_seq_id 
_pdbx_struct_sheet_hbond.range_1_PDB_ins_code 
_pdbx_struct_sheet_hbond.range_1_auth_atom_id 
_pdbx_struct_sheet_hbond.range_1_auth_comp_id 
_pdbx_struct_sheet_hbond.range_1_auth_asym_id 
_pdbx_struct_sheet_hbond.range_1_auth_seq_id 
_pdbx_struct_sheet_hbond.range_2_label_atom_id 
_pdbx_struct_sheet_hbond.range_2_label_comp_id 
_pdbx_struct_sheet_hbond.range_2_label_asym_id 
_pdbx_struct_sheet_hbond.range_2_label_seq_id 
_pdbx_struct_sheet_hbond.range_2_PDB_ins_code 
_pdbx_struct_sheet_hbond.range_2_auth_atom_id 
_pdbx_struct_sheet_hbond.range_2_auth_comp_id 
_pdbx_struct_sheet_hbond.range_2_auth_asym_id 
_pdbx_struct_sheet_hbond.range_2_auth_seq_id 
A 1 2 N LYS A 58 ? N LYS A 58 O LEU A 29  ? O LEU A 29  
A 2 3 N HIS A 30 ? N HIS A 30 O ILE A 4   ? O ILE A 4   
A 3 4 N ASP A 3  ? N ASP A 3  O ASP A 95  ? O ASP A 95  
A 4 5 N TYR A 96 ? N TYR A 96 O ARG A 74  ? O ARG A 74  
A 5 6 O ALA A 77 ? O ALA A 77 N ILE A 120 ? N ILE A 120 
# 
_pdbx_validate_rmsd_angle.id                         1 
_pdbx_validate_rmsd_angle.PDB_model_num              1 
_pdbx_validate_rmsd_angle.auth_atom_id_1             N 
_pdbx_validate_rmsd_angle.auth_asym_id_1             A 
_pdbx_validate_rmsd_angle.auth_comp_id_1             GLU 
_pdbx_validate_rmsd_angle.auth_seq_id_1              56 
_pdbx_validate_rmsd_angle.PDB_ins_code_1             ? 
_pdbx_validate_rmsd_angle.label_alt_id_1             ? 
_pdbx_validate_rmsd_angle.auth_atom_id_2             CA 
_pdbx_validate_rmsd_angle.auth_asym_id_2             A 
_pdbx_validate_rmsd_angle.auth_comp_id_2             GLU 
_pdbx_validate_rmsd_angle.auth_seq_id_2              56 
_pdbx_validate_rmsd_angle.PDB_ins_code_2             ? 
_pdbx_validate_rmsd_angle.label_alt_id_2             ? 
_pdbx_validate_rmsd_angle.auth_atom_id_3             C 
_pdbx_validate_rmsd_angle.auth_asym_id_3             A 
_pdbx_validate_rmsd_angle.auth_comp_id_3             GLU 
_pdbx_validate_rmsd_angle.auth_seq_id_3              56 
_pdbx_validate_rmsd_angle.PDB_ins_code_3             ? 
_pdbx_validate_rmsd_angle.label_alt_id_3             ? 
_pdbx_validate_rmsd_angle.angle_value                94.21 
_pdbx_validate_rmsd_angle.angle_target_value         111.00 
_pdbx_validate_rmsd_angle.angle_deviation            -16.79 
_pdbx_validate_rmsd_angle.angle_standard_deviation   2.70 
_pdbx_validate_rmsd_angle.linker_flag                N 
# 
loop_
_pdbx_validate_torsion.id 
_pdbx_validate_torsion.PDB_model_num 
_pdbx_validate_torsion.auth_comp_id 
_pdbx_validate_torsion.auth_asym_id 
_pdbx_validate_torsion.auth_seq_id 
_pdbx_validate_torsion.PDB_ins_code 
_pdbx_validate_torsion.label_alt_id 
_pdbx_validate_torsion.phi 
_pdbx_validate_torsion.psi 
1 1 GLU A 8  ? ? 37.08   55.70   
2 1 PHE A 54 ? ? -91.52  -159.88 
3 1 ALA A 55 ? ? 34.87   46.88   
4 1 GLU A 56 ? ? -143.24 -2.84   
5 1 LYS A 71 ? ? 33.73   67.87   
# 
_pdbx_SG_project.id                    1 
_pdbx_SG_project.project_name          ? 
_pdbx_SG_project.full_name_of_center   'Structure 2 Function Project' 
_pdbx_SG_project.initial_of_center     S2F 
# 
loop_
_pdbx_unobs_or_zero_occ_residues.id 
_pdbx_unobs_or_zero_occ_residues.PDB_model_num 
_pdbx_unobs_or_zero_occ_residues.polymer_flag 
_pdbx_unobs_or_zero_occ_residues.occupancy_flag 
_pdbx_unobs_or_zero_occ_residues.auth_asym_id 
_pdbx_unobs_or_zero_occ_residues.auth_comp_id 
_pdbx_unobs_or_zero_occ_residues.auth_seq_id 
_pdbx_unobs_or_zero_occ_residues.PDB_ins_code 
_pdbx_unobs_or_zero_occ_residues.label_asym_id 
_pdbx_unobs_or_zero_occ_residues.label_comp_id 
_pdbx_unobs_or_zero_occ_residues.label_seq_id 
1 1 Y 1 A PRO 157 ? A PRO 157 
2 1 Y 1 A GLU 158 ? A GLU 158 
3 1 Y 1 A VAL 159 ? A VAL 159 
4 1 Y 1 A LYS 160 ? A LYS 160 
# 
loop_
_chem_comp_atom.comp_id 
_chem_comp_atom.atom_id 
_chem_comp_atom.type_symbol 
_chem_comp_atom.pdbx_aromatic_flag 
_chem_comp_atom.pdbx_stereo_config 
_chem_comp_atom.pdbx_ordinal 
ALA N    N N N 1   
ALA CA   C N S 2   
ALA C    C N N 3   
ALA O    O N N 4   
ALA CB   C N N 5   
ALA OXT  O N N 6   
ALA H    H N N 7   
ALA H2   H N N 8   
ALA HA   H N N 9   
ALA HB1  H N N 10  
ALA HB2  H N N 11  
ALA HB3  H N N 12  
ALA HXT  H N N 13  
ARG N    N N N 14  
ARG CA   C N S 15  
ARG C    C N N 16  
ARG O    O N N 17  
ARG CB   C N N 18  
ARG CG   C N N 19  
ARG CD   C N N 20  
ARG NE   N N N 21  
ARG CZ   C N N 22  
ARG NH1  N N N 23  
ARG NH2  N N N 24  
ARG OXT  O N N 25  
ARG H    H N N 26  
ARG H2   H N N 27  
ARG HA   H N N 28  
ARG HB2  H N N 29  
ARG HB3  H N N 30  
ARG HG2  H N N 31  
ARG HG3  H N N 32  
ARG HD2  H N N 33  
ARG HD3  H N N 34  
ARG HE   H N N 35  
ARG HH11 H N N 36  
ARG HH12 H N N 37  
ARG HH21 H N N 38  
ARG HH22 H N N 39  
ARG HXT  H N N 40  
ASN N    N N N 41  
ASN CA   C N S 42  
ASN C    C N N 43  
ASN O    O N N 44  
ASN CB   C N N 45  
ASN CG   C N N 46  
ASN OD1  O N N 47  
ASN ND2  N N N 48  
ASN OXT  O N N 49  
ASN H    H N N 50  
ASN H2   H N N 51  
ASN HA   H N N 52  
ASN HB2  H N N 53  
ASN HB3  H N N 54  
ASN HD21 H N N 55  
ASN HD22 H N N 56  
ASN HXT  H N N 57  
ASP N    N N N 58  
ASP CA   C N S 59  
ASP C    C N N 60  
ASP O    O N N 61  
ASP CB   C N N 62  
ASP CG   C N N 63  
ASP OD1  O N N 64  
ASP OD2  O N N 65  
ASP OXT  O N N 66  
ASP H    H N N 67  
ASP H2   H N N 68  
ASP HA   H N N 69  
ASP HB2  H N N 70  
ASP HB3  H N N 71  
ASP HD2  H N N 72  
ASP HXT  H N N 73  
CYS N    N N N 74  
CYS CA   C N R 75  
CYS C    C N N 76  
CYS O    O N N 77  
CYS CB   C N N 78  
CYS SG   S N N 79  
CYS OXT  O N N 80  
CYS H    H N N 81  
CYS H2   H N N 82  
CYS HA   H N N 83  
CYS HB2  H N N 84  
CYS HB3  H N N 85  
CYS HG   H N N 86  
CYS HXT  H N N 87  
GLN N    N N N 88  
GLN CA   C N S 89  
GLN C    C N N 90  
GLN O    O N N 91  
GLN CB   C N N 92  
GLN CG   C N N 93  
GLN CD   C N N 94  
GLN OE1  O N N 95  
GLN NE2  N N N 96  
GLN OXT  O N N 97  
GLN H    H N N 98  
GLN H2   H N N 99  
GLN HA   H N N 100 
GLN HB2  H N N 101 
GLN HB3  H N N 102 
GLN HG2  H N N 103 
GLN HG3  H N N 104 
GLN HE21 H N N 105 
GLN HE22 H N N 106 
GLN HXT  H N N 107 
GLU N    N N N 108 
GLU CA   C N S 109 
GLU C    C N N 110 
GLU O    O N N 111 
GLU CB   C N N 112 
GLU CG   C N N 113 
GLU CD   C N N 114 
GLU OE1  O N N 115 
GLU OE2  O N N 116 
GLU OXT  O N N 117 
GLU H    H N N 118 
GLU H2   H N N 119 
GLU HA   H N N 120 
GLU HB2  H N N 121 
GLU HB3  H N N 122 
GLU HG2  H N N 123 
GLU HG3  H N N 124 
GLU HE2  H N N 125 
GLU HXT  H N N 126 
GLY N    N N N 127 
GLY CA   C N N 128 
GLY C    C N N 129 
GLY O    O N N 130 
GLY OXT  O N N 131 
GLY H    H N N 132 
GLY H2   H N N 133 
GLY HA2  H N N 134 
GLY HA3  H N N 135 
GLY HXT  H N N 136 
HIS N    N N N 137 
HIS CA   C N S 138 
HIS C    C N N 139 
HIS O    O N N 140 
HIS CB   C N N 141 
HIS CG   C Y N 142 
HIS ND1  N Y N 143 
HIS CD2  C Y N 144 
HIS CE1  C Y N 145 
HIS NE2  N Y N 146 
HIS OXT  O N N 147 
HIS H    H N N 148 
HIS H2   H N N 149 
HIS HA   H N N 150 
HIS HB2  H N N 151 
HIS HB3  H N N 152 
HIS HD1  H N N 153 
HIS HD2  H N N 154 
HIS HE1  H N N 155 
HIS HE2  H N N 156 
HIS HXT  H N N 157 
HOH O    O N N 158 
HOH H1   H N N 159 
HOH H2   H N N 160 
ILE N    N N N 161 
ILE CA   C N S 162 
ILE C    C N N 163 
ILE O    O N N 164 
ILE CB   C N S 165 
ILE CG1  C N N 166 
ILE CG2  C N N 167 
ILE CD1  C N N 168 
ILE OXT  O N N 169 
ILE H    H N N 170 
ILE H2   H N N 171 
ILE HA   H N N 172 
ILE HB   H N N 173 
ILE HG12 H N N 174 
ILE HG13 H N N 175 
ILE HG21 H N N 176 
ILE HG22 H N N 177 
ILE HG23 H N N 178 
ILE HD11 H N N 179 
ILE HD12 H N N 180 
ILE HD13 H N N 181 
ILE HXT  H N N 182 
LEU N    N N N 183 
LEU CA   C N S 184 
LEU C    C N N 185 
LEU O    O N N 186 
LEU CB   C N N 187 
LEU CG   C N N 188 
LEU CD1  C N N 189 
LEU CD2  C N N 190 
LEU OXT  O N N 191 
LEU H    H N N 192 
LEU H2   H N N 193 
LEU HA   H N N 194 
LEU HB2  H N N 195 
LEU HB3  H N N 196 
LEU HG   H N N 197 
LEU HD11 H N N 198 
LEU HD12 H N N 199 
LEU HD13 H N N 200 
LEU HD21 H N N 201 
LEU HD22 H N N 202 
LEU HD23 H N N 203 
LEU HXT  H N N 204 
LYS N    N N N 205 
LYS CA   C N S 206 
LYS C    C N N 207 
LYS O    O N N 208 
LYS CB   C N N 209 
LYS CG   C N N 210 
LYS CD   C N N 211 
LYS CE   C N N 212 
LYS NZ   N N N 213 
LYS OXT  O N N 214 
LYS H    H N N 215 
LYS H2   H N N 216 
LYS HA   H N N 217 
LYS HB2  H N N 218 
LYS HB3  H N N 219 
LYS HG2  H N N 220 
LYS HG3  H N N 221 
LYS HD2  H N N 222 
LYS HD3  H N N 223 
LYS HE2  H N N 224 
LYS HE3  H N N 225 
LYS HZ1  H N N 226 
LYS HZ2  H N N 227 
LYS HZ3  H N N 228 
LYS HXT  H N N 229 
MET N    N N N 230 
MET CA   C N S 231 
MET C    C N N 232 
MET O    O N N 233 
MET CB   C N N 234 
MET CG   C N N 235 
MET SD   S N N 236 
MET CE   C N N 237 
MET OXT  O N N 238 
MET H    H N N 239 
MET H2   H N N 240 
MET HA   H N N 241 
MET HB2  H N N 242 
MET HB3  H N N 243 
MET HG2  H N N 244 
MET HG3  H N N 245 
MET HE1  H N N 246 
MET HE2  H N N 247 
MET HE3  H N N 248 
MET HXT  H N N 249 
PHE N    N N N 250 
PHE CA   C N S 251 
PHE C    C N N 252 
PHE O    O N N 253 
PHE CB   C N N 254 
PHE CG   C Y N 255 
PHE CD1  C Y N 256 
PHE CD2  C Y N 257 
PHE CE1  C Y N 258 
PHE CE2  C Y N 259 
PHE CZ   C Y N 260 
PHE OXT  O N N 261 
PHE H    H N N 262 
PHE H2   H N N 263 
PHE HA   H N N 264 
PHE HB2  H N N 265 
PHE HB3  H N N 266 
PHE HD1  H N N 267 
PHE HD2  H N N 268 
PHE HE1  H N N 269 
PHE HE2  H N N 270 
PHE HZ   H N N 271 
PHE HXT  H N N 272 
PRO N    N N N 273 
PRO CA   C N S 274 
PRO C    C N N 275 
PRO O    O N N 276 
PRO CB   C N N 277 
PRO CG   C N N 278 
PRO CD   C N N 279 
PRO OXT  O N N 280 
PRO H    H N N 281 
PRO HA   H N N 282 
PRO HB2  H N N 283 
PRO HB3  H N N 284 
PRO HG2  H N N 285 
PRO HG3  H N N 286 
PRO HD2  H N N 287 
PRO HD3  H N N 288 
PRO HXT  H N N 289 
SER N    N N N 290 
SER CA   C N S 291 
SER C    C N N 292 
SER O    O N N 293 
SER CB   C N N 294 
SER OG   O N N 295 
SER OXT  O N N 296 
SER H    H N N 297 
SER H2   H N N 298 
SER HA   H N N 299 
SER HB2  H N N 300 
SER HB3  H N N 301 
SER HG   H N N 302 
SER HXT  H N N 303 
THR N    N N N 304 
THR CA   C N S 305 
THR C    C N N 306 
THR O    O N N 307 
THR CB   C N R 308 
THR OG1  O N N 309 
THR CG2  C N N 310 
THR OXT  O N N 311 
THR H    H N N 312 
THR H2   H N N 313 
THR HA   H N N 314 
THR HB   H N N 315 
THR HG1  H N N 316 
THR HG21 H N N 317 
THR HG22 H N N 318 
THR HG23 H N N 319 
THR HXT  H N N 320 
TRP N    N N N 321 
TRP CA   C N S 322 
TRP C    C N N 323 
TRP O    O N N 324 
TRP CB   C N N 325 
TRP CG   C Y N 326 
TRP CD1  C Y N 327 
TRP CD2  C Y N 328 
TRP NE1  N Y N 329 
TRP CE2  C Y N 330 
TRP CE3  C Y N 331 
TRP CZ2  C Y N 332 
TRP CZ3  C Y N 333 
TRP CH2  C Y N 334 
TRP OXT  O N N 335 
TRP H    H N N 336 
TRP H2   H N N 337 
TRP HA   H N N 338 
TRP HB2  H N N 339 
TRP HB3  H N N 340 
TRP HD1  H N N 341 
TRP HE1  H N N 342 
TRP HE3  H N N 343 
TRP HZ2  H N N 344 
TRP HZ3  H N N 345 
TRP HH2  H N N 346 
TRP HXT  H N N 347 
TYR N    N N N 348 
TYR CA   C N S 349 
TYR C    C N N 350 
TYR O    O N N 351 
TYR CB   C N N 352 
TYR CG   C Y N 353 
TYR CD1  C Y N 354 
TYR CD2  C Y N 355 
TYR CE1  C Y N 356 
TYR CE2  C Y N 357 
TYR CZ   C Y N 358 
TYR OH   O N N 359 
TYR OXT  O N N 360 
TYR H    H N N 361 
TYR H2   H N N 362 
TYR HA   H N N 363 
TYR HB2  H N N 364 
TYR HB3  H N N 365 
TYR HD1  H N N 366 
TYR HD2  H N N 367 
TYR HE1  H N N 368 
TYR HE2  H N N 369 
TYR HH   H N N 370 
TYR HXT  H N N 371 
VAL N    N N N 372 
VAL CA   C N S 373 
VAL C    C N N 374 
VAL O    O N N 375 
VAL CB   C N N 376 
VAL CG1  C N N 377 
VAL CG2  C N N 378 
VAL OXT  O N N 379 
VAL H    H N N 380 
VAL H2   H N N 381 
VAL HA   H N N 382 
VAL HB   H N N 383 
VAL HG11 H N N 384 
VAL HG12 H N N 385 
VAL HG13 H N N 386 
VAL HG21 H N N 387 
VAL HG22 H N N 388 
VAL HG23 H N N 389 
VAL HXT  H N N 390 
# 
loop_
_chem_comp_bond.comp_id 
_chem_comp_bond.atom_id_1 
_chem_comp_bond.atom_id_2 
_chem_comp_bond.value_order 
_chem_comp_bond.pdbx_aromatic_flag 
_chem_comp_bond.pdbx_stereo_config 
_chem_comp_bond.pdbx_ordinal 
ALA N   CA   sing N N 1   
ALA N   H    sing N N 2   
ALA N   H2   sing N N 3   
ALA CA  C    sing N N 4   
ALA CA  CB   sing N N 5   
ALA CA  HA   sing N N 6   
ALA C   O    doub N N 7   
ALA C   OXT  sing N N 8   
ALA CB  HB1  sing N N 9   
ALA CB  HB2  sing N N 10  
ALA CB  HB3  sing N N 11  
ALA OXT HXT  sing N N 12  
ARG N   CA   sing N N 13  
ARG N   H    sing N N 14  
ARG N   H2   sing N N 15  
ARG CA  C    sing N N 16  
ARG CA  CB   sing N N 17  
ARG CA  HA   sing N N 18  
ARG C   O    doub N N 19  
ARG C   OXT  sing N N 20  
ARG CB  CG   sing N N 21  
ARG CB  HB2  sing N N 22  
ARG CB  HB3  sing N N 23  
ARG CG  CD   sing N N 24  
ARG CG  HG2  sing N N 25  
ARG CG  HG3  sing N N 26  
ARG CD  NE   sing N N 27  
ARG CD  HD2  sing N N 28  
ARG CD  HD3  sing N N 29  
ARG NE  CZ   sing N N 30  
ARG NE  HE   sing N N 31  
ARG CZ  NH1  sing N N 32  
ARG CZ  NH2  doub N N 33  
ARG NH1 HH11 sing N N 34  
ARG NH1 HH12 sing N N 35  
ARG NH2 HH21 sing N N 36  
ARG NH2 HH22 sing N N 37  
ARG OXT HXT  sing N N 38  
ASN N   CA   sing N N 39  
ASN N   H    sing N N 40  
ASN N   H2   sing N N 41  
ASN CA  C    sing N N 42  
ASN CA  CB   sing N N 43  
ASN CA  HA   sing N N 44  
ASN C   O    doub N N 45  
ASN C   OXT  sing N N 46  
ASN CB  CG   sing N N 47  
ASN CB  HB2  sing N N 48  
ASN CB  HB3  sing N N 49  
ASN CG  OD1  doub N N 50  
ASN CG  ND2  sing N N 51  
ASN ND2 HD21 sing N N 52  
ASN ND2 HD22 sing N N 53  
ASN OXT HXT  sing N N 54  
ASP N   CA   sing N N 55  
ASP N   H    sing N N 56  
ASP N   H2   sing N N 57  
ASP CA  C    sing N N 58  
ASP CA  CB   sing N N 59  
ASP CA  HA   sing N N 60  
ASP C   O    doub N N 61  
ASP C   OXT  sing N N 62  
ASP CB  CG   sing N N 63  
ASP CB  HB2  sing N N 64  
ASP CB  HB3  sing N N 65  
ASP CG  OD1  doub N N 66  
ASP CG  OD2  sing N N 67  
ASP OD2 HD2  sing N N 68  
ASP OXT HXT  sing N N 69  
CYS N   CA   sing N N 70  
CYS N   H    sing N N 71  
CYS N   H2   sing N N 72  
CYS CA  C    sing N N 73  
CYS CA  CB   sing N N 74  
CYS CA  HA   sing N N 75  
CYS C   O    doub N N 76  
CYS C   OXT  sing N N 77  
CYS CB  SG   sing N N 78  
CYS CB  HB2  sing N N 79  
CYS CB  HB3  sing N N 80  
CYS SG  HG   sing N N 81  
CYS OXT HXT  sing N N 82  
GLN N   CA   sing N N 83  
GLN N   H    sing N N 84  
GLN N   H2   sing N N 85  
GLN CA  C    sing N N 86  
GLN CA  CB   sing N N 87  
GLN CA  HA   sing N N 88  
GLN C   O    doub N N 89  
GLN C   OXT  sing N N 90  
GLN CB  CG   sing N N 91  
GLN CB  HB2  sing N N 92  
GLN CB  HB3  sing N N 93  
GLN CG  CD   sing N N 94  
GLN CG  HG2  sing N N 95  
GLN CG  HG3  sing N N 96  
GLN CD  OE1  doub N N 97  
GLN CD  NE2  sing N N 98  
GLN NE2 HE21 sing N N 99  
GLN NE2 HE22 sing N N 100 
GLN OXT HXT  sing N N 101 
GLU N   CA   sing N N 102 
GLU N   H    sing N N 103 
GLU N   H2   sing N N 104 
GLU CA  C    sing N N 105 
GLU CA  CB   sing N N 106 
GLU CA  HA   sing N N 107 
GLU C   O    doub N N 108 
GLU C   OXT  sing N N 109 
GLU CB  CG   sing N N 110 
GLU CB  HB2  sing N N 111 
GLU CB  HB3  sing N N 112 
GLU CG  CD   sing N N 113 
GLU CG  HG2  sing N N 114 
GLU CG  HG3  sing N N 115 
GLU CD  OE1  doub N N 116 
GLU CD  OE2  sing N N 117 
GLU OE2 HE2  sing N N 118 
GLU OXT HXT  sing N N 119 
GLY N   CA   sing N N 120 
GLY N   H    sing N N 121 
GLY N   H2   sing N N 122 
GLY CA  C    sing N N 123 
GLY CA  HA2  sing N N 124 
GLY CA  HA3  sing N N 125 
GLY C   O    doub N N 126 
GLY C   OXT  sing N N 127 
GLY OXT HXT  sing N N 128 
HIS N   CA   sing N N 129 
HIS N   H    sing N N 130 
HIS N   H2   sing N N 131 
HIS CA  C    sing N N 132 
HIS CA  CB   sing N N 133 
HIS CA  HA   sing N N 134 
HIS C   O    doub N N 135 
HIS C   OXT  sing N N 136 
HIS CB  CG   sing N N 137 
HIS CB  HB2  sing N N 138 
HIS CB  HB3  sing N N 139 
HIS CG  ND1  sing Y N 140 
HIS CG  CD2  doub Y N 141 
HIS ND1 CE1  doub Y N 142 
HIS ND1 HD1  sing N N 143 
HIS CD2 NE2  sing Y N 144 
HIS CD2 HD2  sing N N 145 
HIS CE1 NE2  sing Y N 146 
HIS CE1 HE1  sing N N 147 
HIS NE2 HE2  sing N N 148 
HIS OXT HXT  sing N N 149 
HOH O   H1   sing N N 150 
HOH O   H2   sing N N 151 
ILE N   CA   sing N N 152 
ILE N   H    sing N N 153 
ILE N   H2   sing N N 154 
ILE CA  C    sing N N 155 
ILE CA  CB   sing N N 156 
ILE CA  HA   sing N N 157 
ILE C   O    doub N N 158 
ILE C   OXT  sing N N 159 
ILE CB  CG1  sing N N 160 
ILE CB  CG2  sing N N 161 
ILE CB  HB   sing N N 162 
ILE CG1 CD1  sing N N 163 
ILE CG1 HG12 sing N N 164 
ILE CG1 HG13 sing N N 165 
ILE CG2 HG21 sing N N 166 
ILE CG2 HG22 sing N N 167 
ILE CG2 HG23 sing N N 168 
ILE CD1 HD11 sing N N 169 
ILE CD1 HD12 sing N N 170 
ILE CD1 HD13 sing N N 171 
ILE OXT HXT  sing N N 172 
LEU N   CA   sing N N 173 
LEU N   H    sing N N 174 
LEU N   H2   sing N N 175 
LEU CA  C    sing N N 176 
LEU CA  CB   sing N N 177 
LEU CA  HA   sing N N 178 
LEU C   O    doub N N 179 
LEU C   OXT  sing N N 180 
LEU CB  CG   sing N N 181 
LEU CB  HB2  sing N N 182 
LEU CB  HB3  sing N N 183 
LEU CG  CD1  sing N N 184 
LEU CG  CD2  sing N N 185 
LEU CG  HG   sing N N 186 
LEU CD1 HD11 sing N N 187 
LEU CD1 HD12 sing N N 188 
LEU CD1 HD13 sing N N 189 
LEU CD2 HD21 sing N N 190 
LEU CD2 HD22 sing N N 191 
LEU CD2 HD23 sing N N 192 
LEU OXT HXT  sing N N 193 
LYS N   CA   sing N N 194 
LYS N   H    sing N N 195 
LYS N   H2   sing N N 196 
LYS CA  C    sing N N 197 
LYS CA  CB   sing N N 198 
LYS CA  HA   sing N N 199 
LYS C   O    doub N N 200 
LYS C   OXT  sing N N 201 
LYS CB  CG   sing N N 202 
LYS CB  HB2  sing N N 203 
LYS CB  HB3  sing N N 204 
LYS CG  CD   sing N N 205 
LYS CG  HG2  sing N N 206 
LYS CG  HG3  sing N N 207 
LYS CD  CE   sing N N 208 
LYS CD  HD2  sing N N 209 
LYS CD  HD3  sing N N 210 
LYS CE  NZ   sing N N 211 
LYS CE  HE2  sing N N 212 
LYS CE  HE3  sing N N 213 
LYS NZ  HZ1  sing N N 214 
LYS NZ  HZ2  sing N N 215 
LYS NZ  HZ3  sing N N 216 
LYS OXT HXT  sing N N 217 
MET N   CA   sing N N 218 
MET N   H    sing N N 219 
MET N   H2   sing N N 220 
MET CA  C    sing N N 221 
MET CA  CB   sing N N 222 
MET CA  HA   sing N N 223 
MET C   O    doub N N 224 
MET C   OXT  sing N N 225 
MET CB  CG   sing N N 226 
MET CB  HB2  sing N N 227 
MET CB  HB3  sing N N 228 
MET CG  SD   sing N N 229 
MET CG  HG2  sing N N 230 
MET CG  HG3  sing N N 231 
MET SD  CE   sing N N 232 
MET CE  HE1  sing N N 233 
MET CE  HE2  sing N N 234 
MET CE  HE3  sing N N 235 
MET OXT HXT  sing N N 236 
PHE N   CA   sing N N 237 
PHE N   H    sing N N 238 
PHE N   H2   sing N N 239 
PHE CA  C    sing N N 240 
PHE CA  CB   sing N N 241 
PHE CA  HA   sing N N 242 
PHE C   O    doub N N 243 
PHE C   OXT  sing N N 244 
PHE CB  CG   sing N N 245 
PHE CB  HB2  sing N N 246 
PHE CB  HB3  sing N N 247 
PHE CG  CD1  doub Y N 248 
PHE CG  CD2  sing Y N 249 
PHE CD1 CE1  sing Y N 250 
PHE CD1 HD1  sing N N 251 
PHE CD2 CE2  doub Y N 252 
PHE CD2 HD2  sing N N 253 
PHE CE1 CZ   doub Y N 254 
PHE CE1 HE1  sing N N 255 
PHE CE2 CZ   sing Y N 256 
PHE CE2 HE2  sing N N 257 
PHE CZ  HZ   sing N N 258 
PHE OXT HXT  sing N N 259 
PRO N   CA   sing N N 260 
PRO N   CD   sing N N 261 
PRO N   H    sing N N 262 
PRO CA  C    sing N N 263 
PRO CA  CB   sing N N 264 
PRO CA  HA   sing N N 265 
PRO C   O    doub N N 266 
PRO C   OXT  sing N N 267 
PRO CB  CG   sing N N 268 
PRO CB  HB2  sing N N 269 
PRO CB  HB3  sing N N 270 
PRO CG  CD   sing N N 271 
PRO CG  HG2  sing N N 272 
PRO CG  HG3  sing N N 273 
PRO CD  HD2  sing N N 274 
PRO CD  HD3  sing N N 275 
PRO OXT HXT  sing N N 276 
SER N   CA   sing N N 277 
SER N   H    sing N N 278 
SER N   H2   sing N N 279 
SER CA  C    sing N N 280 
SER CA  CB   sing N N 281 
SER CA  HA   sing N N 282 
SER C   O    doub N N 283 
SER C   OXT  sing N N 284 
SER CB  OG   sing N N 285 
SER CB  HB2  sing N N 286 
SER CB  HB3  sing N N 287 
SER OG  HG   sing N N 288 
SER OXT HXT  sing N N 289 
THR N   CA   sing N N 290 
THR N   H    sing N N 291 
THR N   H2   sing N N 292 
THR CA  C    sing N N 293 
THR CA  CB   sing N N 294 
THR CA  HA   sing N N 295 
THR C   O    doub N N 296 
THR C   OXT  sing N N 297 
THR CB  OG1  sing N N 298 
THR CB  CG2  sing N N 299 
THR CB  HB   sing N N 300 
THR OG1 HG1  sing N N 301 
THR CG2 HG21 sing N N 302 
THR CG2 HG22 sing N N 303 
THR CG2 HG23 sing N N 304 
THR OXT HXT  sing N N 305 
TRP N   CA   sing N N 306 
TRP N   H    sing N N 307 
TRP N   H2   sing N N 308 
TRP CA  C    sing N N 309 
TRP CA  CB   sing N N 310 
TRP CA  HA   sing N N 311 
TRP C   O    doub N N 312 
TRP C   OXT  sing N N 313 
TRP CB  CG   sing N N 314 
TRP CB  HB2  sing N N 315 
TRP CB  HB3  sing N N 316 
TRP CG  CD1  doub Y N 317 
TRP CG  CD2  sing Y N 318 
TRP CD1 NE1  sing Y N 319 
TRP CD1 HD1  sing N N 320 
TRP CD2 CE2  doub Y N 321 
TRP CD2 CE3  sing Y N 322 
TRP NE1 CE2  sing Y N 323 
TRP NE1 HE1  sing N N 324 
TRP CE2 CZ2  sing Y N 325 
TRP CE3 CZ3  doub Y N 326 
TRP CE3 HE3  sing N N 327 
TRP CZ2 CH2  doub Y N 328 
TRP CZ2 HZ2  sing N N 329 
TRP CZ3 CH2  sing Y N 330 
TRP CZ3 HZ3  sing N N 331 
TRP CH2 HH2  sing N N 332 
TRP OXT HXT  sing N N 333 
TYR N   CA   sing N N 334 
TYR N   H    sing N N 335 
TYR N   H2   sing N N 336 
TYR CA  C    sing N N 337 
TYR CA  CB   sing N N 338 
TYR CA  HA   sing N N 339 
TYR C   O    doub N N 340 
TYR C   OXT  sing N N 341 
TYR CB  CG   sing N N 342 
TYR CB  HB2  sing N N 343 
TYR CB  HB3  sing N N 344 
TYR CG  CD1  doub Y N 345 
TYR CG  CD2  sing Y N 346 
TYR CD1 CE1  sing Y N 347 
TYR CD1 HD1  sing N N 348 
TYR CD2 CE2  doub Y N 349 
TYR CD2 HD2  sing N N 350 
TYR CE1 CZ   doub Y N 351 
TYR CE1 HE1  sing N N 352 
TYR CE2 CZ   sing Y N 353 
TYR CE2 HE2  sing N N 354 
TYR CZ  OH   sing N N 355 
TYR OH  HH   sing N N 356 
TYR OXT HXT  sing N N 357 
VAL N   CA   sing N N 358 
VAL N   H    sing N N 359 
VAL N   H2   sing N N 360 
VAL CA  C    sing N N 361 
VAL CA  CB   sing N N 362 
VAL CA  HA   sing N N 363 
VAL C   O    doub N N 364 
VAL C   OXT  sing N N 365 
VAL CB  CG1  sing N N 366 
VAL CB  CG2  sing N N 367 
VAL CB  HB   sing N N 368 
VAL CG1 HG11 sing N N 369 
VAL CG1 HG12 sing N N 370 
VAL CG1 HG13 sing N N 371 
VAL CG2 HG21 sing N N 372 
VAL CG2 HG22 sing N N 373 
VAL CG2 HG23 sing N N 374 
VAL OXT HXT  sing N N 375 
# 
_atom_sites.entry_id                    1J85 
_atom_sites.fract_transf_matrix[1][1]   -0.00683311 
_atom_sites.fract_transf_matrix[1][2]   0.01484444 
_atom_sites.fract_transf_matrix[1][3]   -0.01861595 
_atom_sites.fract_transf_matrix[2][1]   0.02050314 
_atom_sites.fract_transf_matrix[2][2]   -0.00617797 
_atom_sites.fract_transf_matrix[2][3]   -0.01245216 
_atom_sites.fract_transf_matrix[3][1]   -0.00294722 
_atom_sites.fract_transf_matrix[3][2]   -0.00458783 
_atom_sites.fract_transf_matrix[3][3]   -0.00257656 
_atom_sites.fract_transf_vector[1]      -0.052408 
_atom_sites.fract_transf_vector[2]      -0.354711 
_atom_sites.fract_transf_vector[3]      0.047445 
# 
loop_
_atom_type.symbol 
C 
N 
O 
S 
# 
loop_
_atom_site.group_PDB 
_atom_site.id 
_atom_site.type_symbol 
_atom_site.label_atom_id 
_atom_site.label_alt_id 
_atom_site.label_comp_id 
_atom_site.label_asym_id 
_atom_site.label_entity_id 
_atom_site.label_seq_id 
_atom_site.pdbx_PDB_ins_code 
_atom_site.Cartn_x 
_atom_site.Cartn_y 
_atom_site.Cartn_z 
_atom_site.occupancy 
_atom_site.B_iso_or_equiv 
_atom_site.pdbx_formal_charge 
_atom_site.auth_seq_id 
_atom_site.auth_comp_id 
_atom_site.auth_asym_id 
_atom_site.auth_atom_id 
_atom_site.pdbx_PDB_model_num 
ATOM   1    N N   . MET A 1 1   ? -0.702  -11.092 4.629   1.00 17.87 ? 1   MET A N   1 
ATOM   2    C CA  . MET A 1 1   ? -1.889  -11.436 5.459   1.00 21.28 ? 1   MET A CA  1 
ATOM   3    C C   . MET A 1 1   ? -3.055  -10.471 5.219   1.00 20.50 ? 1   MET A C   1 
ATOM   4    O O   . MET A 1 1   ? -4.219  -10.786 5.512   1.00 18.56 ? 1   MET A O   1 
ATOM   5    C CB  . MET A 1 1   ? -1.527  -11.377 6.955   1.00 27.25 ? 1   MET A CB  1 
ATOM   6    C CG  . MET A 1 1   ? -0.728  -12.549 7.498   1.00 21.15 ? 1   MET A CG  1 
ATOM   7    S SD  . MET A 1 1   ? -0.474  -12.229 9.211   1.00 26.22 ? 1   MET A SD  1 
ATOM   8    C CE  . MET A 1 1   ? -2.040  -12.857 9.919   1.00 21.42 ? 1   MET A CE  1 
ATOM   9    N N   . LEU A 1 2   ? -2.725  -9.291  4.719   1.00 21.31 ? 2   LEU A N   1 
ATOM   10   C CA  . LEU A 1 2   ? -3.710  -8.275  4.435   1.00 21.24 ? 2   LEU A CA  1 
ATOM   11   C C   . LEU A 1 2   ? -3.530  -7.858  2.963   1.00 21.04 ? 2   LEU A C   1 
ATOM   12   O O   . LEU A 1 2   ? -2.704  -8.390  2.222   1.00 18.87 ? 2   LEU A O   1 
ATOM   13   C CB  . LEU A 1 2   ? -3.507  -7.055  5.359   1.00 18.93 ? 2   LEU A CB  1 
ATOM   14   C CG  . LEU A 1 2   ? -3.550  -7.108  6.893   1.00 22.95 ? 2   LEU A CG  1 
ATOM   15   C CD1 . LEU A 1 2   ? -3.375  -5.674  7.466   1.00 17.20 ? 2   LEU A CD1 1 
ATOM   16   C CD2 . LEU A 1 2   ? -4.870  -7.738  7.359   1.00 15.71 ? 2   LEU A CD2 1 
ATOM   17   N N   . ASP A 1 3   ? -4.329  -6.908  2.540   1.00 20.82 ? 3   ASP A N   1 
ATOM   18   C CA  . ASP A 1 3   ? -4.285  -6.440  1.155   1.00 16.47 ? 3   ASP A CA  1 
ATOM   19   C C   . ASP A 1 3   ? -3.715  -5.034  1.182   1.00 19.21 ? 3   ASP A C   1 
ATOM   20   O O   . ASP A 1 3   ? -4.045  -4.259  2.077   1.00 16.50 ? 3   ASP A O   1 
ATOM   21   C CB  . ASP A 1 3   ? -5.718  -6.444  0.596   1.00 15.72 ? 3   ASP A CB  1 
ATOM   22   C CG  . ASP A 1 3   ? -6.195  -7.841  0.302   1.00 18.16 ? 3   ASP A CG  1 
ATOM   23   O OD1 . ASP A 1 3   ? -6.047  -8.281  -0.839  1.00 14.97 ? 3   ASP A OD1 1 
ATOM   24   O OD2 . ASP A 1 3   ? -6.644  -8.520  1.245   1.00 18.45 ? 3   ASP A OD2 1 
ATOM   25   N N   . ILE A 1 4   ? -2.882  -4.715  0.203   1.00 16.35 ? 4   ILE A N   1 
ATOM   26   C CA  . ILE A 1 4   ? -2.227  -3.413  0.151   1.00 21.36 ? 4   ILE A CA  1 
ATOM   27   C C   . ILE A 1 4   ? -2.670  -2.801  -1.177  1.00 22.57 ? 4   ILE A C   1 
ATOM   28   O O   . ILE A 1 4   ? -2.801  -3.499  -2.177  1.00 23.35 ? 4   ILE A O   1 
ATOM   29   C CB  . ILE A 1 4   ? -0.686  -3.619  0.244   1.00 20.40 ? 4   ILE A CB  1 
ATOM   30   C CG1 . ILE A 1 4   ? -0.359  -3.928  1.705   1.00 20.87 ? 4   ILE A CG1 1 
ATOM   31   C CG2 . ILE A 1 4   ? 0.109   -2.344  -0.208  1.00 18.47 ? 4   ILE A CG2 1 
ATOM   32   C CD1 . ILE A 1 4   ? 0.782   -4.841  1.805   1.00 33.93 ? 4   ILE A CD1 1 
ATOM   33   N N   . VAL A 1 5   ? -2.929  -1.510  -1.174  1.00 19.98 ? 5   VAL A N   1 
ATOM   34   C CA  . VAL A 1 5   ? -3.459  -0.880  -2.375  1.00 18.91 ? 5   VAL A CA  1 
ATOM   35   C C   . VAL A 1 5   ? -2.687  0.367   -2.789  1.00 21.78 ? 5   VAL A C   1 
ATOM   36   O O   . VAL A 1 5   ? -2.491  1.289   -1.990  1.00 21.28 ? 5   VAL A O   1 
ATOM   37   C CB  . VAL A 1 5   ? -4.934  -0.487  -2.123  1.00 20.35 ? 5   VAL A CB  1 
ATOM   38   C CG1 . VAL A 1 5   ? -5.551  0.240   -3.355  1.00 24.76 ? 5   VAL A CG1 1 
ATOM   39   C CG2 . VAL A 1 5   ? -5.741  -1.709  -1.722  1.00 19.97 ? 5   VAL A CG2 1 
ATOM   40   N N   . LEU A 1 6   ? -2.216  0.399   -4.033  1.00 20.87 ? 6   LEU A N   1 
ATOM   41   C CA  . LEU A 1 6   ? -1.547  1.596   -4.495  1.00 19.62 ? 6   LEU A CA  1 
ATOM   42   C C   . LEU A 1 6   ? -2.539  2.480   -5.294  1.00 20.49 ? 6   LEU A C   1 
ATOM   43   O O   . LEU A 1 6   ? -3.052  2.080   -6.315  1.00 21.14 ? 6   LEU A O   1 
ATOM   44   C CB  . LEU A 1 6   ? -0.309  1.214   -5.314  1.00 15.31 ? 6   LEU A CB  1 
ATOM   45   C CG  . LEU A 1 6   ? 0.720   0.435   -4.463  1.00 15.23 ? 6   LEU A CG  1 
ATOM   46   C CD1 . LEU A 1 6   ? 2.030   0.385   -5.206  1.00 13.40 ? 6   LEU A CD1 1 
ATOM   47   C CD2 . LEU A 1 6   ? 0.978   1.059   -3.054  1.00 15.04 ? 6   LEU A CD2 1 
ATOM   48   N N   . TYR A 1 7   ? -2.863  3.670   -4.784  1.00 21.58 ? 7   TYR A N   1 
ATOM   49   C CA  . TYR A 1 7   ? -3.750  4.549   -5.537  1.00 21.70 ? 7   TYR A CA  1 
ATOM   50   C C   . TYR A 1 7   ? -2.896  5.274   -6.592  1.00 20.74 ? 7   TYR A C   1 
ATOM   51   O O   . TYR A 1 7   ? -1.994  6.027   -6.261  1.00 22.42 ? 7   TYR A O   1 
ATOM   52   C CB  . TYR A 1 7   ? -4.441  5.566   -4.623  1.00 18.94 ? 7   TYR A CB  1 
ATOM   53   C CG  . TYR A 1 7   ? -5.449  6.397   -5.413  1.00 23.40 ? 7   TYR A CG  1 
ATOM   54   C CD1 . TYR A 1 7   ? -6.752  5.938   -5.619  1.00 19.21 ? 7   TYR A CD1 1 
ATOM   55   C CD2 . TYR A 1 7   ? -5.084  7.648   -5.963  1.00 18.91 ? 7   TYR A CD2 1 
ATOM   56   C CE1 . TYR A 1 7   ? -7.697  6.718   -6.346  1.00 25.23 ? 7   TYR A CE1 1 
ATOM   57   C CE2 . TYR A 1 7   ? -6.015  8.438   -6.698  1.00 24.39 ? 7   TYR A CE2 1 
ATOM   58   C CZ  . TYR A 1 7   ? -7.319  7.958   -6.876  1.00 28.73 ? 7   TYR A CZ  1 
ATOM   59   O OH  . TYR A 1 7   ? -8.250  8.687   -7.573  1.00 32.37 ? 7   TYR A OH  1 
ATOM   60   N N   . GLU A 1 8   ? -3.173  5.029   -7.866  1.00 21.18 ? 8   GLU A N   1 
ATOM   61   C CA  . GLU A 1 8   ? -2.409  5.640   -8.982  1.00 20.44 ? 8   GLU A CA  1 
ATOM   62   C C   . GLU A 1 8   ? -0.926  5.809   -8.772  1.00 20.69 ? 8   GLU A C   1 
ATOM   63   O O   . GLU A 1 8   ? -0.389  6.915   -8.860  1.00 20.98 ? 8   GLU A O   1 
ATOM   64   C CB  . GLU A 1 8   ? -3.022  6.978   -9.393  1.00 21.78 ? 8   GLU A CB  1 
ATOM   65   C CG  . GLU A 1 8   ? -4.498  6.877   -9.500  1.00 18.16 ? 8   GLU A CG  1 
ATOM   66   C CD  . GLU A 1 8   ? -5.179  8.159   -9.994  1.00 26.49 ? 8   GLU A CD  1 
ATOM   67   O OE1 . GLU A 1 8   ? -6.408  8.088   -10.249 1.00 28.58 ? 8   GLU A OE1 1 
ATOM   68   O OE2 . GLU A 1 8   ? -4.513  9.208   -10.095 1.00 19.97 ? 8   GLU A OE2 1 
ATOM   69   N N   . PRO A 1 9   ? -0.219  4.701   -8.455  1.00 18.71 ? 9   PRO A N   1 
ATOM   70   C CA  . PRO A 1 9   ? 1.226   4.814   -8.266  1.00 19.56 ? 9   PRO A CA  1 
ATOM   71   C C   . PRO A 1 9   ? 1.858   5.323   -9.570  1.00 19.46 ? 9   PRO A C   1 
ATOM   72   O O   . PRO A 1 9   ? 1.476   4.913   -10.685 1.00 21.73 ? 9   PRO A O   1 
ATOM   73   C CB  . PRO A 1 9   ? 1.650   3.398   -7.943  1.00 23.44 ? 9   PRO A CB  1 
ATOM   74   C CG  . PRO A 1 9   ? 0.594   2.585   -8.546  1.00 23.71 ? 9   PRO A CG  1 
ATOM   75   C CD  . PRO A 1 9   ? -0.664  3.323   -8.296  1.00 16.58 ? 9   PRO A CD  1 
ATOM   76   N N   . GLU A 1 10  ? 2.860   6.152   -9.416  1.00 16.82 ? 10  GLU A N   1 
ATOM   77   C CA  . GLU A 1 10  ? 3.503   6.817   -10.542 1.00 24.62 ? 10  GLU A CA  1 
ATOM   78   C C   . GLU A 1 10  ? 4.830   6.317   -11.031 1.00 24.16 ? 10  GLU A C   1 
ATOM   79   O O   . GLU A 1 10  ? 5.046   6.257   -12.226 1.00 27.43 ? 10  GLU A O   1 
ATOM   80   C CB  . GLU A 1 10  ? 3.644   8.329   -10.231 1.00 19.65 ? 10  GLU A CB  1 
ATOM   81   C CG  . GLU A 1 10  ? 2.287   8.977   -10.153 1.00 27.44 ? 10  GLU A CG  1 
ATOM   82   C CD  . GLU A 1 10  ? 2.266   10.374  -9.545  1.00 26.26 ? 10  GLU A CD  1 
ATOM   83   O OE1 . GLU A 1 10  ? 3.263   10.873  -8.987  1.00 26.39 ? 10  GLU A OE1 1 
ATOM   84   O OE2 . GLU A 1 10  ? 1.186   10.958  -9.609  1.00 20.53 ? 10  GLU A OE2 1 
ATOM   85   N N   . ILE A 1 11  ? 5.713   5.963   -10.114 1.00 23.59 ? 11  ILE A N   1 
ATOM   86   C CA  . ILE A 1 11  ? 7.047   5.570   -10.465 1.00 25.47 ? 11  ILE A CA  1 
ATOM   87   C C   . ILE A 1 11  ? 7.249   4.071   -10.444 1.00 29.50 ? 11  ILE A C   1 
ATOM   88   O O   . ILE A 1 11  ? 6.969   3.407   -9.431  1.00 32.40 ? 11  ILE A O   1 
ATOM   89   C CB  . ILE A 1 11  ? 8.000   6.259   -9.539  1.00 25.16 ? 11  ILE A CB  1 
ATOM   90   C CG1 . ILE A 1 11  ? 7.743   7.761   -9.633  1.00 34.13 ? 11  ILE A CG1 1 
ATOM   91   C CG2 . ILE A 1 11  ? 9.390   5.931   -9.865  1.00 30.08 ? 11  ILE A CG2 1 
ATOM   92   C CD1 . ILE A 1 11  ? 8.460   8.518   -8.595  1.00 41.63 ? 11  ILE A CD1 1 
ATOM   93   N N   . PRO A 1 12  ? 7.804   3.525   -11.537 1.00 28.76 ? 12  PRO A N   1 
ATOM   94   C CA  . PRO A 1 12  ? 8.034   2.080   -11.654 1.00 26.44 ? 12  PRO A CA  1 
ATOM   95   C C   . PRO A 1 12  ? 8.863   1.440   -10.575 1.00 25.04 ? 12  PRO A C   1 
ATOM   96   O O   . PRO A 1 12  ? 8.465   0.427   -10.033 1.00 24.63 ? 12  PRO A O   1 
ATOM   97   C CB  . PRO A 1 12  ? 8.645   1.909   -13.073 1.00 29.37 ? 12  PRO A CB  1 
ATOM   98   C CG  . PRO A 1 12  ? 9.367   3.204   -13.331 1.00 31.33 ? 12  PRO A CG  1 
ATOM   99   C CD  . PRO A 1 12  ? 8.504   4.286   -12.610 1.00 32.18 ? 12  PRO A CD  1 
ATOM   100  N N   . GLN A 1 13  ? 9.980   2.056   -10.244 1.00 24.38 ? 13  GLN A N   1 
ATOM   101  C CA  . GLN A 1 13  ? 10.882  1.523   -9.253  1.00 31.06 ? 13  GLN A CA  1 
ATOM   102  C C   . GLN A 1 13  ? 10.266  1.362   -7.876  1.00 28.40 ? 13  GLN A C   1 
ATOM   103  O O   . GLN A 1 13  ? 10.592  0.409   -7.179  1.00 29.76 ? 13  GLN A O   1 
ATOM   104  C CB  . GLN A 1 13  ? 12.159  2.385   -9.193  1.00 31.34 ? 13  GLN A CB  1 
ATOM   105  C CG  . GLN A 1 13  ? 12.900  2.465   -10.577 1.00 38.32 ? 13  GLN A CG  1 
ATOM   106  C CD  . GLN A 1 13  ? 12.504  3.687   -11.480 1.00 36.89 ? 13  GLN A CD  1 
ATOM   107  O OE1 . GLN A 1 13  ? 11.341  4.039   -11.605 1.00 33.97 ? 13  GLN A OE1 1 
ATOM   108  N NE2 . GLN A 1 13  ? 13.504  4.305   -12.117 1.00 40.16 ? 13  GLN A NE2 1 
ATOM   109  N N   . ASN A 1 14  ? 9.374   2.275   -7.478  1.00 30.43 ? 14  ASN A N   1 
ATOM   110  C CA  . ASN A 1 14  ? 8.761   2.155   -6.153  1.00 28.30 ? 14  ASN A CA  1 
ATOM   111  C C   . ASN A 1 14  ? 7.877   0.966   -6.123  1.00 26.00 ? 14  ASN A C   1 
ATOM   112  O O   . ASN A 1 14  ? 7.902   0.193   -5.160  1.00 24.85 ? 14  ASN A O   1 
ATOM   113  C CB  . ASN A 1 14  ? 7.892   3.358   -5.780  1.00 28.69 ? 14  ASN A CB  1 
ATOM   114  C CG  . ASN A 1 14  ? 8.702   4.539   -5.374  1.00 27.73 ? 14  ASN A CG  1 
ATOM   115  O OD1 . ASN A 1 14  ? 9.752   4.395   -4.770  1.00 29.83 ? 14  ASN A OD1 1 
ATOM   116  N ND2 . ASN A 1 14  ? 8.219   5.728   -5.700  1.00 28.05 ? 14  ASN A ND2 1 
ATOM   117  N N   . THR A 1 15  ? 7.075   0.840   -7.171  1.00 20.45 ? 15  THR A N   1 
ATOM   118  C CA  . THR A 1 15  ? 6.128   -0.262  -7.283  1.00 22.87 ? 15  THR A CA  1 
ATOM   119  C C   . THR A 1 15  ? 6.873   -1.613  -7.345  1.00 26.11 ? 15  THR A C   1 
ATOM   120  O O   . THR A 1 15  ? 6.395   -2.633  -6.828  1.00 26.91 ? 15  THR A O   1 
ATOM   121  C CB  . THR A 1 15  ? 5.249   -0.069  -8.516  1.00 23.65 ? 15  THR A CB  1 
ATOM   122  O OG1 . THR A 1 15  ? 4.221   0.886   -8.232  1.00 29.60 ? 15  THR A OG1 1 
ATOM   123  C CG2 . THR A 1 15  ? 4.609   -1.360  -8.918  1.00 25.76 ? 15  THR A CG2 1 
ATOM   124  N N   . GLY A 1 16  ? 8.041   -1.625  -7.973  1.00 27.36 ? 16  GLY A N   1 
ATOM   125  C CA  . GLY A 1 16  ? 8.825   -2.851  -7.994  1.00 23.99 ? 16  GLY A CA  1 
ATOM   126  C C   . GLY A 1 16  ? 9.322   -3.246  -6.606  1.00 24.46 ? 16  GLY A C   1 
ATOM   127  O O   . GLY A 1 16  ? 9.403   -4.447  -6.260  1.00 23.30 ? 16  GLY A O   1 
ATOM   128  N N   . ASN A 1 17  ? 9.680   -2.260  -5.797  1.00 25.55 ? 17  ASN A N   1 
ATOM   129  C CA  . ASN A 1 17  ? 10.153  -2.555  -4.455  1.00 23.94 ? 17  ASN A CA  1 
ATOM   130  C C   . ASN A 1 17  ? 8.928   -2.995  -3.638  1.00 21.39 ? 17  ASN A C   1 
ATOM   131  O O   . ASN A 1 17  ? 9.042   -3.825  -2.743  1.00 17.53 ? 17  ASN A O   1 
ATOM   132  C CB  . ASN A 1 17  ? 10.782  -1.312  -3.773  1.00 27.19 ? 17  ASN A CB  1 
ATOM   133  C CG  . ASN A 1 17  ? 12.190  -0.941  -4.305  1.00 37.00 ? 17  ASN A CG  1 
ATOM   134  O OD1 . ASN A 1 17  ? 12.810  -1.643  -5.131  1.00 37.56 ? 17  ASN A OD1 1 
ATOM   135  N ND2 . ASN A 1 17  ? 12.701  0.193   -3.804  1.00 40.32 ? 17  ASN A ND2 1 
ATOM   136  N N   . ILE A 1 18  ? 7.747   -2.455  -3.947  1.00 16.22 ? 18  ILE A N   1 
ATOM   137  C CA  . ILE A 1 18  ? 6.569   -2.824  -3.183  1.00 17.62 ? 18  ILE A CA  1 
ATOM   138  C C   . ILE A 1 18  ? 6.139   -4.209  -3.597  1.00 16.04 ? 18  ILE A C   1 
ATOM   139  O O   . ILE A 1 18  ? 5.629   -4.963  -2.802  1.00 15.07 ? 18  ILE A O   1 
ATOM   140  C CB  . ILE A 1 18  ? 5.435   -1.803  -3.356  1.00 13.17 ? 18  ILE A CB  1 
ATOM   141  C CG1 . ILE A 1 18  ? 5.850   -0.478  -2.688  1.00 16.41 ? 18  ILE A CG1 1 
ATOM   142  C CG2 . ILE A 1 18  ? 4.156   -2.302  -2.689  1.00 15.65 ? 18  ILE A CG2 1 
ATOM   143  C CD1 . ILE A 1 18  ? 5.023   0.809   -3.174  1.00 16.40 ? 18  ILE A CD1 1 
ATOM   144  N N   . ILE A 1 19  ? 6.344   -4.548  -4.856  1.00 17.14 ? 19  ILE A N   1 
ATOM   145  C CA  . ILE A 1 19  ? 5.985   -5.881  -5.267  1.00 19.28 ? 19  ILE A CA  1 
ATOM   146  C C   . ILE A 1 19  ? 6.886   -6.862  -4.518  1.00 14.36 ? 19  ILE A C   1 
ATOM   147  O O   . ILE A 1 19  ? 6.424   -7.879  -4.058  1.00 19.80 ? 19  ILE A O   1 
ATOM   148  C CB  . ILE A 1 19  ? 6.155   -6.108  -6.754  1.00 19.24 ? 19  ILE A CB  1 
ATOM   149  C CG1 . ILE A 1 19  ? 5.115   -5.301  -7.531  1.00 19.64 ? 19  ILE A CG1 1 
ATOM   150  C CG2 . ILE A 1 19  ? 5.953   -7.606  -7.053  1.00 21.54 ? 19  ILE A CG2 1 
ATOM   151  C CD1 . ILE A 1 19  ? 5.440   -5.264  -8.991  1.00 19.65 ? 19  ILE A CD1 1 
ATOM   152  N N   . ARG A 1 20  ? 8.154   -6.537  -4.347  1.00 20.55 ? 20  ARG A N   1 
ATOM   153  C CA  . ARG A 1 20  ? 9.062   -7.431  -3.627  1.00 20.49 ? 20  ARG A CA  1 
ATOM   154  C C   . ARG A 1 20  ? 8.653   -7.553  -2.140  1.00 25.33 ? 20  ARG A C   1 
ATOM   155  O O   . ARG A 1 20  ? 8.627   -8.661  -1.577  1.00 21.18 ? 20  ARG A O   1 
ATOM   156  C CB  . ARG A 1 20  ? 10.500  -6.924  -3.795  1.00 24.25 ? 20  ARG A CB  1 
ATOM   157  C CG  . ARG A 1 20  ? 11.542  -7.281  -2.706  1.00 25.47 ? 20  ARG A CG  1 
ATOM   158  C CD  . ARG A 1 20  ? 12.037  -8.695  -2.846  1.00 35.94 ? 20  ARG A CD  1 
ATOM   159  N NE  . ARG A 1 20  ? 12.280  -9.065  -4.243  1.00 34.40 ? 20  ARG A NE  1 
ATOM   160  C CZ  . ARG A 1 20  ? 13.411  -8.861  -4.897  1.00 35.62 ? 20  ARG A CZ  1 
ATOM   161  N NH1 . ARG A 1 20  ? 14.455  -8.280  -4.303  1.00 30.76 ? 20  ARG A NH1 1 
ATOM   162  N NH2 . ARG A 1 20  ? 13.501  -9.262  -6.159  1.00 34.05 ? 20  ARG A NH2 1 
ATOM   163  N N   . LEU A 1 21  ? 8.305   -6.410  -1.532  1.00 22.98 ? 21  LEU A N   1 
ATOM   164  C CA  . LEU A 1 21  ? 7.847   -6.350  -0.138  1.00 19.93 ? 21  LEU A CA  1 
ATOM   165  C C   . LEU A 1 21  ? 6.612   -7.283  0.061   1.00 21.12 ? 21  LEU A C   1 
ATOM   166  O O   . LEU A 1 21  ? 6.542   -8.073  1.010   1.00 20.18 ? 21  LEU A O   1 
ATOM   167  C CB  . LEU A 1 21  ? 7.444   -4.912  0.188   1.00 15.66 ? 21  LEU A CB  1 
ATOM   168  C CG  . LEU A 1 21  ? 6.679   -4.628  1.482   1.00 24.97 ? 21  LEU A CG  1 
ATOM   169  C CD1 . LEU A 1 21  ? 7.617   -4.833  2.668   1.00 18.95 ? 21  LEU A CD1 1 
ATOM   170  C CD2 . LEU A 1 21  ? 6.120   -3.182  1.500   1.00 20.10 ? 21  LEU A CD2 1 
ATOM   171  N N   . CYS A 1 22  ? 5.640   -7.152  -0.827  1.00 15.82 ? 22  CYS A N   1 
ATOM   172  C CA  . CYS A 1 22  ? 4.454   -7.942  -0.752  1.00 15.17 ? 22  CYS A CA  1 
ATOM   173  C C   . CYS A 1 22  ? 4.780   -9.434  -0.888  1.00 15.55 ? 22  CYS A C   1 
ATOM   174  O O   . CYS A 1 22  ? 4.274   -10.233 -0.127  1.00 17.53 ? 22  CYS A O   1 
ATOM   175  C CB  . CYS A 1 22  ? 3.426   -7.458  -1.791  1.00 17.49 ? 22  CYS A CB  1 
ATOM   176  S SG  . CYS A 1 22  ? 2.687   -5.830  -1.255  1.00 23.81 ? 22  CYS A SG  1 
ATOM   177  N N   . ALA A 1 23  ? 5.605   -9.818  -1.858  1.00 16.93 ? 23  ALA A N   1 
ATOM   178  C CA  . ALA A 1 23  ? 5.961   -11.228 -1.992  1.00 20.60 ? 23  ALA A CA  1 
ATOM   179  C C   . ALA A 1 23  ? 6.781   -11.684 -0.749  1.00 18.57 ? 23  ALA A C   1 
ATOM   180  O O   . ALA A 1 23  ? 6.580   -12.786 -0.251  1.00 17.50 ? 23  ALA A O   1 
ATOM   181  C CB  . ALA A 1 23  ? 6.708   -11.470 -3.279  1.00 20.25 ? 23  ALA A CB  1 
ATOM   182  N N   . ASN A 1 24  ? 7.629   -10.835 -0.194  1.00 20.92 ? 24  ASN A N   1 
ATOM   183  C CA  . ASN A 1 24  ? 8.377   -11.240 1.010   1.00 16.78 ? 24  ASN A CA  1 
ATOM   184  C C   . ASN A 1 24  ? 7.556   -11.332 2.295   1.00 19.43 ? 24  ASN A C   1 
ATOM   185  O O   . ASN A 1 24  ? 8.047   -11.867 3.285   1.00 19.97 ? 24  ASN A O   1 
ATOM   186  C CB  . ASN A 1 24  ? 9.523   -10.269 1.322   1.00 17.58 ? 24  ASN A CB  1 
ATOM   187  C CG  . ASN A 1 24  ? 10.641  -10.398 0.378   1.00 26.72 ? 24  ASN A CG  1 
ATOM   188  O OD1 . ASN A 1 24  ? 10.608  -11.270 -0.482  1.00 21.45 ? 24  ASN A OD1 1 
ATOM   189  N ND2 . ASN A 1 24  ? 11.659  -9.517  0.503   1.00 18.08 ? 24  ASN A ND2 1 
ATOM   190  N N   . THR A 1 25  ? 6.342   -10.759 2.300   1.00 15.98 ? 25  THR A N   1 
ATOM   191  C CA  . THR A 1 25  ? 5.520   -10.728 3.502   1.00 16.63 ? 25  THR A CA  1 
ATOM   192  C C   . THR A 1 25  ? 4.200   -11.524 3.411   1.00 15.97 ? 25  THR A C   1 
ATOM   193  O O   . THR A 1 25  ? 3.555   -11.807 4.436   1.00 14.78 ? 25  THR A O   1 
ATOM   194  C CB  . THR A 1 25  ? 5.175   -9.275  3.882   1.00 12.82 ? 25  THR A CB  1 
ATOM   195  O OG1 . THR A 1 25  ? 4.502   -8.661  2.776   1.00 15.29 ? 25  THR A OG1 1 
ATOM   196  C CG2 . THR A 1 25  ? 6.502   -8.435  4.227   1.00 8.08  ? 25  THR A CG2 1 
ATOM   197  N N   . GLY A 1 26  ? 3.788   -11.848 2.189   1.00 18.05 ? 26  GLY A N   1 
ATOM   198  C CA  . GLY A 1 26  ? 2.562   -12.586 2.032   1.00 17.36 ? 26  GLY A CA  1 
ATOM   199  C C   . GLY A 1 26  ? 1.467   -11.566 1.916   1.00 19.61 ? 26  GLY A C   1 
ATOM   200  O O   . GLY A 1 26  ? 0.310   -11.880 1.982   1.00 17.89 ? 26  GLY A O   1 
ATOM   201  N N   . PHE A 1 27  ? 1.808   -10.302 1.747   1.00 17.25 ? 27  PHE A N   1 
ATOM   202  C CA  . PHE A 1 27  ? 0.711   -9.385  1.602   1.00 18.94 ? 27  PHE A CA  1 
ATOM   203  C C   . PHE A 1 27  ? 0.280   -9.360  0.104   1.00 16.17 ? 27  PHE A C   1 
ATOM   204  O O   . PHE A 1 27  ? 1.106   -9.431  -0.776  1.00 17.86 ? 27  PHE A O   1 
ATOM   205  C CB  . PHE A 1 27  ? 1.118   -8.021  2.129   1.00 15.33 ? 27  PHE A CB  1 
ATOM   206  C CG  . PHE A 1 27  ? 1.029   -7.893  3.670   1.00 13.04 ? 27  PHE A CG  1 
ATOM   207  C CD1 . PHE A 1 27  ? 0.187   -6.946  4.237   1.00 14.61 ? 27  PHE A CD1 1 
ATOM   208  C CD2 . PHE A 1 27  ? 1.810   -8.693  4.514   1.00 16.42 ? 27  PHE A CD2 1 
ATOM   209  C CE1 . PHE A 1 27  ? 0.106   -6.780  5.621   1.00 15.56 ? 27  PHE A CE1 1 
ATOM   210  C CE2 . PHE A 1 27  ? 1.745   -8.540  5.915   1.00 17.57 ? 27  PHE A CE2 1 
ATOM   211  C CZ  . PHE A 1 27  ? 0.890   -7.591  6.477   1.00 11.32 ? 27  PHE A CZ  1 
ATOM   212  N N   . ARG A 1 28  ? -1.019  -9.279  -0.135  1.00 17.10 ? 28  ARG A N   1 
ATOM   213  C CA  . ARG A 1 28  ? -1.567  -9.233  -1.494  1.00 20.71 ? 28  ARG A CA  1 
ATOM   214  C C   . ARG A 1 28  ? -1.599  -7.801  -1.957  1.00 18.76 ? 28  ARG A C   1 
ATOM   215  O O   . ARG A 1 28  ? -2.118  -6.954  -1.252  1.00 22.89 ? 28  ARG A O   1 
ATOM   216  C CB  . ARG A 1 28  ? -2.981  -9.781  -1.516  1.00 27.22 ? 28  ARG A CB  1 
ATOM   217  C CG  . ARG A 1 28  ? -3.052  -11.284 -1.231  1.00 32.30 ? 28  ARG A CG  1 
ATOM   218  C CD  . ARG A 1 28  ? -4.499  -11.803 -1.102  1.00 38.60 ? 28  ARG A CD  1 
ATOM   219  N NE  . ARG A 1 28  ? -5.169  -11.378 0.136   1.00 43.78 ? 28  ARG A NE  1 
ATOM   220  C CZ  . ARG A 1 28  ? -4.710  -11.567 1.386   1.00 46.63 ? 28  ARG A CZ  1 
ATOM   221  N NH1 . ARG A 1 28  ? -3.543  -12.193 1.638   1.00 45.62 ? 28  ARG A NH1 1 
ATOM   222  N NH2 . ARG A 1 28  ? -5.417  -11.093 2.405   1.00 41.98 ? 28  ARG A NH2 1 
ATOM   223  N N   . LEU A 1 29  ? -1.066  -7.545  -3.148  1.00 20.21 ? 29  LEU A N   1 
ATOM   224  C CA  . LEU A 1 29  ? -1.020  -6.187  -3.714  1.00 22.30 ? 29  LEU A CA  1 
ATOM   225  C C   . LEU A 1 29  ? -2.068  -5.827  -4.757  1.00 22.81 ? 29  LEU A C   1 
ATOM   226  O O   . LEU A 1 29  ? -2.320  -6.595  -5.683  1.00 17.20 ? 29  LEU A O   1 
ATOM   227  C CB  . LEU A 1 29  ? 0.325   -5.940  -4.369  1.00 23.28 ? 29  LEU A CB  1 
ATOM   228  C CG  . LEU A 1 29  ? 0.516   -4.533  -5.010  1.00 13.24 ? 29  LEU A CG  1 
ATOM   229  C CD1 . LEU A 1 29  ? 0.451   -3.441  -3.903  1.00 14.19 ? 29  LEU A CD1 1 
ATOM   230  C CD2 . LEU A 1 29  ? 1.914   -4.467  -5.614  1.00 26.56 ? 29  LEU A CD2 1 
ATOM   231  N N   . HIS A 1 30  ? -2.688  -4.659  -4.603  1.00 21.29 ? 30  HIS A N   1 
ATOM   232  C CA  . HIS A 1 30  ? -3.617  -4.179  -5.605  1.00 20.51 ? 30  HIS A CA  1 
ATOM   233  C C   . HIS A 1 30  ? -3.117  -2.820  -6.150  1.00 22.65 ? 30  HIS A C   1 
ATOM   234  O O   . HIS A 1 30  ? -2.549  -2.001  -5.403  1.00 25.14 ? 30  HIS A O   1 
ATOM   235  C CB  . HIS A 1 30  ? -4.990  -3.937  -5.011  1.00 16.98 ? 30  HIS A CB  1 
ATOM   236  C CG  . HIS A 1 30  ? -5.627  -5.136  -4.392  1.00 23.65 ? 30  HIS A CG  1 
ATOM   237  N ND1 . HIS A 1 30  ? -5.183  -5.691  -3.209  1.00 27.40 ? 30  HIS A ND1 1 
ATOM   238  C CD2 . HIS A 1 30  ? -6.697  -5.871  -4.777  1.00 18.65 ? 30  HIS A CD2 1 
ATOM   239  C CE1 . HIS A 1 30  ? -5.946  -6.725  -2.900  1.00 24.95 ? 30  HIS A CE1 1 
ATOM   240  N NE2 . HIS A 1 30  ? -6.867  -6.856  -3.831  1.00 28.35 ? 30  HIS A NE2 1 
ATOM   241  N N   . LEU A 1 31  ? -3.366  -2.538  -7.425  1.00 23.57 ? 31  LEU A N   1 
ATOM   242  C CA  . LEU A 1 31  ? -2.969  -1.248  -8.005  1.00 26.41 ? 31  LEU A CA  1 
ATOM   243  C C   . LEU A 1 31  ? -4.168  -0.548  -8.645  1.00 27.60 ? 31  LEU A C   1 
ATOM   244  O O   . LEU A 1 31  ? -4.832  -1.116  -9.507  1.00 32.23 ? 31  LEU A O   1 
ATOM   245  C CB  . LEU A 1 31  ? -1.925  -1.455  -9.077  1.00 28.15 ? 31  LEU A CB  1 
ATOM   246  C CG  . LEU A 1 31  ? -0.689  -2.204  -8.683  1.00 31.56 ? 31  LEU A CG  1 
ATOM   247  C CD1 . LEU A 1 31  ? 0.229   -2.206  -9.865  1.00 28.08 ? 31  LEU A CD1 1 
ATOM   248  C CD2 . LEU A 1 31  ? -0.031  -1.514  -7.470  1.00 26.74 ? 31  LEU A CD2 1 
ATOM   249  N N   . ILE A 1 32  ? -4.456  0.680   -8.244  1.00 27.09 ? 32  ILE A N   1 
ATOM   250  C CA  . ILE A 1 32  ? -5.585  1.386   -8.837  1.00 23.84 ? 32  ILE A CA  1 
ATOM   251  C C   . ILE A 1 32  ? -5.075  2.246   -9.996  1.00 21.77 ? 32  ILE A C   1 
ATOM   252  O O   . ILE A 1 32  ? -4.219  3.129   -9.844  1.00 19.27 ? 32  ILE A O   1 
ATOM   253  C CB  . ILE A 1 32  ? -6.337  2.184   -7.751  1.00 23.22 ? 32  ILE A CB  1 
ATOM   254  C CG1 . ILE A 1 32  ? -6.840  1.186   -6.710  1.00 25.65 ? 32  ILE A CG1 1 
ATOM   255  C CG2 . ILE A 1 32  ? -7.564  2.898   -8.313  1.00 13.68 ? 32  ILE A CG2 1 
ATOM   256  C CD1 . ILE A 1 32  ? -7.828  1.796   -5.703  1.00 28.00 ? 32  ILE A CD1 1 
ATOM   257  N N   . GLU A 1 33  ? -5.535  1.921   -11.193 1.00 25.98 ? 33  GLU A N   1 
ATOM   258  C CA  . GLU A 1 33  ? -5.115  2.673   -12.382 1.00 22.72 ? 33  GLU A CA  1 
ATOM   259  C C   . GLU A 1 33  ? -5.747  4.067   -12.405 1.00 23.65 ? 33  GLU A C   1 
ATOM   260  O O   . GLU A 1 33  ? -6.759  4.298   -11.743 1.00 25.26 ? 33  GLU A O   1 
ATOM   261  C CB  . GLU A 1 33  ? -5.511  1.903   -13.648 1.00 23.47 ? 33  GLU A CB  1 
ATOM   262  C CG  . GLU A 1 33  ? -4.901  0.498   -13.705 1.00 34.60 ? 33  GLU A CG  1 
ATOM   263  C CD  . GLU A 1 33  ? -5.256  -0.291  -14.978 1.00 37.46 ? 33  GLU A CD  1 
ATOM   264  O OE1 . GLU A 1 33  ? -6.446  -0.313  -15.356 1.00 34.58 ? 33  GLU A OE1 1 
ATOM   265  O OE2 . GLU A 1 33  ? -4.335  -0.892  -15.587 1.00 42.70 ? 33  GLU A OE2 1 
ATOM   266  N N   . PRO A 1 34  ? -5.192  5.010   -13.208 1.00 25.18 ? 34  PRO A N   1 
ATOM   267  C CA  . PRO A 1 34  ? -4.021  4.880   -14.086 1.00 21.65 ? 34  PRO A CA  1 
ATOM   268  C C   . PRO A 1 34  ? -2.701  4.793   -13.307 1.00 22.75 ? 34  PRO A C   1 
ATOM   269  O O   . PRO A 1 34  ? -2.513  5.501   -12.309 1.00 21.71 ? 34  PRO A O   1 
ATOM   270  C CB  . PRO A 1 34  ? -4.064  6.180   -14.931 1.00 24.47 ? 34  PRO A CB  1 
ATOM   271  C CG  . PRO A 1 34  ? -4.611  7.217   -13.964 1.00 21.70 ? 34  PRO A CG  1 
ATOM   272  C CD  . PRO A 1 34  ? -5.758  6.389   -13.283 1.00 26.76 ? 34  PRO A CD  1 
ATOM   273  N N   . LEU A 1 35  ? -1.801  3.941   -13.782 1.00 24.30 ? 35  LEU A N   1 
ATOM   274  C CA  . LEU A 1 35  ? -0.471  3.803   -13.218 1.00 25.30 ? 35  LEU A CA  1 
ATOM   275  C C   . LEU A 1 35  ? 0.357   4.773   -14.030 1.00 29.12 ? 35  LEU A C   1 
ATOM   276  O O   . LEU A 1 35  ? -0.077  5.201   -15.118 1.00 31.54 ? 35  LEU A O   1 
ATOM   277  C CB  . LEU A 1 35  ? 0.067   2.364   -13.398 1.00 27.18 ? 35  LEU A CB  1 
ATOM   278  C CG  . LEU A 1 35  ? -0.886  1.218   -13.039 1.00 22.22 ? 35  LEU A CG  1 
ATOM   279  C CD1 . LEU A 1 35  ? -0.181  -0.100  -13.269 1.00 20.00 ? 35  LEU A CD1 1 
ATOM   280  C CD2 . LEU A 1 35  ? -1.386  1.334   -11.626 1.00 25.62 ? 35  LEU A CD2 1 
ATOM   281  N N   . GLY A 1 36  ? 1.522   5.152   -13.511 1.00 26.18 ? 36  GLY A N   1 
ATOM   282  C CA  . GLY A 1 36  ? 2.367   6.080   -14.221 1.00 31.53 ? 36  GLY A CA  1 
ATOM   283  C C   . GLY A 1 36  ? 3.278   5.374   -15.214 1.00 33.48 ? 36  GLY A C   1 
ATOM   284  O O   . GLY A 1 36  ? 4.169   5.998   -15.796 1.00 31.80 ? 36  GLY A O   1 
ATOM   285  N N   . PHE A 1 37  ? 3.055   4.080   -15.416 1.00 34.38 ? 37  PHE A N   1 
ATOM   286  C CA  . PHE A 1 37  ? 3.880   3.287   -16.332 1.00 33.58 ? 37  PHE A CA  1 
ATOM   287  C C   . PHE A 1 37  ? 3.104   2.090   -16.856 1.00 33.70 ? 37  PHE A C   1 
ATOM   288  O O   . PHE A 1 37  ? 2.100   1.667   -16.286 1.00 30.78 ? 37  PHE A O   1 
ATOM   289  C CB  . PHE A 1 37  ? 5.125   2.818   -15.593 1.00 36.22 ? 37  PHE A CB  1 
ATOM   290  C CG  . PHE A 1 37  ? 4.829   2.305   -14.207 1.00 34.55 ? 37  PHE A CG  1 
ATOM   291  C CD1 . PHE A 1 37  ? 4.705   3.192   -13.133 1.00 36.48 ? 37  PHE A CD1 1 
ATOM   292  C CD2 . PHE A 1 37  ? 4.553   0.957   -13.996 1.00 37.90 ? 37  PHE A CD2 1 
ATOM   293  C CE1 . PHE A 1 37  ? 4.297   2.733   -11.852 1.00 33.66 ? 37  PHE A CE1 1 
ATOM   294  C CE2 . PHE A 1 37  ? 4.145   0.490   -12.725 1.00 34.50 ? 37  PHE A CE2 1 
ATOM   295  C CZ  . PHE A 1 37  ? 4.019   1.385   -11.661 1.00 33.15 ? 37  PHE A CZ  1 
ATOM   296  N N   . THR A 1 38  ? 3.552   1.526   -17.964 1.00 38.10 ? 38  THR A N   1 
ATOM   297  C CA  . THR A 1 38  ? 2.841   0.366   -18.476 1.00 37.71 ? 38  THR A CA  1 
ATOM   298  C C   . THR A 1 38  ? 3.329   -0.829  -17.622 1.00 38.79 ? 38  THR A C   1 
ATOM   299  O O   . THR A 1 38  ? 4.484   -0.875  -17.189 1.00 34.37 ? 38  THR A O   1 
ATOM   300  C CB  . THR A 1 38  ? 3.173   0.089   -19.948 1.00 33.95 ? 38  THR A CB  1 
ATOM   301  O OG1 . THR A 1 38  ? 4.576   -0.122  -20.066 1.00 34.36 ? 38  THR A OG1 1 
ATOM   302  C CG2 . THR A 1 38  ? 2.771   1.243   -20.814 1.00 33.39 ? 38  THR A CG2 1 
ATOM   303  N N   . TRP A 1 39  ? 2.419   -1.778  -17.407 1.00 41.15 ? 39  TRP A N   1 
ATOM   304  C CA  . TRP A 1 39  ? 2.663   -2.976  -16.627 1.00 43.02 ? 39  TRP A CA  1 
ATOM   305  C C   . TRP A 1 39  ? 3.832   -3.736  -17.201 1.00 43.37 ? 39  TRP A C   1 
ATOM   306  O O   . TRP A 1 39  ? 4.441   -4.580  -16.564 1.00 41.76 ? 39  TRP A O   1 
ATOM   307  C CB  . TRP A 1 39  ? 1.423   -3.870  -16.656 1.00 42.40 ? 39  TRP A CB  1 
ATOM   308  C CG  . TRP A 1 39  ? 1.446   -4.876  -15.592 1.00 43.92 ? 39  TRP A CG  1 
ATOM   309  C CD1 . TRP A 1 39  ? 1.140   -6.192  -15.707 1.00 45.98 ? 39  TRP A CD1 1 
ATOM   310  C CD2 . TRP A 1 39  ? 1.816   -4.660  -14.231 1.00 44.79 ? 39  TRP A CD2 1 
ATOM   311  N NE1 . TRP A 1 39  ? 1.297   -6.823  -14.496 1.00 46.03 ? 39  TRP A NE1 1 
ATOM   312  C CE2 . TRP A 1 39  ? 1.716   -5.904  -13.571 1.00 47.83 ? 39  TRP A CE2 1 
ATOM   313  C CE3 . TRP A 1 39  ? 2.231   -3.541  -13.506 1.00 45.75 ? 39  TRP A CE3 1 
ATOM   314  C CZ2 . TRP A 1 39  ? 2.016   -6.062  -12.214 1.00 46.76 ? 39  TRP A CZ2 1 
ATOM   315  C CZ3 . TRP A 1 39  ? 2.531   -3.697  -12.147 1.00 50.18 ? 39  TRP A CZ3 1 
ATOM   316  C CH2 . TRP A 1 39  ? 2.421   -4.953  -11.522 1.00 49.29 ? 39  TRP A CH2 1 
ATOM   317  N N   . ASP A 1 40  ? 4.169   -3.390  -18.415 1.00 47.07 ? 40  ASP A N   1 
ATOM   318  C CA  . ASP A 1 40  ? 5.223   -4.078  -19.095 1.00 49.14 ? 40  ASP A CA  1 
ATOM   319  C C   . ASP A 1 40  ? 6.526   -3.329  -19.053 1.00 49.85 ? 40  ASP A C   1 
ATOM   320  O O   . ASP A 1 40  ? 7.550   -3.852  -19.497 1.00 49.38 ? 40  ASP A O   1 
ATOM   321  C CB  . ASP A 1 40  ? 4.788   -4.268  -20.530 1.00 52.65 ? 40  ASP A CB  1 
ATOM   322  C CG  . ASP A 1 40  ? 5.519   -5.363  -21.192 1.00 53.56 ? 40  ASP A CG  1 
ATOM   323  O OD1 . ASP A 1 40  ? 5.113   -6.536  -21.005 1.00 53.52 ? 40  ASP A OD1 1 
ATOM   324  O OD2 . ASP A 1 40  ? 6.508   -5.034  -21.875 1.00 58.14 ? 40  ASP A OD2 1 
ATOM   325  N N   . ASP A 1 41  ? 6.486   -2.107  -18.529 1.00 51.95 ? 41  ASP A N   1 
ATOM   326  C CA  . ASP A 1 41  ? 7.672   -1.259  -18.472 1.00 55.32 ? 41  ASP A CA  1 
ATOM   327  C C   . ASP A 1 41  ? 8.946   -1.985  -18.054 1.00 56.39 ? 41  ASP A C   1 
ATOM   328  O O   . ASP A 1 41  ? 8.912   -2.914  -17.246 1.00 57.59 ? 41  ASP A O   1 
ATOM   329  C CB  . ASP A 1 41  ? 7.450   -0.040  -17.566 1.00 55.73 ? 41  ASP A CB  1 
ATOM   330  C CG  . ASP A 1 41  ? 8.431   1.094   -17.884 1.00 58.57 ? 41  ASP A CG  1 
ATOM   331  O OD1 . ASP A 1 41  ? 8.297   1.721   -18.960 1.00 61.43 ? 41  ASP A OD1 1 
ATOM   332  O OD2 . ASP A 1 41  ? 9.349   1.340   -17.076 1.00 55.33 ? 41  ASP A OD2 1 
ATOM   333  N N   . LYS A 1 42  ? 10.072  -1.541  -18.607 1.00 56.32 ? 42  LYS A N   1 
ATOM   334  C CA  . LYS A 1 42  ? 11.377  -2.154  -18.350 1.00 58.27 ? 42  LYS A CA  1 
ATOM   335  C C   . LYS A 1 42  ? 12.032  -1.795  -17.016 1.00 59.73 ? 42  LYS A C   1 
ATOM   336  O O   . LYS A 1 42  ? 12.824  -2.588  -16.486 1.00 58.83 ? 42  LYS A O   1 
ATOM   337  C CB  . LYS A 1 42  ? 12.356  -1.786  -19.477 1.00 59.20 ? 42  LYS A CB  1 
ATOM   338  C CG  . LYS A 1 42  ? 11.962  -2.211  -20.885 1.00 57.30 ? 42  LYS A CG  1 
ATOM   339  C CD  . LYS A 1 42  ? 12.935  -1.572  -21.870 1.00 59.29 ? 42  LYS A CD  1 
ATOM   340  C CE  . LYS A 1 42  ? 12.587  -1.843  -23.329 1.00 62.31 ? 42  LYS A CE  1 
ATOM   341  N NZ  . LYS A 1 42  ? 13.528  -1.133  -24.258 1.00 61.24 ? 42  LYS A NZ  1 
ATOM   342  N N   . ARG A 1 43  ? 11.738  -0.601  -16.488 1.00 60.41 ? 43  ARG A N   1 
ATOM   343  C CA  . ARG A 1 43  ? 12.342  -0.196  -15.216 1.00 61.14 ? 43  ARG A CA  1 
ATOM   344  C C   . ARG A 1 43  ? 11.776  -1.034  -14.086 1.00 62.68 ? 43  ARG A C   1 
ATOM   345  O O   . ARG A 1 43  ? 12.293  -1.017  -12.970 1.00 64.81 ? 43  ARG A O   1 
ATOM   346  C CB  . ARG A 1 43  ? 12.101  1.279   -14.898 1.00 59.78 ? 43  ARG A CB  1 
ATOM   347  C CG  . ARG A 1 43  ? 12.732  2.254   -15.855 1.00 55.56 ? 43  ARG A CG  1 
ATOM   348  C CD  . ARG A 1 43  ? 11.661  2.845   -16.738 1.00 54.99 ? 43  ARG A CD  1 
ATOM   349  N NE  . ARG A 1 43  ? 11.631  4.288   -16.644 1.00 52.46 ? 43  ARG A NE  1 
ATOM   350  C CZ  . ARG A 1 43  ? 10.599  5.040   -17.018 1.00 55.83 ? 43  ARG A CZ  1 
ATOM   351  N NH1 . ARG A 1 43  ? 9.496   4.474   -17.502 1.00 58.01 ? 43  ARG A NH1 1 
ATOM   352  N NH2 . ARG A 1 43  ? 10.682  6.362   -16.942 1.00 54.31 ? 43  ARG A NH2 1 
ATOM   353  N N   . LEU A 1 44  ? 10.705  -1.764  -14.376 1.00 62.64 ? 44  LEU A N   1 
ATOM   354  C CA  . LEU A 1 44  ? 10.088  -2.633  -13.389 1.00 61.56 ? 44  LEU A CA  1 
ATOM   355  C C   . LEU A 1 44  ? 10.475  -4.098  -13.663 1.00 61.11 ? 44  LEU A C   1 
ATOM   356  O O   . LEU A 1 44  ? 10.956  -4.810  -12.781 1.00 61.42 ? 44  LEU A O   1 
ATOM   357  C CB  . LEU A 1 44  ? 8.572   -2.459  -13.439 1.00 60.78 ? 44  LEU A CB  1 
ATOM   358  C CG  . LEU A 1 44  ? 7.841   -3.395  -12.477 1.00 63.80 ? 44  LEU A CG  1 
ATOM   359  C CD1 . LEU A 1 44  ? 6.745   -2.643  -11.752 1.00 64.11 ? 44  LEU A CD1 1 
ATOM   360  C CD2 . LEU A 1 44  ? 7.285   -4.595  -13.249 1.00 66.50 ? 44  LEU A CD2 1 
ATOM   361  N N   . ARG A 1 45  ? 10.269  -4.526  -14.904 1.00 60.95 ? 45  ARG A N   1 
ATOM   362  C CA  . ARG A 1 45  ? 10.565  -5.882  -15.338 1.00 61.57 ? 45  ARG A CA  1 
ATOM   363  C C   . ARG A 1 45  ? 12.024  -6.279  -15.120 1.00 61.77 ? 45  ARG A C   1 
ATOM   364  O O   . ARG A 1 45  ? 12.321  -7.424  -14.732 1.00 61.00 ? 45  ARG A O   1 
ATOM   365  C CB  . ARG A 1 45  ? 10.231  -6.024  -16.821 1.00 62.86 ? 45  ARG A CB  1 
ATOM   366  C CG  . ARG A 1 45  ? 9.218   -7.089  -17.118 1.00 62.63 ? 45  ARG A CG  1 
ATOM   367  C CD  . ARG A 1 45  ? 7.882   -6.731  -16.510 1.00 64.46 ? 45  ARG A CD  1 
ATOM   368  N NE  . ARG A 1 45  ? 7.231   -7.943  -16.043 1.00 66.13 ? 45  ARG A NE  1 
ATOM   369  C CZ  . ARG A 1 45  ? 6.022   -7.989  -15.497 1.00 65.48 ? 45  ARG A CZ  1 
ATOM   370  N NH1 . ARG A 1 45  ? 5.314   -6.877  -15.358 1.00 63.37 ? 45  ARG A NH1 1 
ATOM   371  N NH2 . ARG A 1 45  ? 5.542   -9.147  -15.055 1.00 65.25 ? 45  ARG A NH2 1 
ATOM   372  N N   . ARG A 1 46  ? 12.937  -5.340  -15.380 1.00 60.09 ? 46  ARG A N   1 
ATOM   373  C CA  . ARG A 1 46  ? 14.366  -5.620  -15.215 1.00 58.08 ? 46  ARG A CA  1 
ATOM   374  C C   . ARG A 1 46  ? 14.947  -5.039  -13.943 1.00 54.52 ? 46  ARG A C   1 
ATOM   375  O O   . ARG A 1 46  ? 16.165  -4.927  -13.799 1.00 53.13 ? 46  ARG A O   1 
ATOM   376  C CB  . ARG A 1 46  ? 15.157  -5.096  -16.405 1.00 59.69 ? 46  ARG A CB  1 
ATOM   377  C CG  . ARG A 1 46  ? 14.786  -5.741  -17.721 1.00 61.24 ? 46  ARG A CG  1 
ATOM   378  C CD  . ARG A 1 46  ? 15.669  -5.138  -18.775 1.00 62.83 ? 46  ARG A CD  1 
ATOM   379  N NE  . ARG A 1 46  ? 15.294  -5.449  -20.146 1.00 61.04 ? 46  ARG A NE  1 
ATOM   380  C CZ  . ARG A 1 46  ? 16.019  -5.045  -21.183 1.00 62.69 ? 46  ARG A CZ  1 
ATOM   381  N NH1 . ARG A 1 46  ? 17.130  -4.336  -20.962 1.00 63.50 ? 46  ARG A NH1 1 
ATOM   382  N NH2 . ARG A 1 46  ? 15.640  -5.314  -22.423 1.00 58.46 ? 46  ARG A NH2 1 
ATOM   383  N N   . SER A 1 47  ? 14.065  -4.667  -13.028 1.00 52.80 ? 47  SER A N   1 
ATOM   384  C CA  . SER A 1 47  ? 14.476  -4.121  -11.750 1.00 51.19 ? 47  SER A CA  1 
ATOM   385  C C   . SER A 1 47  ? 15.215  -5.224  -10.975 1.00 48.97 ? 47  SER A C   1 
ATOM   386  O O   . SER A 1 47  ? 15.779  -4.987  -9.906  1.00 45.02 ? 47  SER A O   1 
ATOM   387  C CB  . SER A 1 47  ? 13.244  -3.686  -10.960 1.00 53.80 ? 47  SER A CB  1 
ATOM   388  O OG  . SER A 1 47  ? 12.495  -4.824  -10.550 1.00 56.33 ? 47  SER A OG  1 
ATOM   389  N N   . GLY A 1 48  ? 15.200  -6.432  -11.533 1.00 48.35 ? 48  GLY A N   1 
ATOM   390  C CA  . GLY A 1 48  ? 15.832  -7.558  -10.882 1.00 47.13 ? 48  GLY A CA  1 
ATOM   391  C C   . GLY A 1 48  ? 14.724  -8.330  -10.213 1.00 48.51 ? 48  GLY A C   1 
ATOM   392  O O   . GLY A 1 48  ? 14.967  -9.262  -9.441  1.00 49.18 ? 48  GLY A O   1 
ATOM   393  N N   . LEU A 1 49  ? 13.489  -7.924  -10.508 1.00 47.18 ? 49  LEU A N   1 
ATOM   394  C CA  . LEU A 1 49  ? 12.318  -8.585  -9.958  1.00 45.55 ? 49  LEU A CA  1 
ATOM   395  C C   . LEU A 1 49  ? 12.136  -9.915  -10.704 1.00 44.97 ? 49  LEU A C   1 
ATOM   396  O O   . LEU A 1 49  ? 12.379  -10.018 -11.902 1.00 38.59 ? 49  LEU A O   1 
ATOM   397  C CB  . LEU A 1 49  ? 11.080  -7.710  -10.147 1.00 40.66 ? 49  LEU A CB  1 
ATOM   398  C CG  . LEU A 1 49  ? 10.094  -7.327  -9.039  1.00 35.26 ? 49  LEU A CG  1 
ATOM   399  C CD1 . LEU A 1 49  ? 10.769  -7.158  -7.670  1.00 29.50 ? 49  LEU A CD1 1 
ATOM   400  C CD2 . LEU A 1 49  ? 9.412   -6.024  -9.490  1.00 29.15 ? 49  LEU A CD2 1 
ATOM   401  N N   . ASP A 1 50  ? 11.722  -10.920 -9.947  1.00 46.68 ? 50  ASP A N   1 
ATOM   402  C CA  . ASP A 1 50  ? 11.458  -12.260 -10.449 1.00 49.75 ? 50  ASP A CA  1 
ATOM   403  C C   . ASP A 1 50  ? 9.954   -12.292 -10.776 1.00 50.67 ? 50  ASP A C   1 
ATOM   404  O O   . ASP A 1 50  ? 9.142   -11.795 -9.989  1.00 46.74 ? 50  ASP A O   1 
ATOM   405  C CB  . ASP A 1 50  ? 11.774  -13.256 -9.335  1.00 53.11 ? 50  ASP A CB  1 
ATOM   406  C CG  . ASP A 1 50  ? 11.781  -14.683 -9.809  1.00 55.97 ? 50  ASP A CG  1 
ATOM   407  O OD1 . ASP A 1 50  ? 12.860  -15.164 -10.238 1.00 55.99 ? 50  ASP A OD1 1 
ATOM   408  O OD2 . ASP A 1 50  ? 10.701  -15.310 -9.747  1.00 54.80 ? 50  ASP A OD2 1 
ATOM   409  N N   . TYR A 1 51  ? 9.571   -12.894 -11.904 1.00 54.03 ? 51  TYR A N   1 
ATOM   410  C CA  . TYR A 1 51  ? 8.152   -12.929 -12.286 1.00 56.62 ? 51  TYR A CA  1 
ATOM   411  C C   . TYR A 1 51  ? 7.188   -13.735 -11.405 1.00 54.36 ? 51  TYR A C   1 
ATOM   412  O O   . TYR A 1 51  ? 5.979   -13.582 -11.526 1.00 55.63 ? 51  TYR A O   1 
ATOM   413  C CB  . TYR A 1 51  ? 8.029   -13.333 -13.756 1.00 62.34 ? 51  TYR A CB  1 
ATOM   414  C CG  . TYR A 1 51  ? 8.838   -12.407 -14.653 1.00 69.24 ? 51  TYR A CG  1 
ATOM   415  C CD1 . TYR A 1 51  ? 9.982   -12.873 -15.316 1.00 71.60 ? 51  TYR A CD1 1 
ATOM   416  C CD2 . TYR A 1 51  ? 8.520   -11.043 -14.761 1.00 70.13 ? 51  TYR A CD2 1 
ATOM   417  C CE1 . TYR A 1 51  ? 10.797  -12.012 -16.056 1.00 73.97 ? 51  TYR A CE1 1 
ATOM   418  C CE2 . TYR A 1 51  ? 9.330   -10.174 -15.494 1.00 73.06 ? 51  TYR A CE2 1 
ATOM   419  C CZ  . TYR A 1 51  ? 10.472  -10.665 -16.139 1.00 75.47 ? 51  TYR A CZ  1 
ATOM   420  O OH  . TYR A 1 51  ? 11.315  -9.814  -16.837 1.00 77.36 ? 51  TYR A OH  1 
ATOM   421  N N   . HIS A 1 52  ? 7.717   -14.576 -10.519 1.00 52.15 ? 52  HIS A N   1 
ATOM   422  C CA  . HIS A 1 52  ? 6.881   -15.340 -9.585  1.00 52.29 ? 52  HIS A CA  1 
ATOM   423  C C   . HIS A 1 52  ? 6.256   -14.329 -8.598  1.00 51.66 ? 52  HIS A C   1 
ATOM   424  O O   . HIS A 1 52  ? 5.118   -14.470 -8.142  1.00 49.85 ? 52  HIS A O   1 
ATOM   425  C CB  . HIS A 1 52  ? 7.746   -16.348 -8.835  1.00 51.86 ? 52  HIS A CB  1 
ATOM   426  C CG  . HIS A 1 52  ? 8.312   -17.412 -9.719  1.00 57.29 ? 52  HIS A CG  1 
ATOM   427  N ND1 . HIS A 1 52  ? 7.602   -18.539 -10.068 1.00 58.42 ? 52  HIS A ND1 1 
ATOM   428  C CD2 . HIS A 1 52  ? 9.473   -17.471 -10.416 1.00 59.15 ? 52  HIS A CD2 1 
ATOM   429  C CE1 . HIS A 1 52  ? 8.297   -19.242 -10.948 1.00 61.40 ? 52  HIS A CE1 1 
ATOM   430  N NE2 . HIS A 1 52  ? 9.435   -18.615 -11.178 1.00 61.31 ? 52  HIS A NE2 1 
ATOM   431  N N   . GLU A 1 53  ? 7.028   -13.292 -8.302  1.00 50.13 ? 53  GLU A N   1 
ATOM   432  C CA  . GLU A 1 53  ? 6.624   -12.224 -7.400  1.00 47.13 ? 53  GLU A CA  1 
ATOM   433  C C   . GLU A 1 53  ? 5.412   -11.459 -7.928  1.00 46.79 ? 53  GLU A C   1 
ATOM   434  O O   . GLU A 1 53  ? 4.793   -10.705 -7.182  1.00 43.87 ? 53  GLU A O   1 
ATOM   435  C CB  . GLU A 1 53  ? 7.813   -11.271 -7.166  1.00 45.11 ? 53  GLU A CB  1 
ATOM   436  C CG  . GLU A 1 53  ? 9.051   -11.973 -6.605  1.00 43.94 ? 53  GLU A CG  1 
ATOM   437  C CD  . GLU A 1 53  ? 10.188  -11.033 -6.263  1.00 41.61 ? 53  GLU A CD  1 
ATOM   438  O OE1 . GLU A 1 53  ? 11.090  -10.868 -7.096  1.00 42.74 ? 53  GLU A OE1 1 
ATOM   439  O OE2 . GLU A 1 53  ? 10.164  -10.446 -5.169  1.00 42.86 ? 53  GLU A OE2 1 
ATOM   440  N N   . PHE A 1 54  ? 5.086   -11.648 -9.213  1.00 49.69 ? 54  PHE A N   1 
ATOM   441  C CA  . PHE A 1 54  ? 3.917   -11.007 -9.834  1.00 51.80 ? 54  PHE A CA  1 
ATOM   442  C C   . PHE A 1 54  ? 2.679   -11.885 -9.738  1.00 54.80 ? 54  PHE A C   1 
ATOM   443  O O   . PHE A 1 54  ? 2.612   -12.802 -8.920  1.00 55.57 ? 54  PHE A O   1 
ATOM   444  C CB  . PHE A 1 54  ? 4.150   -10.709 -11.319 1.00 49.45 ? 54  PHE A CB  1 
ATOM   445  C CG  . PHE A 1 54  ? 5.144   -9.623  -11.566 1.00 45.57 ? 54  PHE A CG  1 
ATOM   446  C CD1 . PHE A 1 54  ? 6.505   -9.899  -11.599 1.00 42.75 ? 54  PHE A CD1 1 
ATOM   447  C CD2 . PHE A 1 54  ? 4.718   -8.315  -11.752 1.00 44.82 ? 54  PHE A CD2 1 
ATOM   448  C CE1 . PHE A 1 54  ? 7.438   -8.881  -11.813 1.00 42.72 ? 54  PHE A CE1 1 
ATOM   449  C CE2 . PHE A 1 54  ? 5.636   -7.292  -11.967 1.00 41.15 ? 54  PHE A CE2 1 
ATOM   450  C CZ  . PHE A 1 54  ? 7.006   -7.582  -11.996 1.00 40.91 ? 54  PHE A CZ  1 
ATOM   451  N N   . ALA A 1 55  ? 1.713   -11.592 -10.612 1.00 59.92 ? 55  ALA A N   1 
ATOM   452  C CA  . ALA A 1 55  ? 0.434   -12.309 -10.726 1.00 62.82 ? 55  ALA A CA  1 
ATOM   453  C C   . ALA A 1 55  ? -0.191  -12.846 -9.425  1.00 63.51 ? 55  ALA A C   1 
ATOM   454  O O   . ALA A 1 55  ? -0.597  -13.992 -9.314  1.00 65.10 ? 55  ALA A O   1 
ATOM   455  C CB  . ALA A 1 55  ? 0.556   -13.431 -11.764 1.00 64.96 ? 55  ALA A CB  1 
ATOM   456  N N   . GLU A 1 56  ? -0.215  -11.981 -8.431  1.00 65.56 ? 56  GLU A N   1 
ATOM   457  C CA  . GLU A 1 56  ? -0.855  -12.216 -7.149  1.00 63.57 ? 56  GLU A CA  1 
ATOM   458  C C   . GLU A 1 56  ? -1.335  -10.779 -6.999  1.00 58.37 ? 56  GLU A C   1 
ATOM   459  O O   . GLU A 1 56  ? -2.015  -10.408 -6.032  1.00 59.97 ? 56  GLU A O   1 
ATOM   460  C CB  . GLU A 1 56  ? 0.126   -12.540 -6.021  1.00 68.61 ? 56  GLU A CB  1 
ATOM   461  C CG  . GLU A 1 56  ? -0.614  -12.740 -4.677  1.00 75.94 ? 56  GLU A CG  1 
ATOM   462  C CD  . GLU A 1 56  ? 0.290   -12.593 -3.448  1.00 82.37 ? 56  GLU A CD  1 
ATOM   463  O OE1 . GLU A 1 56  ? 1.031   -11.571 -3.379  1.00 84.86 ? 56  GLU A OE1 1 
ATOM   464  O OE2 . GLU A 1 56  ? 0.248   -13.492 -2.566  1.00 82.41 ? 56  GLU A OE2 1 
ATOM   465  N N   . ILE A 1 57  ? -0.937  -9.982  -7.996  1.00 48.94 ? 57  ILE A N   1 
ATOM   466  C CA  . ILE A 1 57  ? -1.270  -8.554  -8.079  1.00 39.59 ? 57  ILE A CA  1 
ATOM   467  C C   . ILE A 1 57  ? -2.604  -8.415  -8.830  1.00 37.59 ? 57  ILE A C   1 
ATOM   468  O O   . ILE A 1 57  ? -2.915  -9.179  -9.750  1.00 34.14 ? 57  ILE A O   1 
ATOM   469  C CB  . ILE A 1 57  ? -0.178  -7.779  -8.821  1.00 34.16 ? 57  ILE A CB  1 
ATOM   470  C CG1 . ILE A 1 57  ? 1.176   -8.106  -8.178  1.00 29.17 ? 57  ILE A CG1 1 
ATOM   471  C CG2 . ILE A 1 57  ? -0.474  -6.266  -8.784  1.00 27.33 ? 57  ILE A CG2 1 
ATOM   472  C CD1 . ILE A 1 57  ? 2.277   -7.263  -8.628  1.00 28.49 ? 57  ILE A CD1 1 
ATOM   473  N N   . LYS A 1 58  ? -3.414  -7.481  -8.384  1.00 27.48 ? 58  LYS A N   1 
ATOM   474  C CA  . LYS A 1 58  ? -4.672  -7.245  -9.007  1.00 27.13 ? 58  LYS A CA  1 
ATOM   475  C C   . LYS A 1 58  ? -4.659  -5.784  -9.451  1.00 28.74 ? 58  LYS A C   1 
ATOM   476  O O   . LYS A 1 58  ? -4.180  -4.916  -8.716  1.00 25.83 ? 58  LYS A O   1 
ATOM   477  C CB  . LYS A 1 58  ? -5.772  -7.449  -7.990  1.00 30.84 ? 58  LYS A CB  1 
ATOM   478  C CG  . LYS A 1 58  ? -7.070  -7.932  -8.568  1.00 37.32 ? 58  LYS A CG  1 
ATOM   479  C CD  . LYS A 1 58  ? -7.275  -9.405  -8.190  1.00 40.39 ? 58  LYS A CD  1 
ATOM   480  C CE  . LYS A 1 58  ? -7.664  -9.548  -6.729  1.00 47.11 ? 58  LYS A CE  1 
ATOM   481  N NZ  . LYS A 1 58  ? -7.212  -10.867 -6.194  1.00 51.67 ? 58  LYS A NZ  1 
ATOM   482  N N   . ARG A 1 59  ? -5.160  -5.502  -10.641 1.00 28.18 ? 59  ARG A N   1 
ATOM   483  C CA  . ARG A 1 59  ? -5.242  -4.124  -11.104 1.00 29.42 ? 59  ARG A CA  1 
ATOM   484  C C   . ARG A 1 59  ? -6.713  -3.759  -11.169 1.00 28.24 ? 59  ARG A C   1 
ATOM   485  O O   . ARG A 1 59  ? -7.552  -4.601  -11.511 1.00 26.05 ? 59  ARG A O   1 
ATOM   486  C CB  . ARG A 1 59  ? -4.561  -3.967  -12.442 1.00 29.82 ? 59  ARG A CB  1 
ATOM   487  C CG  . ARG A 1 59  ? -3.078  -3.701  -12.278 1.00 34.91 ? 59  ARG A CG  1 
ATOM   488  C CD  . ARG A 1 59  ? -2.330  -3.583  -13.592 1.00 35.88 ? 59  ARG A CD  1 
ATOM   489  N NE  . ARG A 1 59  ? -2.064  -4.907  -14.122 1.00 43.44 ? 59  ARG A NE  1 
ATOM   490  C CZ  . ARG A 1 59  ? -1.781  -5.180  -15.393 1.00 47.78 ? 59  ARG A CZ  1 
ATOM   491  N NH1 . ARG A 1 59  ? -1.730  -4.206  -16.301 1.00 46.18 ? 59  ARG A NH1 1 
ATOM   492  N NH2 . ARG A 1 59  ? -1.539  -6.445  -15.745 1.00 46.84 ? 59  ARG A NH2 1 
ATOM   493  N N   . HIS A 1 60  ? -7.034  -2.539  -10.754 1.00 22.25 ? 60  HIS A N   1 
ATOM   494  C CA  . HIS A 1 60  ? -8.405  -2.056  -10.750 1.00 24.98 ? 60  HIS A CA  1 
ATOM   495  C C   . HIS A 1 60  ? -8.500  -0.788  -11.589 1.00 25.60 ? 60  HIS A C   1 
ATOM   496  O O   . HIS A 1 60  ? -7.658  0.101   -11.450 1.00 21.65 ? 60  HIS A O   1 
ATOM   497  C CB  . HIS A 1 60  ? -8.823  -1.769  -9.312  1.00 27.24 ? 60  HIS A CB  1 
ATOM   498  C CG  . HIS A 1 60  ? -8.669  -2.953  -8.410  1.00 28.62 ? 60  HIS A CG  1 
ATOM   499  N ND1 . HIS A 1 60  ? -9.695  -3.835  -8.172  1.00 27.03 ? 60  HIS A ND1 1 
ATOM   500  C CD2 . HIS A 1 60  ? -7.579  -3.456  -7.775  1.00 30.18 ? 60  HIS A CD2 1 
ATOM   501  C CE1 . HIS A 1 60  ? -9.245  -4.840  -7.433  1.00 29.52 ? 60  HIS A CE1 1 
ATOM   502  N NE2 . HIS A 1 60  ? -7.964  -4.636  -7.181  1.00 27.59 ? 60  HIS A NE2 1 
ATOM   503  N N   . LYS A 1 61  ? -9.528  -0.689  -12.434 1.00 27.03 ? 61  LYS A N   1 
ATOM   504  C CA  . LYS A 1 61  ? -9.653  0.476   -13.298 1.00 31.62 ? 61  LYS A CA  1 
ATOM   505  C C   . LYS A 1 61  ? -9.951  1.742   -12.562 1.00 29.90 ? 61  LYS A C   1 
ATOM   506  O O   . LYS A 1 61  ? -9.441  2.794   -12.930 1.00 34.08 ? 61  LYS A O   1 
ATOM   507  C CB  . LYS A 1 61  ? -10.689 0.245   -14.412 1.00 35.63 ? 61  LYS A CB  1 
ATOM   508  C CG  . LYS A 1 61  ? -10.074 -0.428  -15.618 1.00 39.36 ? 61  LYS A CG  1 
ATOM   509  C CD  . LYS A 1 61  ? -11.117 -0.604  -16.741 1.00 50.90 ? 61  LYS A CD  1 
ATOM   510  C CE  . LYS A 1 61  ? -10.494 -1.235  -18.002 1.00 52.31 ? 61  LYS A CE  1 
ATOM   511  N NZ  . LYS A 1 61  ? -9.288  -0.485  -18.477 1.00 58.75 ? 61  LYS A NZ  1 
ATOM   512  N N   . THR A 1 62  ? -10.792 1.665   -11.547 1.00 28.90 ? 62  THR A N   1 
ATOM   513  C CA  . THR A 1 62  ? -11.062 2.837   -10.747 1.00 29.55 ? 62  THR A CA  1 
ATOM   514  C C   . THR A 1 62  ? -11.128 2.474   -9.299  1.00 28.70 ? 62  THR A C   1 
ATOM   515  O O   . THR A 1 62  ? -11.131 1.291   -8.917  1.00 25.15 ? 62  THR A O   1 
ATOM   516  C CB  . THR A 1 62  ? -12.374 3.531   -11.120 1.00 30.48 ? 62  THR A CB  1 
ATOM   517  O OG1 . THR A 1 62  ? -13.462 2.625   -10.906 1.00 35.05 ? 62  THR A OG1 1 
ATOM   518  C CG2 . THR A 1 62  ? -12.334 3.983   -12.586 1.00 33.27 ? 62  THR A CG2 1 
ATOM   519  N N   . PHE A 1 63  ? -11.181 3.494   -8.479  1.00 25.01 ? 63  PHE A N   1 
ATOM   520  C CA  . PHE A 1 63  ? -11.268 3.232   -7.079  1.00 28.88 ? 63  PHE A CA  1 
ATOM   521  C C   . PHE A 1 63  ? -12.654 2.637   -6.801  1.00 29.71 ? 63  PHE A C   1 
ATOM   522  O O   . PHE A 1 63  ? -12.812 1.751   -5.943  1.00 26.13 ? 63  PHE A O   1 
ATOM   523  C CB  . PHE A 1 63  ? -11.011 4.500   -6.286  1.00 27.43 ? 63  PHE A CB  1 
ATOM   524  C CG  . PHE A 1 63  ? -11.281 4.351   -4.825  1.00 27.06 ? 63  PHE A CG  1 
ATOM   525  C CD1 . PHE A 1 63  ? -12.467 4.834   -4.284  1.00 27.85 ? 63  PHE A CD1 1 
ATOM   526  C CD2 . PHE A 1 63  ? -10.358 3.691   -3.993  1.00 26.59 ? 63  PHE A CD2 1 
ATOM   527  C CE1 . PHE A 1 63  ? -12.744 4.667   -2.918  1.00 28.97 ? 63  PHE A CE1 1 
ATOM   528  C CE2 . PHE A 1 63  ? -10.598 3.512   -2.659  1.00 20.46 ? 63  PHE A CE2 1 
ATOM   529  C CZ  . PHE A 1 63  ? -11.803 4.002   -2.101  1.00 25.43 ? 63  PHE A CZ  1 
ATOM   530  N N   . GLU A 1 64  ? -13.668 3.056   -7.558  1.00 33.18 ? 64  GLU A N   1 
ATOM   531  C CA  . GLU A 1 64  ? -14.998 2.480   -7.300  1.00 33.61 ? 64  GLU A CA  1 
ATOM   532  C C   . GLU A 1 64  ? -15.072 1.029   -7.763  1.00 29.12 ? 64  GLU A C   1 
ATOM   533  O O   . GLU A 1 64  ? -15.803 0.223   -7.188  1.00 31.08 ? 64  GLU A O   1 
ATOM   534  C CB  . GLU A 1 64  ? -16.116 3.299   -7.966  1.00 37.74 ? 64  GLU A CB  1 
ATOM   535  C CG  . GLU A 1 64  ? -16.489 4.582   -7.190  1.00 41.70 ? 64  GLU A CG  1 
ATOM   536  C CD  . GLU A 1 64  ? -16.730 4.357   -5.673  1.00 48.36 ? 64  GLU A CD  1 
ATOM   537  O OE1 . GLU A 1 64  ? -17.302 3.296   -5.275  1.00 48.21 ? 64  GLU A OE1 1 
ATOM   538  O OE2 . GLU A 1 64  ? -16.362 5.256   -4.877  1.00 47.06 ? 64  GLU A OE2 1 
ATOM   539  N N   . ALA A 1 65  ? -14.287 0.683   -8.770  1.00 26.50 ? 65  ALA A N   1 
ATOM   540  C CA  . ALA A 1 65  ? -14.299 -0.685  -9.257  1.00 28.46 ? 65  ALA A CA  1 
ATOM   541  C C   . ALA A 1 65  ? -13.644 -1.529  -8.157  1.00 30.14 ? 65  ALA A C   1 
ATOM   542  O O   . ALA A 1 65  ? -14.116 -2.620  -7.802  1.00 22.84 ? 65  ALA A O   1 
ATOM   543  C CB  . ALA A 1 65  ? -13.504 -0.787  -10.585 1.00 27.10 ? 65  ALA A CB  1 
ATOM   544  N N   . PHE A 1 66  ? -12.543 -1.008  -7.623  1.00 27.23 ? 66  PHE A N   1 
ATOM   545  C CA  . PHE A 1 66  ? -11.846 -1.695  -6.551  1.00 26.25 ? 66  PHE A CA  1 
ATOM   546  C C   . PHE A 1 66  ? -12.794 -1.961  -5.373  1.00 24.06 ? 66  PHE A C   1 
ATOM   547  O O   . PHE A 1 66  ? -12.849 -3.098  -4.829  1.00 23.58 ? 66  PHE A O   1 
ATOM   548  C CB  . PHE A 1 66  ? -10.636 -0.846  -6.094  1.00 21.76 ? 66  PHE A CB  1 
ATOM   549  C CG  . PHE A 1 66  ? -10.193 -1.150  -4.729  1.00 21.54 ? 66  PHE A CG  1 
ATOM   550  C CD1 . PHE A 1 66  ? -10.636 -0.387  -3.660  1.00 23.23 ? 66  PHE A CD1 1 
ATOM   551  C CD2 . PHE A 1 66  ? -9.297  -2.197  -4.490  1.00 27.10 ? 66  PHE A CD2 1 
ATOM   552  C CE1 . PHE A 1 66  ? -10.193 -0.634  -2.346  1.00 24.47 ? 66  PHE A CE1 1 
ATOM   553  C CE2 . PHE A 1 66  ? -8.844  -2.463  -3.187  1.00 21.40 ? 66  PHE A CE2 1 
ATOM   554  C CZ  . PHE A 1 66  ? -9.295  -1.669  -2.110  1.00 21.90 ? 66  PHE A CZ  1 
ATOM   555  N N   . LEU A 1 67  ? -13.529 -0.933  -4.950  1.00 21.18 ? 67  LEU A N   1 
ATOM   556  C CA  . LEU A 1 67  ? -14.446 -1.131  -3.851  1.00 25.37 ? 67  LEU A CA  1 
ATOM   557  C C   . LEU A 1 67  ? -15.518 -2.224  -4.174  1.00 27.40 ? 67  LEU A C   1 
ATOM   558  O O   . LEU A 1 67  ? -15.910 -3.041  -3.307  1.00 24.97 ? 67  LEU A O   1 
ATOM   559  C CB  . LEU A 1 67  ? -15.111 0.198   -3.479  1.00 23.79 ? 67  LEU A CB  1 
ATOM   560  C CG  . LEU A 1 67  ? -14.221 1.242   -2.746  1.00 28.79 ? 67  LEU A CG  1 
ATOM   561  C CD1 . LEU A 1 67  ? -15.053 2.423   -2.221  1.00 29.51 ? 67  LEU A CD1 1 
ATOM   562  C CD2 . LEU A 1 67  ? -13.523 0.568   -1.581  1.00 28.50 ? 67  LEU A CD2 1 
ATOM   563  N N   . GLU A 1 68  ? -15.972 -2.214  -5.419  1.00 26.90 ? 68  GLU A N   1 
ATOM   564  C CA  . GLU A 1 68  ? -16.983 -3.145  -5.918  1.00 27.63 ? 68  GLU A CA  1 
ATOM   565  C C   . GLU A 1 68  ? -16.474 -4.579  -5.938  1.00 25.94 ? 68  GLU A C   1 
ATOM   566  O O   . GLU A 1 68  ? -17.141 -5.466  -5.458  1.00 25.63 ? 68  GLU A O   1 
ATOM   567  C CB  . GLU A 1 68  ? -17.407 -2.693  -7.329  1.00 31.07 ? 68  GLU A CB  1 
ATOM   568  C CG  . GLU A 1 68  ? -18.235 -3.685  -8.090  1.00 38.53 ? 68  GLU A CG  1 
ATOM   569  C CD  . GLU A 1 68  ? -19.200 -3.024  -9.102  1.00 46.93 ? 68  GLU A CD  1 
ATOM   570  O OE1 . GLU A 1 68  ? -20.153 -3.725  -9.531  1.00 44.85 ? 68  GLU A OE1 1 
ATOM   571  O OE2 . GLU A 1 68  ? -19.019 -1.816  -9.456  1.00 46.84 ? 68  GLU A OE2 1 
ATOM   572  N N   . SER A 1 69  ? -15.291 -4.820  -6.495  1.00 27.22 ? 69  SER A N   1 
ATOM   573  C CA  . SER A 1 69  ? -14.777 -6.176  -6.537  1.00 29.46 ? 69  SER A CA  1 
ATOM   574  C C   . SER A 1 69  ? -14.143 -6.677  -5.210  1.00 26.42 ? 69  SER A C   1 
ATOM   575  O O   . SER A 1 69  ? -14.173 -7.867  -4.929  1.00 20.87 ? 69  SER A O   1 
ATOM   576  C CB  . SER A 1 69  ? -13.750 -6.338  -7.675  1.00 32.14 ? 69  SER A CB  1 
ATOM   577  O OG  . SER A 1 69  ? -12.505 -5.728  -7.362  1.00 32.60 ? 69  SER A OG  1 
ATOM   578  N N   . GLU A 1 70  ? -13.595 -5.780  -4.390  1.00 24.64 ? 70  GLU A N   1 
ATOM   579  C CA  . GLU A 1 70  ? -12.947 -6.227  -3.169  1.00 22.62 ? 70  GLU A CA  1 
ATOM   580  C C   . GLU A 1 70  ? -13.799 -6.094  -1.931  1.00 22.62 ? 70  GLU A C   1 
ATOM   581  O O   . GLU A 1 70  ? -13.585 -6.835  -0.960  1.00 22.61 ? 70  GLU A O   1 
ATOM   582  C CB  . GLU A 1 70  ? -11.616 -5.461  -2.935  1.00 22.05 ? 70  GLU A CB  1 
ATOM   583  C CG  . GLU A 1 70  ? -10.566 -5.589  -4.045  1.00 20.82 ? 70  GLU A CG  1 
ATOM   584  C CD  . GLU A 1 70  ? -10.168 -7.030  -4.308  1.00 27.16 ? 70  GLU A CD  1 
ATOM   585  O OE1 . GLU A 1 70  ? -10.065 -7.412  -5.492  1.00 20.02 ? 70  GLU A OE1 1 
ATOM   586  O OE2 . GLU A 1 70  ? -9.965  -7.769  -3.329  1.00 25.23 ? 70  GLU A OE2 1 
ATOM   587  N N   . LYS A 1 71  ? -14.754 -5.168  -1.941  1.00 23.22 ? 71  LYS A N   1 
ATOM   588  C CA  . LYS A 1 71  ? -15.584 -4.925  -0.756  1.00 24.10 ? 71  LYS A CA  1 
ATOM   589  C C   . LYS A 1 71  ? -14.748 -5.149  0.510   1.00 24.82 ? 71  LYS A C   1 
ATOM   590  O O   . LYS A 1 71  ? -14.949 -6.105  1.279   1.00 21.47 ? 71  LYS A O   1 
ATOM   591  C CB  . LYS A 1 71  ? -16.851 -5.799  -0.746  1.00 32.97 ? 71  LYS A CB  1 
ATOM   592  C CG  . LYS A 1 71  ? -17.951 -5.317  -1.719  1.00 35.64 ? 71  LYS A CG  1 
ATOM   593  C CD  . LYS A 1 71  ? -19.348 -5.758  -1.247  1.00 42.66 ? 71  LYS A CD  1 
ATOM   594  C CE  . LYS A 1 71  ? -20.479 -4.904  -1.842  1.00 49.93 ? 71  LYS A CE  1 
ATOM   595  N NZ  . LYS A 1 71  ? -20.565 -3.500  -1.301  1.00 46.74 ? 71  LYS A NZ  1 
ATOM   596  N N   . PRO A 1 72  ? -13.762 -4.256  0.727   1.00 25.43 ? 72  PRO A N   1 
ATOM   597  C CA  . PRO A 1 72  ? -12.878 -4.345  1.894   1.00 21.80 ? 72  PRO A CA  1 
ATOM   598  C C   . PRO A 1 72  ? -13.665 -4.298  3.188   1.00 22.16 ? 72  PRO A C   1 
ATOM   599  O O   . PRO A 1 72  ? -14.579 -3.511  3.317   1.00 26.33 ? 72  PRO A O   1 
ATOM   600  C CB  . PRO A 1 72  ? -11.939 -3.134  1.729   1.00 21.50 ? 72  PRO A CB  1 
ATOM   601  C CG  . PRO A 1 72  ? -12.606 -2.252  0.646   1.00 24.71 ? 72  PRO A CG  1 
ATOM   602  C CD  . PRO A 1 72  ? -13.276 -3.257  -0.248  1.00 20.62 ? 72  PRO A CD  1 
ATOM   603  N N   . LYS A 1 73  ? -13.328 -5.144  4.148   1.00 16.68 ? 73  LYS A N   1 
ATOM   604  C CA  . LYS A 1 73  ? -14.047 -5.093  5.414   1.00 21.01 ? 73  LYS A CA  1 
ATOM   605  C C   . LYS A 1 73  ? -13.827 -3.710  6.059   1.00 23.31 ? 73  LYS A C   1 
ATOM   606  O O   . LYS A 1 73  ? -14.771 -3.063  6.502   1.00 26.01 ? 73  LYS A O   1 
ATOM   607  C CB  . LYS A 1 73  ? -13.501 -6.200  6.308   1.00 20.31 ? 73  LYS A CB  1 
ATOM   608  C CG  . LYS A 1 73  ? -14.222 -6.476  7.604   1.00 23.62 ? 73  LYS A CG  1 
ATOM   609  C CD  . LYS A 1 73  ? -13.861 -7.972  7.977   1.00 29.12 ? 73  LYS A CD  1 
ATOM   610  C CE  . LYS A 1 73  ? -13.980 -8.281  9.469   1.00 37.56 ? 73  LYS A CE  1 
ATOM   611  N NZ  . LYS A 1 73  ? -15.402 -8.435  9.943   1.00 36.68 ? 73  LYS A NZ  1 
ATOM   612  N N   . ARG A 1 74  ? -12.562 -3.291  6.128   1.00 19.38 ? 74  ARG A N   1 
ATOM   613  C CA  . ARG A 1 74  ? -12.172 -2.010  6.648   1.00 20.59 ? 74  ARG A CA  1 
ATOM   614  C C   . ARG A 1 74  ? -11.096 -1.580  5.681   1.00 22.17 ? 74  ARG A C   1 
ATOM   615  O O   . ARG A 1 74  ? -10.215 -2.377  5.310   1.00 18.67 ? 74  ARG A O   1 
ATOM   616  C CB  . ARG A 1 74  ? -11.514 -2.120  8.040   1.00 22.56 ? 74  ARG A CB  1 
ATOM   617  C CG  . ARG A 1 74  ? -12.470 -2.402  9.214   1.00 27.05 ? 74  ARG A CG  1 
ATOM   618  C CD  . ARG A 1 74  ? -11.851 -1.934  10.528  1.00 28.08 ? 74  ARG A CD  1 
ATOM   619  N NE  . ARG A 1 74  ? -10.499 -2.458  10.696  1.00 25.71 ? 74  ARG A NE  1 
ATOM   620  C CZ  . ARG A 1 74  ? -9.804  -2.418  11.828  1.00 25.07 ? 74  ARG A CZ  1 
ATOM   621  N NH1 . ARG A 1 74  ? -10.341 -1.869  12.904  1.00 21.72 ? 74  ARG A NH1 1 
ATOM   622  N NH2 . ARG A 1 74  ? -8.580  -2.974  11.896  1.00 21.75 ? 74  ARG A NH2 1 
ATOM   623  N N   . LEU A 1 75  ? -11.164 -0.327  5.270   1.00 22.89 ? 75  LEU A N   1 
ATOM   624  C CA  . LEU A 1 75  ? -10.150 0.235   4.378   1.00 22.54 ? 75  LEU A CA  1 
ATOM   625  C C   . LEU A 1 75  ? -9.408  1.334   5.151   1.00 21.24 ? 75  LEU A C   1 
ATOM   626  O O   . LEU A 1 75  ? -10.036 2.245   5.730   1.00 23.25 ? 75  LEU A O   1 
ATOM   627  C CB  . LEU A 1 75  ? -10.800 0.869   3.134   1.00 18.36 ? 75  LEU A CB  1 
ATOM   628  C CG  . LEU A 1 75  ? -9.854  1.661   2.226   1.00 18.53 ? 75  LEU A CG  1 
ATOM   629  C CD1 . LEU A 1 75  ? -9.041  0.711   1.430   1.00 17.55 ? 75  LEU A CD1 1 
ATOM   630  C CD2 . LEU A 1 75  ? -10.641 2.599   1.331   1.00 21.39 ? 75  LEU A CD2 1 
ATOM   631  N N   . PHE A 1 76  ? -8.091  1.224   5.219   1.00 16.89 ? 76  PHE A N   1 
ATOM   632  C CA  . PHE A 1 76  ? -7.298  2.279   5.834   1.00 19.24 ? 76  PHE A CA  1 
ATOM   633  C C   . PHE A 1 76  ? -6.594  3.148   4.734   1.00 16.44 ? 76  PHE A C   1 
ATOM   634  O O   . PHE A 1 76  ? -6.299  2.651   3.644   1.00 21.16 ? 76  PHE A O   1 
ATOM   635  C CB  . PHE A 1 76  ? -6.201  1.682   6.712   1.00 17.12 ? 76  PHE A CB  1 
ATOM   636  C CG  . PHE A 1 76  ? -6.690  1.178   8.018   1.00 19.33 ? 76  PHE A CG  1 
ATOM   637  C CD1 . PHE A 1 76  ? -6.703  1.989   9.119   1.00 15.53 ? 76  PHE A CD1 1 
ATOM   638  C CD2 . PHE A 1 76  ? -7.179  -0.107  8.124   1.00 17.76 ? 76  PHE A CD2 1 
ATOM   639  C CE1 . PHE A 1 76  ? -7.222  1.514   10.339  1.00 23.27 ? 76  PHE A CE1 1 
ATOM   640  C CE2 . PHE A 1 76  ? -7.698  -0.585  9.331   1.00 21.32 ? 76  PHE A CE2 1 
ATOM   641  C CZ  . PHE A 1 76  ? -7.723  0.219   10.433  1.00 18.83 ? 76  PHE A CZ  1 
ATOM   642  N N   . ALA A 1 77  ? -6.337  4.424   5.035   1.00 18.13 ? 77  ALA A N   1 
ATOM   643  C CA  . ALA A 1 77  ? -5.599  5.294   4.117   1.00 17.51 ? 77  ALA A CA  1 
ATOM   644  C C   . ALA A 1 77  ? -4.421  5.953   4.866   1.00 15.54 ? 77  ALA A C   1 
ATOM   645  O O   . ALA A 1 77  ? -4.595  6.557   5.921   1.00 17.21 ? 77  ALA A O   1 
ATOM   646  C CB  . ALA A 1 77  ? -6.539  6.391   3.466   1.00 15.76 ? 77  ALA A CB  1 
ATOM   647  N N   . LEU A 1 78  ? -3.219  5.738   4.343   1.00 19.93 ? 78  LEU A N   1 
ATOM   648  C CA  . LEU A 1 78  ? -1.998  6.357   4.838   1.00 21.87 ? 78  LEU A CA  1 
ATOM   649  C C   . LEU A 1 78  ? -1.990  7.728   4.172   1.00 25.29 ? 78  LEU A C   1 
ATOM   650  O O   . LEU A 1 78  ? -1.905  7.844   2.960   1.00 23.89 ? 78  LEU A O   1 
ATOM   651  C CB  . LEU A 1 78  ? -0.762  5.566   4.414   1.00 25.92 ? 78  LEU A CB  1 
ATOM   652  C CG  . LEU A 1 78  ? 0.557   6.254   4.736   1.00 29.50 ? 78  LEU A CG  1 
ATOM   653  C CD1 . LEU A 1 78  ? 0.640   6.587   6.246   1.00 32.85 ? 78  LEU A CD1 1 
ATOM   654  C CD2 . LEU A 1 78  ? 1.682   5.317   4.331   1.00 33.54 ? 78  LEU A CD2 1 
ATOM   655  N N   . THR A 1 79  ? -2.085  8.769   4.989   1.00 23.59 ? 79  THR A N   1 
ATOM   656  C CA  . THR A 1 79  ? -2.144  10.129  4.541   1.00 21.78 ? 79  THR A CA  1 
ATOM   657  C C   . THR A 1 79  ? -1.473  11.007  5.606   1.00 25.88 ? 79  THR A C   1 
ATOM   658  O O   . THR A 1 79  ? -1.651  10.800  6.816   1.00 27.85 ? 79  THR A O   1 
ATOM   659  C CB  . THR A 1 79  ? -3.632  10.532  4.369   1.00 26.54 ? 79  THR A CB  1 
ATOM   660  O OG1 . THR A 1 79  ? -3.764  11.955  4.253   1.00 29.32 ? 79  THR A OG1 1 
ATOM   661  C CG2 . THR A 1 79  ? -4.417  10.078  5.529   1.00 23.11 ? 79  THR A CG2 1 
ATOM   662  N N   . THR A 1 80  ? -0.691  11.970  5.162   1.00 23.94 ? 80  THR A N   1 
ATOM   663  C CA  . THR A 1 80  ? -0.023  12.892  6.090   1.00 30.59 ? 80  THR A CA  1 
ATOM   664  C C   . THR A 1 80  ? -1.104  13.647  6.851   1.00 30.58 ? 80  THR A C   1 
ATOM   665  O O   . THR A 1 80  ? -0.837  14.352  7.839   1.00 36.80 ? 80  THR A O   1 
ATOM   666  C CB  . THR A 1 80  ? 0.848   13.927  5.315   1.00 29.65 ? 80  THR A CB  1 
ATOM   667  O OG1 . THR A 1 80  ? 0.016   14.622  4.381   1.00 31.13 ? 80  THR A OG1 1 
ATOM   668  C CG2 . THR A 1 80  ? 1.964   13.226  4.545   1.00 32.62 ? 80  THR A CG2 1 
ATOM   669  N N   . LYS A 1 81  ? -2.337  13.505  6.380   1.00 34.81 ? 81  LYS A N   1 
ATOM   670  C CA  . LYS A 1 81  ? -3.473  14.167  7.010   1.00 35.28 ? 81  LYS A CA  1 
ATOM   671  C C   . LYS A 1 81  ? -4.136  13.325  8.111   1.00 33.17 ? 81  LYS A C   1 
ATOM   672  O O   . LYS A 1 81  ? -5.059  13.788  8.785   1.00 31.86 ? 81  LYS A O   1 
ATOM   673  C CB  . LYS A 1 81  ? -4.504  14.524  5.948   1.00 37.34 ? 81  LYS A CB  1 
ATOM   674  C CG  . LYS A 1 81  ? -4.193  15.783  5.150   1.00 36.93 ? 81  LYS A CG  1 
ATOM   675  C CD  . LYS A 1 81  ? -5.268  15.929  4.089   1.00 42.27 ? 81  LYS A CD  1 
ATOM   676  C CE  . LYS A 1 81  ? -5.178  17.285  3.371   1.00 43.86 ? 81  LYS A CE  1 
ATOM   677  N NZ  . LYS A 1 81  ? -3.901  17.401  2.645   1.00 39.76 ? 81  LYS A NZ  1 
ATOM   678  N N   . GLY A 1 82  ? -3.668  12.098  8.295   1.00 30.99 ? 82  GLY A N   1 
ATOM   679  C CA  . GLY A 1 82  ? -4.243  11.241  9.326   1.00 24.75 ? 82  GLY A CA  1 
ATOM   680  C C   . GLY A 1 82  ? -3.773  11.597  10.747  1.00 25.47 ? 82  GLY A C   1 
ATOM   681  O O   . GLY A 1 82  ? -2.710  12.177  10.940  1.00 24.78 ? 82  GLY A O   1 
ATOM   682  N N   . CYS A 1 83  ? -4.556  11.226  11.750  1.00 24.38 ? 83  CYS A N   1 
ATOM   683  C CA  . CYS A 1 83  ? -4.214  11.549  13.134  1.00 22.94 ? 83  CYS A CA  1 
ATOM   684  C C   . CYS A 1 83  ? -3.610  10.402  13.882  1.00 20.76 ? 83  CYS A C   1 
ATOM   685  O O   . CYS A 1 83  ? -2.547  10.535  14.446  1.00 21.52 ? 83  CYS A O   1 
ATOM   686  C CB  . CYS A 1 83  ? -5.454  12.124  13.810  1.00 25.81 ? 83  CYS A CB  1 
ATOM   687  S SG  . CYS A 1 83  ? -5.672  13.847  13.152  1.00 33.33 ? 83  CYS A SG  1 
ATOM   688  N N   . PRO A 1 84  ? -4.272  9.247   13.906  1.00 19.98 ? 84  PRO A N   1 
ATOM   689  C CA  . PRO A 1 84  ? -3.599  8.170   14.631  1.00 21.23 ? 84  PRO A CA  1 
ATOM   690  C C   . PRO A 1 84  ? -2.386  7.708   13.782  1.00 22.62 ? 84  PRO A C   1 
ATOM   691  O O   . PRO A 1 84  ? -2.434  7.757   12.517  1.00 19.39 ? 84  PRO A O   1 
ATOM   692  C CB  . PRO A 1 84  ? -4.650  7.070   14.705  1.00 23.05 ? 84  PRO A CB  1 
ATOM   693  C CG  . PRO A 1 84  ? -5.807  7.555   13.879  1.00 23.26 ? 84  PRO A CG  1 
ATOM   694  C CD  . PRO A 1 84  ? -5.411  8.760   13.134  1.00 20.05 ? 84  PRO A CD  1 
ATOM   695  N N   . ALA A 1 85  ? -1.327  7.257   14.464  1.00 16.43 ? 85  ALA A N   1 
ATOM   696  C CA  . ALA A 1 85  ? -0.148  6.777   13.795  1.00 16.51 ? 85  ALA A CA  1 
ATOM   697  C C   . ALA A 1 85  ? -0.512  5.406   13.261  1.00 18.52 ? 85  ALA A C   1 
ATOM   698  O O   . ALA A 1 85  ? -1.516  4.801   13.692  1.00 14.77 ? 85  ALA A O   1 
ATOM   699  C CB  . ALA A 1 85  ? 0.999   6.653   14.796  1.00 13.98 ? 85  ALA A CB  1 
ATOM   700  N N   . HIS A 1 86  ? 0.318   4.899   12.358  1.00 18.69 ? 86  HIS A N   1 
ATOM   701  C CA  . HIS A 1 86  ? 0.081   3.595   11.777  1.00 16.43 ? 86  HIS A CA  1 
ATOM   702  C C   . HIS A 1 86  ? 0.176   2.479   12.786  1.00 15.89 ? 86  HIS A C   1 
ATOM   703  O O   . HIS A 1 86  ? -0.404  1.450   12.586  1.00 18.37 ? 86  HIS A O   1 
ATOM   704  C CB  . HIS A 1 86  ? 1.058   3.318   10.633  1.00 20.20 ? 86  HIS A CB  1 
ATOM   705  C CG  . HIS A 1 86  ? 2.470   3.139   11.087  1.00 17.55 ? 86  HIS A CG  1 
ATOM   706  N ND1 . HIS A 1 86  ? 3.213   4.168   11.632  1.00 18.53 ? 86  HIS A ND1 1 
ATOM   707  C CD2 . HIS A 1 86  ? 3.251   2.034   11.141  1.00 13.94 ? 86  HIS A CD2 1 
ATOM   708  C CE1 . HIS A 1 86  ? 4.388   3.694   12.010  1.00 14.33 ? 86  HIS A CE1 1 
ATOM   709  N NE2 . HIS A 1 86  ? 4.431   2.402   11.725  1.00 9.84  ? 86  HIS A NE2 1 
ATOM   710  N N   . SER A 1 87  ? 0.935   2.655   13.848  1.00 13.32 ? 87  SER A N   1 
ATOM   711  C CA  . SER A 1 87  ? 1.005   1.644   14.889  1.00 16.13 ? 87  SER A CA  1 
ATOM   712  C C   . SER A 1 87  ? -0.032  1.895   16.020  1.00 16.15 ? 87  SER A C   1 
ATOM   713  O O   . SER A 1 87  ? -0.083  1.142   16.985  1.00 18.34 ? 87  SER A O   1 
ATOM   714  C CB  . SER A 1 87  ? 2.421   1.654   15.494  1.00 18.72 ? 87  SER A CB  1 
ATOM   715  O OG  . SER A 1 87  ? 2.711   2.949   16.001  1.00 23.12 ? 87  SER A OG  1 
ATOM   716  N N   . GLN A 1 88  ? -0.832  2.953   15.910  1.00 17.17 ? 88  GLN A N   1 
ATOM   717  C CA  . GLN A 1 88  ? -1.831  3.265   16.918  1.00 18.61 ? 88  GLN A CA  1 
ATOM   718  C C   . GLN A 1 88  ? -3.246  2.664   16.697  1.00 22.48 ? 88  GLN A C   1 
ATOM   719  O O   . GLN A 1 88  ? -4.171  2.885   17.512  1.00 21.66 ? 88  GLN A O   1 
ATOM   720  C CB  . GLN A 1 88  ? -1.921  4.778   17.095  1.00 19.09 ? 88  GLN A CB  1 
ATOM   721  C CG  . GLN A 1 88  ? -0.841  5.291   18.010  1.00 17.91 ? 88  GLN A CG  1 
ATOM   722  C CD  . GLN A 1 88  ? -0.830  6.820   18.175  1.00 25.20 ? 88  GLN A CD  1 
ATOM   723  O OE1 . GLN A 1 88  ? -1.348  7.557   17.338  1.00 24.42 ? 88  GLN A OE1 1 
ATOM   724  N NE2 . GLN A 1 88  ? -0.198  7.289   19.249  1.00 26.94 ? 88  GLN A NE2 1 
ATOM   725  N N   . VAL A 1 89  ? -3.394  1.920   15.596  1.00 19.35 ? 89  VAL A N   1 
ATOM   726  C CA  . VAL A 1 89  ? -4.636  1.267   15.265  1.00 18.47 ? 89  VAL A CA  1 
ATOM   727  C C   . VAL A 1 89  ? -4.373  -0.206  15.343  1.00 14.42 ? 89  VAL A C   1 
ATOM   728  O O   . VAL A 1 89  ? -3.252  -0.660  15.249  1.00 16.43 ? 89  VAL A O   1 
ATOM   729  C CB  . VAL A 1 89  ? -5.102  1.643   13.868  1.00 17.20 ? 89  VAL A CB  1 
ATOM   730  C CG1 . VAL A 1 89  ? -5.332  3.131   13.802  1.00 19.88 ? 89  VAL A CG1 1 
ATOM   731  C CG2 . VAL A 1 89  ? -4.053  1.177   12.831  1.00 17.15 ? 89  VAL A CG2 1 
ATOM   732  N N   . LYS A 1 90  ? -5.412  -0.984  15.529  1.00 19.83 ? 90  LYS A N   1 
ATOM   733  C CA  . LYS A 1 90  ? -5.227  -2.406  15.644  1.00 20.84 ? 90  LYS A CA  1 
ATOM   734  C C   . LYS A 1 90  ? -5.726  -3.061  14.371  1.00 21.30 ? 90  LYS A C   1 
ATOM   735  O O   . LYS A 1 90  ? -6.942  -3.107  14.079  1.00 22.95 ? 90  LYS A O   1 
ATOM   736  C CB  . LYS A 1 90  ? -5.949  -2.878  16.933  1.00 17.53 ? 90  LYS A CB  1 
ATOM   737  C CG  . LYS A 1 90  ? -5.487  -1.934  18.085  1.00 30.65 ? 90  LYS A CG  1 
ATOM   738  C CD  . LYS A 1 90  ? -6.403  -1.968  19.320  1.00 32.95 ? 90  LYS A CD  1 
ATOM   739  C CE  . LYS A 1 90  ? -6.288  -3.340  19.964  1.00 42.33 ? 90  LYS A CE  1 
ATOM   740  N NZ  . LYS A 1 90  ? -7.195  -3.516  21.140  1.00 45.90 ? 90  LYS A NZ  1 
ATOM   741  N N   . PHE A 1 91  ? -4.773  -3.529  13.588  1.00 19.36 ? 91  PHE A N   1 
ATOM   742  C CA  . PHE A 1 91  ? -5.127  -4.167  12.337  1.00 23.59 ? 91  PHE A CA  1 
ATOM   743  C C   . PHE A 1 91  ? -5.774  -5.533  12.494  1.00 19.82 ? 91  PHE A C   1 
ATOM   744  O O   . PHE A 1 91  ? -5.559  -6.212  13.494  1.00 16.00 ? 91  PHE A O   1 
ATOM   745  C CB  . PHE A 1 91  ? -3.892  -4.302  11.447  1.00 22.08 ? 91  PHE A CB  1 
ATOM   746  C CG  . PHE A 1 91  ? -3.366  -3.007  10.994  1.00 14.74 ? 91  PHE A CG  1 
ATOM   747  C CD1 . PHE A 1 91  ? -2.203  -2.487  11.545  1.00 17.77 ? 91  PHE A CD1 1 
ATOM   748  C CD2 . PHE A 1 91  ? -4.066  -2.257  10.046  1.00 21.77 ? 91  PHE A CD2 1 
ATOM   749  C CE1 . PHE A 1 91  ? -1.747  -1.243  11.155  1.00 17.97 ? 91  PHE A CE1 1 
ATOM   750  C CE2 . PHE A 1 91  ? -3.607  -0.993  9.646   1.00 18.07 ? 91  PHE A CE2 1 
ATOM   751  C CZ  . PHE A 1 91  ? -2.442  -0.493  10.206  1.00 15.47 ? 91  PHE A CZ  1 
ATOM   752  N N   . LYS A 1 92  ? -6.575  -5.911  11.507  1.00 17.67 ? 92  LYS A N   1 
ATOM   753  C CA  . LYS A 1 92  ? -7.198  -7.235  11.509  1.00 22.27 ? 92  LYS A CA  1 
ATOM   754  C C   . LYS A 1 92  ? -7.352  -7.850  10.161  1.00 22.29 ? 92  LYS A C   1 
ATOM   755  O O   . LYS A 1 92  ? -7.326  -7.146  9.143   1.00 23.62 ? 92  LYS A O   1 
ATOM   756  C CB  . LYS A 1 92  ? -8.574  -7.234  12.184  1.00 24.51 ? 92  LYS A CB  1 
ATOM   757  C CG  . LYS A 1 92  ? -9.457  -6.129  11.827  1.00 32.17 ? 92  LYS A CG  1 
ATOM   758  C CD  . LYS A 1 92  ? -10.709 -6.159  12.731  1.00 39.30 ? 92  LYS A CD  1 
ATOM   759  C CE  . LYS A 1 92  ? -11.450 -4.848  12.534  1.00 46.92 ? 92  LYS A CE  1 
ATOM   760  N NZ  . LYS A 1 92  ? -12.955 -4.863  12.724  1.00 52.78 ? 92  LYS A NZ  1 
ATOM   761  N N   . LEU A 1 93  ? -7.500  -9.182  10.144  1.00 21.42 ? 93  LEU A N   1 
ATOM   762  C CA  . LEU A 1 93  ? -7.716  -9.876  8.896   1.00 19.42 ? 93  LEU A CA  1 
ATOM   763  C C   . LEU A 1 93  ? -8.923  -9.198  8.228   1.00 18.66 ? 93  LEU A C   1 
ATOM   764  O O   . LEU A 1 93  ? -9.911  -8.796  8.865   1.00 21.56 ? 93  LEU A O   1 
ATOM   765  C CB  . LEU A 1 93  ? -7.959  -11.383 9.146   1.00 20.89 ? 93  LEU A CB  1 
ATOM   766  C CG  . LEU A 1 93  ? -6.749  -12.118 9.762   1.00 30.80 ? 93  LEU A CG  1 
ATOM   767  C CD1 . LEU A 1 93  ? -7.171  -13.513 10.217  1.00 27.71 ? 93  LEU A CD1 1 
ATOM   768  C CD2 . LEU A 1 93  ? -5.537  -12.182 8.756   1.00 22.39 ? 93  LEU A CD2 1 
ATOM   769  N N   . GLY A 1 94  ? -8.802  -9.025  6.932   1.00 19.35 ? 94  GLY A N   1 
ATOM   770  C CA  . GLY A 1 94  ? -9.830  -8.387  6.161   1.00 17.32 ? 94  GLY A CA  1 
ATOM   771  C C   . GLY A 1 94  ? -9.499  -6.934  5.890   1.00 16.06 ? 94  GLY A C   1 
ATOM   772  O O   . GLY A 1 94  ? -10.153 -6.344  5.042   1.00 22.94 ? 94  GLY A O   1 
ATOM   773  N N   . ASP A 1 95  ? -8.532  -6.346  6.605   1.00 16.90 ? 95  ASP A N   1 
ATOM   774  C CA  . ASP A 1 95  ? -8.148  -4.942  6.379   1.00 15.10 ? 95  ASP A CA  1 
ATOM   775  C C   . ASP A 1 95  ? -7.430  -4.772  5.051   1.00 16.51 ? 95  ASP A C   1 
ATOM   776  O O   . ASP A 1 95  ? -6.669  -5.652  4.652   1.00 18.53 ? 95  ASP A O   1 
ATOM   777  C CB  . ASP A 1 95  ? -7.203  -4.428  7.458   1.00 18.41 ? 95  ASP A CB  1 
ATOM   778  C CG  . ASP A 1 95  ? -7.888  -4.176  8.763   1.00 16.66 ? 95  ASP A CG  1 
ATOM   779  O OD1 . ASP A 1 95  ? -7.167  -4.058  9.789   1.00 16.16 ? 95  ASP A OD1 1 
ATOM   780  O OD2 . ASP A 1 95  ? -9.129  -4.103  8.768   1.00 21.48 ? 95  ASP A OD2 1 
ATOM   781  N N   . TYR A 1 96  ? -7.727  -3.654  4.369   1.00 15.60 ? 96  TYR A N   1 
ATOM   782  C CA  . TYR A 1 96  ? -7.095  -3.208  3.114   1.00 15.64 ? 96  TYR A CA  1 
ATOM   783  C C   . TYR A 1 96  ? -6.406  -1.876  3.476   1.00 18.96 ? 96  TYR A C   1 
ATOM   784  O O   . TYR A 1 96  ? -7.054  -0.981  4.054   1.00 16.29 ? 96  TYR A O   1 
ATOM   785  C CB  . TYR A 1 96  ? -8.151  -2.933  2.034   1.00 21.10 ? 96  TYR A CB  1 
ATOM   786  C CG  . TYR A 1 96  ? -8.562  -4.166  1.276   1.00 22.19 ? 96  TYR A CG  1 
ATOM   787  C CD1 . TYR A 1 96  ? -9.238  -5.215  1.926   1.00 23.51 ? 96  TYR A CD1 1 
ATOM   788  C CD2 . TYR A 1 96  ? -8.249  -4.309  -0.083  1.00 15.58 ? 96  TYR A CD2 1 
ATOM   789  C CE1 . TYR A 1 96  ? -9.605  -6.389  1.237   1.00 25.93 ? 96  TYR A CE1 1 
ATOM   790  C CE2 . TYR A 1 96  ? -8.604  -5.495  -0.785  1.00 19.48 ? 96  TYR A CE2 1 
ATOM   791  C CZ  . TYR A 1 96  ? -9.284  -6.528  -0.114  1.00 25.17 ? 96  TYR A CZ  1 
ATOM   792  O OH  . TYR A 1 96  ? -9.635  -7.704  -0.798  1.00 22.25 ? 96  TYR A OH  1 
ATOM   793  N N   . LEU A 1 97  ? -5.110  -1.755  3.160   1.00 15.22 ? 97  LEU A N   1 
ATOM   794  C CA  . LEU A 1 97  ? -4.331  -0.534  3.477   1.00 18.80 ? 97  LEU A CA  1 
ATOM   795  C C   . LEU A 1 97  ? -4.016  0.192   2.178   1.00 17.56 ? 97  LEU A C   1 
ATOM   796  O O   . LEU A 1 97  ? -3.309  -0.314  1.343   1.00 14.91 ? 97  LEU A O   1 
ATOM   797  C CB  . LEU A 1 97  ? -3.016  -0.877  4.173   1.00 14.10 ? 97  LEU A CB  1 
ATOM   798  C CG  . LEU A 1 97  ? -2.981  -1.266  5.670   1.00 27.08 ? 97  LEU A CG  1 
ATOM   799  C CD1 . LEU A 1 97  ? -4.301  -1.738  6.180   1.00 19.89 ? 97  LEU A CD1 1 
ATOM   800  C CD2 . LEU A 1 97  ? -1.805  -2.266  5.915   1.00 16.36 ? 97  LEU A CD2 1 
ATOM   801  N N   . MET A 1 98  ? -4.499  1.413   2.057   1.00 17.15 ? 98  MET A N   1 
ATOM   802  C CA  . MET A 1 98  ? -4.317  2.142   0.840   1.00 17.09 ? 98  MET A CA  1 
ATOM   803  C C   . MET A 1 98  ? -3.270  3.265   0.923   1.00 18.52 ? 98  MET A C   1 
ATOM   804  O O   . MET A 1 98  ? -3.138  3.932   1.962   1.00 19.98 ? 98  MET A O   1 
ATOM   805  C CB  . MET A 1 98  ? -5.658  2.681   0.421   1.00 13.09 ? 98  MET A CB  1 
ATOM   806  C CG  . MET A 1 98  ? -5.541  3.378   -0.942  1.00 19.72 ? 98  MET A CG  1 
ATOM   807  S SD  . MET A 1 98  ? -7.093  3.523   -1.832  1.00 24.55 ? 98  MET A SD  1 
ATOM   808  C CE  . MET A 1 98  ? -7.904  4.758   -0.799  1.00 20.73 ? 98  MET A CE  1 
ATOM   809  N N   . PHE A 1 99  ? -2.517  3.424   -0.157  1.00 20.91 ? 99  PHE A N   1 
ATOM   810  C CA  . PHE A 1 99  ? -1.450  4.433   -0.244  1.00 17.78 ? 99  PHE A CA  1 
ATOM   811  C C   . PHE A 1 99  ? -1.612  5.317   -1.463  1.00 17.22 ? 99  PHE A C   1 
ATOM   812  O O   . PHE A 1 99  ? -2.031  4.863   -2.538  1.00 20.79 ? 99  PHE A O   1 
ATOM   813  C CB  . PHE A 1 99  ? -0.057  3.795   -0.281  1.00 17.25 ? 99  PHE A CB  1 
ATOM   814  C CG  . PHE A 1 99  ? 0.225   2.828   0.858   1.00 19.29 ? 99  PHE A CG  1 
ATOM   815  C CD1 . PHE A 1 99  ? -0.253  1.511   0.798   1.00 15.55 ? 99  PHE A CD1 1 
ATOM   816  C CD2 . PHE A 1 99  ? 0.896   3.249   2.010   1.00 19.05 ? 99  PHE A CD2 1 
ATOM   817  C CE1 . PHE A 1 99  ? -0.089  0.640   1.869   1.00 18.03 ? 99  PHE A CE1 1 
ATOM   818  C CE2 . PHE A 1 99  ? 1.069   2.360   3.114   1.00 14.47 ? 99  PHE A CE2 1 
ATOM   819  C CZ  . PHE A 1 99  ? 0.573   1.077   3.030   1.00 23.52 ? 99  PHE A CZ  1 
ATOM   820  N N   . GLY A 1 100 ? -1.261  6.581   -1.310  1.00 19.76 ? 100 GLY A N   1 
ATOM   821  C CA  . GLY A 1 100 ? -1.365  7.502   -2.409  1.00 19.81 ? 100 GLY A CA  1 
ATOM   822  C C   . GLY A 1 100 ? -0.131  7.523   -3.286  1.00 19.86 ? 100 GLY A C   1 
ATOM   823  O O   . GLY A 1 100 ? 0.867   6.875   -3.027  1.00 21.88 ? 100 GLY A O   1 
ATOM   824  N N   . PRO A 1 101 ? -0.184  8.330   -4.346  1.00 21.61 ? 101 PRO A N   1 
ATOM   825  C CA  . PRO A 1 101 ? 0.912   8.480   -5.292  1.00 22.25 ? 101 PRO A CA  1 
ATOM   826  C C   . PRO A 1 101 ? 2.130   9.083   -4.620  1.00 24.31 ? 101 PRO A C   1 
ATOM   827  O O   . PRO A 1 101 ? 2.054   9.672   -3.531  1.00 20.32 ? 101 PRO A O   1 
ATOM   828  C CB  . PRO A 1 101 ? 0.354   9.434   -6.361  1.00 25.83 ? 101 PRO A CB  1 
ATOM   829  C CG  . PRO A 1 101 ? -1.171  9.326   -6.222  1.00 22.32 ? 101 PRO A CG  1 
ATOM   830  C CD  . PRO A 1 101 ? -1.354  9.137   -4.711  1.00 20.24 ? 101 PRO A CD  1 
ATOM   831  N N   . GLU A 1 102 ? 3.272   8.966   -5.265  1.00 22.94 ? 102 GLU A N   1 
ATOM   832  C CA  . GLU A 1 102 ? 4.416   9.564   -4.629  1.00 25.20 ? 102 GLU A CA  1 
ATOM   833  C C   . GLU A 1 102 ? 4.537   11.099  -4.713  1.00 27.67 ? 102 GLU A C   1 
ATOM   834  O O   . GLU A 1 102 ? 5.415   11.690  -4.036  1.00 23.66 ? 102 GLU A O   1 
ATOM   835  C CB  . GLU A 1 102 ? 5.737   8.890   -5.055  1.00 25.56 ? 102 GLU A CB  1 
ATOM   836  C CG  . GLU A 1 102 ? 5.945   8.362   -6.410  1.00 27.59 ? 102 GLU A CG  1 
ATOM   837  C CD  . GLU A 1 102 ? 5.128   7.119   -6.774  1.00 24.41 ? 102 GLU A CD  1 
ATOM   838  O OE1 . GLU A 1 102 ? 3.925   7.255   -6.985  1.00 22.65 ? 102 GLU A OE1 1 
ATOM   839  O OE2 . GLU A 1 102 ? 5.686   6.015   -6.899  1.00 27.31 ? 102 GLU A OE2 1 
ATOM   840  N N   . THR A 1 103 ? 3.662   11.748  -5.492  1.00 21.06 ? 103 THR A N   1 
ATOM   841  C CA  . THR A 1 103 ? 3.750   13.195  -5.661  1.00 25.36 ? 103 THR A CA  1 
ATOM   842  C C   . THR A 1 103 ? 2.544   13.993  -5.162  1.00 25.06 ? 103 THR A C   1 
ATOM   843  O O   . THR A 1 103 ? 2.520   15.209  -5.338  1.00 25.04 ? 103 THR A O   1 
ATOM   844  C CB  . THR A 1 103 ? 3.950   13.523  -7.153  1.00 21.83 ? 103 THR A CB  1 
ATOM   845  O OG1 . THR A 1 103 ? 2.814   13.034  -7.887  1.00 19.35 ? 103 THR A OG1 1 
ATOM   846  C CG2 . THR A 1 103 ? 5.224   12.844  -7.672  1.00 18.75 ? 103 THR A CG2 1 
ATOM   847  N N   . ARG A 1 104 ? 1.550   13.312  -4.581  1.00 18.49 ? 104 ARG A N   1 
ATOM   848  C CA  . ARG A 1 104 ? 0.341   13.938  -4.065  1.00 20.83 ? 104 ARG A CA  1 
ATOM   849  C C   . ARG A 1 104 ? -0.299  12.895  -3.172  1.00 25.91 ? 104 ARG A C   1 
ATOM   850  O O   . ARG A 1 104 ? 0.077   11.706  -3.224  1.00 28.53 ? 104 ARG A O   1 
ATOM   851  C CB  . ARG A 1 104 ? -0.618  14.276  -5.185  1.00 16.92 ? 104 ARG A CB  1 
ATOM   852  C CG  . ARG A 1 104 ? -0.748  13.164  -6.228  1.00 15.25 ? 104 ARG A CG  1 
ATOM   853  C CD  . ARG A 1 104 ? -1.547  13.549  -7.510  1.00 18.03 ? 104 ARG A CD  1 
ATOM   854  N NE  . ARG A 1 104 ? -1.455  12.380  -8.381  1.00 21.23 ? 104 ARG A NE  1 
ATOM   855  C CZ  . ARG A 1 104 ? -2.431  11.532  -8.648  1.00 20.44 ? 104 ARG A CZ  1 
ATOM   856  N NH1 . ARG A 1 104 ? -3.653  11.716  -8.125  1.00 23.79 ? 104 ARG A NH1 1 
ATOM   857  N NH2 . ARG A 1 104 ? -2.161  10.470  -9.414  1.00 21.71 ? 104 ARG A NH2 1 
ATOM   858  N N   . GLY A 1 105 ? -1.281  13.323  -2.381  1.00 26.24 ? 105 GLY A N   1 
ATOM   859  C CA  . GLY A 1 105 ? -1.945  12.393  -1.500  1.00 30.61 ? 105 GLY A CA  1 
ATOM   860  C C   . GLY A 1 105 ? -3.151  11.742  -2.141  1.00 29.42 ? 105 GLY A C   1 
ATOM   861  O O   . GLY A 1 105 ? -3.522  12.014  -3.292  1.00 27.71 ? 105 GLY A O   1 
ATOM   862  N N   . ILE A 1 106 ? -3.753  10.846  -1.378  1.00 28.53 ? 106 ILE A N   1 
ATOM   863  C CA  . ILE A 1 106 ? -4.977  10.207  -1.814  1.00 29.06 ? 106 ILE A CA  1 
ATOM   864  C C   . ILE A 1 106 ? -6.015  11.334  -1.906  1.00 28.74 ? 106 ILE A C   1 
ATOM   865  O O   . ILE A 1 106 ? -6.119  12.157  -1.017  1.00 26.96 ? 106 ILE A O   1 
ATOM   866  C CB  . ILE A 1 106 ? -5.434  9.177   -0.768  1.00 26.14 ? 106 ILE A CB  1 
ATOM   867  C CG1 . ILE A 1 106 ? -4.455  8.001   -0.768  1.00 22.42 ? 106 ILE A CG1 1 
ATOM   868  C CG2 . ILE A 1 106 ? -6.905  8.794   -1.009  1.00 30.38 ? 106 ILE A CG2 1 
ATOM   869  C CD1 . ILE A 1 106 ? -4.500  7.118   0.486   1.00 20.64 ? 106 ILE A CD1 1 
ATOM   870  N N   . PRO A 1 107 ? -6.814  11.363  -2.968  1.00 32.21 ? 107 PRO A N   1 
ATOM   871  C CA  . PRO A 1 107 ? -7.813  12.424  -3.083  1.00 30.91 ? 107 PRO A CA  1 
ATOM   872  C C   . PRO A 1 107 ? -8.675  12.696  -1.847  1.00 31.56 ? 107 PRO A C   1 
ATOM   873  O O   . PRO A 1 107 ? -9.128  11.790  -1.147  1.00 29.96 ? 107 PRO A O   1 
ATOM   874  C CB  . PRO A 1 107 ? -8.651  11.971  -4.280  1.00 33.80 ? 107 PRO A CB  1 
ATOM   875  C CG  . PRO A 1 107 ? -7.611  11.336  -5.153  1.00 32.57 ? 107 PRO A CG  1 
ATOM   876  C CD  . PRO A 1 107 ? -6.828  10.496  -4.161  1.00 32.62 ? 107 PRO A CD  1 
ATOM   877  N N   . MET A 1 108 ? -8.946  13.981  -1.629  1.00 32.10 ? 108 MET A N   1 
ATOM   878  C CA  . MET A 1 108 ? -9.748  14.429  -0.512  1.00 30.76 ? 108 MET A CA  1 
ATOM   879  C C   . MET A 1 108 ? -11.132 13.895  -0.659  1.00 27.30 ? 108 MET A C   1 
ATOM   880  O O   . MET A 1 108 ? -11.812 13.660  0.344   1.00 32.13 ? 108 MET A O   1 
ATOM   881  C CB  . MET A 1 108 ? -9.810  15.976  -0.439  1.00 35.88 ? 108 MET A CB  1 
ATOM   882  C CG  . MET A 1 108 ? -8.883  16.664  0.574   1.00 40.90 ? 108 MET A CG  1 
ATOM   883  S SD  . MET A 1 108 ? -8.341  15.741  2.071   1.00 51.37 ? 108 MET A SD  1 
ATOM   884  C CE  . MET A 1 108 ? -9.858  15.555  3.079   1.00 44.86 ? 108 MET A CE  1 
ATOM   885  N N   . SER A 1 109 ? -11.577 13.711  -1.898  1.00 27.11 ? 109 SER A N   1 
ATOM   886  C CA  . SER A 1 109 ? -12.928 13.226  -2.105  1.00 27.66 ? 109 SER A CA  1 
ATOM   887  C C   . SER A 1 109 ? -13.052 11.841  -1.500  1.00 28.29 ? 109 SER A C   1 
ATOM   888  O O   . SER A 1 109 ? -14.079 11.502  -0.933  1.00 25.86 ? 109 SER A O   1 
ATOM   889  C CB  . SER A 1 109 ? -13.251 13.148  -3.585  1.00 30.86 ? 109 SER A CB  1 
ATOM   890  O OG  . SER A 1 109 ? -12.192 12.526  -4.273  1.00 30.96 ? 109 SER A OG  1 
ATOM   891  N N   . ILE A 1 110 ? -12.017 11.029  -1.671  1.00 26.77 ? 110 ILE A N   1 
ATOM   892  C CA  . ILE A 1 110 ? -12.008 9.685   -1.068  1.00 24.66 ? 110 ILE A CA  1 
ATOM   893  C C   . ILE A 1 110 ? -11.850 9.796   0.452   1.00 25.05 ? 110 ILE A C   1 
ATOM   894  O O   . ILE A 1 110 ? -12.643 9.226   1.225   1.00 27.91 ? 110 ILE A O   1 
ATOM   895  C CB  . ILE A 1 110 ? -10.829 8.831   -1.658  1.00 22.33 ? 110 ILE A CB  1 
ATOM   896  C CG1 . ILE A 1 110 ? -11.260 8.230   -2.983  1.00 21.63 ? 110 ILE A CG1 1 
ATOM   897  C CG2 . ILE A 1 110 ? -10.496 7.633   -0.755  1.00 23.92 ? 110 ILE A CG2 1 
ATOM   898  C CD1 . ILE A 1 110 ? -10.085 7.736   -3.812  1.00 28.39 ? 110 ILE A CD1 1 
ATOM   899  N N   . LEU A 1 111 ? -10.818 10.517  0.882   1.00 23.80 ? 111 LEU A N   1 
ATOM   900  C CA  . LEU A 1 111 ? -10.553 10.677  2.319   1.00 29.55 ? 111 LEU A CA  1 
ATOM   901  C C   . LEU A 1 111 ? -11.753 11.215  3.094   1.00 28.64 ? 111 LEU A C   1 
ATOM   902  O O   . LEU A 1 111 ? -11.956 10.909  4.270   1.00 31.32 ? 111 LEU A O   1 
ATOM   903  C CB  . LEU A 1 111 ? -9.343  11.613  2.543   1.00 23.06 ? 111 LEU A CB  1 
ATOM   904  C CG  . LEU A 1 111 ? -7.962  11.002  2.583   1.00 29.80 ? 111 LEU A CG  1 
ATOM   905  C CD1 . LEU A 1 111 ? -7.997  9.719   1.853   1.00 31.35 ? 111 LEU A CD1 1 
ATOM   906  C CD2 . LEU A 1 111 ? -6.918  11.961  2.067   1.00 26.13 ? 111 LEU A CD2 1 
ATOM   907  N N   . ASN A 1 112 ? -12.538 12.038  2.429   1.00 32.86 ? 112 ASN A N   1 
ATOM   908  C CA  . ASN A 1 112 ? -13.697 12.615  3.060   1.00 36.44 ? 112 ASN A CA  1 
ATOM   909  C C   . ASN A 1 112 ? -14.745 11.590  3.395   1.00 34.66 ? 112 ASN A C   1 
ATOM   910  O O   . ASN A 1 112 ? -15.672 11.889  4.155   1.00 36.16 ? 112 ASN A O   1 
ATOM   911  C CB  . ASN A 1 112 ? -14.290 13.711  2.169   1.00 37.92 ? 112 ASN A CB  1 
ATOM   912  C CG  . ASN A 1 112 ? -13.643 15.044  2.417   1.00 43.39 ? 112 ASN A CG  1 
ATOM   913  O OD1 . ASN A 1 112 ? -13.484 15.873  1.508   1.00 44.51 ? 112 ASN A OD1 1 
ATOM   914  N ND2 . ASN A 1 112 ? -13.257 15.271  3.671   1.00 42.33 ? 112 ASN A ND2 1 
ATOM   915  N N   . GLU A 1 113 ? -14.614 10.385  2.862   1.00 35.17 ? 113 GLU A N   1 
ATOM   916  C CA  . GLU A 1 113 ? -15.621 9.369   3.152   1.00 37.50 ? 113 GLU A CA  1 
ATOM   917  C C   . GLU A 1 113 ? -15.159 8.277   4.070   1.00 36.43 ? 113 GLU A C   1 
ATOM   918  O O   . GLU A 1 113 ? -15.812 7.252   4.194   1.00 35.20 ? 113 GLU A O   1 
ATOM   919  C CB  . GLU A 1 113 ? -16.116 8.729   1.872   1.00 44.29 ? 113 GLU A CB  1 
ATOM   920  C CG  . GLU A 1 113 ? -16.884 9.687   0.997   1.00 53.28 ? 113 GLU A CG  1 
ATOM   921  C CD  . GLU A 1 113 ? -17.252 9.043   -0.309  1.00 57.60 ? 113 GLU A CD  1 
ATOM   922  O OE1 . GLU A 1 113 ? -17.606 7.845   -0.267  1.00 62.95 ? 113 GLU A OE1 1 
ATOM   923  O OE2 . GLU A 1 113 ? -17.186 9.719   -1.363  1.00 61.23 ? 113 GLU A OE2 1 
ATOM   924  N N   . MET A 1 114 ? -14.032 8.504   4.731   1.00 36.19 ? 114 MET A N   1 
ATOM   925  C CA  . MET A 1 114 ? -13.480 7.515   5.629   1.00 31.15 ? 114 MET A CA  1 
ATOM   926  C C   . MET A 1 114 ? -13.507 8.052   7.041   1.00 29.76 ? 114 MET A C   1 
ATOM   927  O O   . MET A 1 114 ? -13.405 9.249   7.285   1.00 30.84 ? 114 MET A O   1 
ATOM   928  C CB  . MET A 1 114 ? -12.058 7.230   5.193   1.00 31.42 ? 114 MET A CB  1 
ATOM   929  C CG  . MET A 1 114 ? -11.977 6.867   3.718   1.00 31.22 ? 114 MET A CG  1 
ATOM   930  S SD  . MET A 1 114 ? -10.324 6.544   3.060   1.00 32.02 ? 114 MET A SD  1 
ATOM   931  C CE  . MET A 1 114 ? -9.896  5.239   4.107   1.00 23.51 ? 114 MET A CE  1 
ATOM   932  N N   . PRO A 1 115 ? -13.699 7.176   8.009   1.00 30.76 ? 115 PRO A N   1 
ATOM   933  C CA  . PRO A 1 115 ? -13.704 7.738   9.360   1.00 26.70 ? 115 PRO A CA  1 
ATOM   934  C C   . PRO A 1 115 ? -12.282 8.142   9.710   1.00 24.69 ? 115 PRO A C   1 
ATOM   935  O O   . PRO A 1 115 ? -11.316 7.555   9.190   1.00 25.72 ? 115 PRO A O   1 
ATOM   936  C CB  . PRO A 1 115 ? -14.200 6.578   10.197  1.00 32.59 ? 115 PRO A CB  1 
ATOM   937  C CG  . PRO A 1 115 ? -13.625 5.386   9.461   1.00 30.49 ? 115 PRO A CG  1 
ATOM   938  C CD  . PRO A 1 115 ? -13.895 5.720   8.011   1.00 28.37 ? 115 PRO A CD  1 
ATOM   939  N N   . MET A 1 116 ? -12.155 9.148   10.572  1.00 21.27 ? 116 MET A N   1 
ATOM   940  C CA  . MET A 1 116 ? -10.862 9.638   11.039  1.00 24.33 ? 116 MET A CA  1 
ATOM   941  C C   . MET A 1 116 ? -9.985  8.513   11.602  1.00 25.28 ? 116 MET A C   1 
ATOM   942  O O   . MET A 1 116 ? -8.772  8.528   11.426  1.00 22.16 ? 116 MET A O   1 
ATOM   943  C CB  . MET A 1 116 ? -11.081 10.717  12.095  1.00 23.07 ? 116 MET A CB  1 
ATOM   944  C CG  . MET A 1 116 ? -11.836 11.914  11.550  1.00 26.40 ? 116 MET A CG  1 
ATOM   945  S SD  . MET A 1 116 ? -10.838 12.820  10.329  1.00 28.58 ? 116 MET A SD  1 
ATOM   946  C CE  . MET A 1 116 ? -9.655  13.516  11.450  1.00 18.42 ? 116 MET A CE  1 
ATOM   947  N N   . GLU A 1 117 ? -10.614 7.533   12.247  1.00 22.63 ? 117 GLU A N   1 
ATOM   948  C CA  . GLU A 1 117 ? -9.919  6.391   12.829  1.00 25.07 ? 117 GLU A CA  1 
ATOM   949  C C   . GLU A 1 117 ? -9.250  5.480   11.820  1.00 21.94 ? 117 GLU A C   1 
ATOM   950  O O   . GLU A 1 117 ? -8.487  4.608   12.212  1.00 23.71 ? 117 GLU A O   1 
ATOM   951  C CB  . GLU A 1 117 ? -10.885 5.546   13.685  1.00 20.23 ? 117 GLU A CB  1 
ATOM   952  C CG  . GLU A 1 117 ? -11.297 6.270   14.930  1.00 35.25 ? 117 GLU A CG  1 
ATOM   953  C CD  . GLU A 1 117 ? -12.555 7.117   14.766  1.00 39.42 ? 117 GLU A CD  1 
ATOM   954  O OE1 . GLU A 1 117 ? -13.037 7.307   13.601  1.00 37.67 ? 117 GLU A OE1 1 
ATOM   955  O OE2 . GLU A 1 117 ? -13.046 7.587   15.833  1.00 44.10 ? 117 GLU A OE2 1 
ATOM   956  N N   . GLN A 1 118 ? -9.561  5.627   10.534  1.00 20.45 ? 118 GLN A N   1 
ATOM   957  C CA  . GLN A 1 118 ? -8.910  4.793   9.524   1.00 23.04 ? 118 GLN A CA  1 
ATOM   958  C C   . GLN A 1 118 ? -7.959  5.565   8.605   1.00 19.92 ? 118 GLN A C   1 
ATOM   959  O O   . GLN A 1 118 ? -7.440  5.016   7.644   1.00 19.85 ? 118 GLN A O   1 
ATOM   960  C CB  . GLN A 1 118 ? -9.964  4.014   8.724   1.00 25.10 ? 118 GLN A CB  1 
ATOM   961  C CG  . GLN A 1 118 ? -10.502 2.809   9.551   1.00 34.16 ? 118 GLN A CG  1 
ATOM   962  C CD  . GLN A 1 118 ? -11.861 2.340   9.073   1.00 37.23 ? 118 GLN A CD  1 
ATOM   963  O OE1 . GLN A 1 118 ? -12.075 2.168   7.873   1.00 37.24 ? 118 GLN A OE1 1 
ATOM   964  N NE2 . GLN A 1 118 ? -12.789 2.138   10.007  1.00 38.65 ? 118 GLN A NE2 1 
ATOM   965  N N   . LYS A 1 119 ? -7.764  6.851   8.889   1.00 19.41 ? 119 LYS A N   1 
ATOM   966  C CA  . LYS A 1 119 ? -6.817  7.663   8.152   1.00 17.47 ? 119 LYS A CA  1 
ATOM   967  C C   . LYS A 1 119 ? -5.589  7.807   9.044   1.00 18.23 ? 119 LYS A C   1 
ATOM   968  O O   . LYS A 1 119 ? -5.556  8.539   10.032  1.00 21.56 ? 119 LYS A O   1 
ATOM   969  C CB  . LYS A 1 119 ? -7.422  9.007   7.760   1.00 14.37 ? 119 LYS A CB  1 
ATOM   970  C CG  . LYS A 1 119 ? -8.423  8.789   6.612   1.00 18.24 ? 119 LYS A CG  1 
ATOM   971  C CD  . LYS A 1 119 ? -9.179  10.046  6.182   1.00 18.26 ? 119 LYS A CD  1 
ATOM   972  C CE  . LYS A 1 119 ? -10.125 10.501  7.246   1.00 23.54 ? 119 LYS A CE  1 
ATOM   973  N NZ  . LYS A 1 119 ? -10.827 11.725  6.730   1.00 21.45 ? 119 LYS A NZ  1 
ATOM   974  N N   . ILE A 1 120 ? -4.576  7.054   8.682   1.00 20.02 ? 120 ILE A N   1 
ATOM   975  C CA  . ILE A 1 120 ? -3.392  6.958   9.467   1.00 15.70 ? 120 ILE A CA  1 
ATOM   976  C C   . ILE A 1 120 ? -2.178  7.609   8.873   1.00 17.31 ? 120 ILE A C   1 
ATOM   977  O O   . ILE A 1 120 ? -2.079  7.793   7.641   1.00 17.91 ? 120 ILE A O   1 
ATOM   978  C CB  . ILE A 1 120 ? -3.128  5.448   9.788   1.00 15.21 ? 120 ILE A CB  1 
ATOM   979  C CG1 . ILE A 1 120 ? -3.207  4.599   8.512   1.00 19.10 ? 120 ILE A CG1 1 
ATOM   980  C CG2 . ILE A 1 120 ? -4.184  4.981   10.800  1.00 17.35 ? 120 ILE A CG2 1 
ATOM   981  C CD1 . ILE A 1 120 ? -2.520  3.217   8.640   1.00 18.56 ? 120 ILE A CD1 1 
ATOM   982  N N   . ARG A 1 121 ? -1.240  7.932   9.748   1.00 18.41 ? 121 ARG A N   1 
ATOM   983  C CA  . ARG A 1 121 ? -0.013  8.609   9.326   1.00 20.57 ? 121 ARG A CA  1 
ATOM   984  C C   . ARG A 1 121 ? 1.216   7.991   9.942   1.00 20.02 ? 121 ARG A C   1 
ATOM   985  O O   . ARG A 1 121 ? 1.120   7.451   11.025  1.00 19.38 ? 121 ARG A O   1 
ATOM   986  C CB  . ARG A 1 121 ? -0.067  10.099  9.692   1.00 27.21 ? 121 ARG A CB  1 
ATOM   987  C CG  . ARG A 1 121 ? -0.067  10.363  11.171  1.00 35.30 ? 121 ARG A CG  1 
ATOM   988  C CD  . ARG A 1 121 ? 0.400   11.800  11.501  1.00 42.51 ? 121 ARG A CD  1 
ATOM   989  N NE  . ARG A 1 121 ? -0.063  12.188  12.837  1.00 50.89 ? 121 ARG A NE  1 
ATOM   990  C CZ  . ARG A 1 121 ? 0.595   11.959  13.966  1.00 54.83 ? 121 ARG A CZ  1 
ATOM   991  N NH1 . ARG A 1 121 ? 1.774   11.361  13.948  1.00 58.38 ? 121 ARG A NH1 1 
ATOM   992  N NH2 . ARG A 1 121 ? 0.043   12.276  15.128  1.00 58.48 ? 121 ARG A NH2 1 
ATOM   993  N N   . ILE A 1 122 ? 2.348   8.044   9.220   1.00 13.63 ? 122 ILE A N   1 
ATOM   994  C CA  . ILE A 1 122 ? 3.623   7.565   9.743   1.00 13.15 ? 122 ILE A CA  1 
ATOM   995  C C   . ILE A 1 122 ? 4.159   8.803   10.494  1.00 17.07 ? 122 ILE A C   1 
ATOM   996  O O   . ILE A 1 122 ? 4.170   9.869   9.942   1.00 17.68 ? 122 ILE A O   1 
ATOM   997  C CB  . ILE A 1 122 ? 4.577   7.171   8.555   1.00 15.23 ? 122 ILE A CB  1 
ATOM   998  C CG1 . ILE A 1 122 ? 3.852   6.094   7.704   1.00 20.27 ? 122 ILE A CG1 1 
ATOM   999  C CG2 . ILE A 1 122 ? 5.972   6.775   9.072   1.00 19.84 ? 122 ILE A CG2 1 
ATOM   1000 C CD1 . ILE A 1 122 ? 4.683   4.925   7.247   1.00 21.34 ? 122 ILE A CD1 1 
ATOM   1001 N N   . PRO A 1 123 ? 4.578   8.672   11.767  1.00 16.06 ? 123 PRO A N   1 
ATOM   1002 C CA  . PRO A 1 123 ? 5.076   9.840   12.488  1.00 17.49 ? 123 PRO A CA  1 
ATOM   1003 C C   . PRO A 1 123 ? 6.325   10.422  11.833  1.00 14.96 ? 123 PRO A C   1 
ATOM   1004 O O   . PRO A 1 123 ? 7.085   9.700   11.198  1.00 15.27 ? 123 PRO A O   1 
ATOM   1005 C CB  . PRO A 1 123 ? 5.372   9.280   13.894  1.00 14.50 ? 123 PRO A CB  1 
ATOM   1006 C CG  . PRO A 1 123 ? 4.336   8.122   14.006  1.00 14.77 ? 123 PRO A CG  1 
ATOM   1007 C CD  . PRO A 1 123 ? 4.500   7.490   12.651  1.00 13.97 ? 123 PRO A CD  1 
ATOM   1008 N N   . MET A 1 124 ? 6.495   11.732  11.994  1.00 17.50 ? 124 MET A N   1 
ATOM   1009 C CA  . MET A 1 124 ? 7.660   12.465  11.541  1.00 19.62 ? 124 MET A CA  1 
ATOM   1010 C C   . MET A 1 124 ? 7.988   13.641  12.491  1.00 23.27 ? 124 MET A C   1 
ATOM   1011 O O   . MET A 1 124 ? 7.120   14.183  13.182  1.00 20.40 ? 124 MET A O   1 
ATOM   1012 C CB  . MET A 1 124 ? 7.453   12.937  10.121  1.00 20.81 ? 124 MET A CB  1 
ATOM   1013 C CG  . MET A 1 124 ? 7.552   11.719  9.172   1.00 27.41 ? 124 MET A CG  1 
ATOM   1014 S SD  . MET A 1 124 ? 7.645   12.274  7.575   1.00 35.74 ? 124 MET A SD  1 
ATOM   1015 C CE  . MET A 1 124 ? 6.016   13.233  7.434   1.00 36.63 ? 124 MET A CE  1 
ATOM   1016 N N   . THR A 1 125 ? 9.248   14.011  12.537  1.00 20.68 ? 125 THR A N   1 
ATOM   1017 C CA  . THR A 1 125 ? 9.639   15.089  13.405  1.00 22.72 ? 125 THR A CA  1 
ATOM   1018 C C   . THR A 1 125 ? 9.334   16.400  12.687  1.00 21.14 ? 125 THR A C   1 
ATOM   1019 O O   . THR A 1 125 ? 8.849   16.385  11.546  1.00 16.30 ? 125 THR A O   1 
ATOM   1020 C CB  . THR A 1 125 ? 11.107  15.031  13.724  1.00 20.11 ? 125 THR A CB  1 
ATOM   1021 O OG1 . THR A 1 125 ? 11.826  15.049  12.498  1.00 25.02 ? 125 THR A OG1 1 
ATOM   1022 C CG2 . THR A 1 125 ? 11.420  13.827  14.527  1.00 22.94 ? 125 THR A CG2 1 
ATOM   1023 N N   . ALA A 1 126 ? 9.567   17.525  13.375  1.00 22.13 ? 126 ALA A N   1 
ATOM   1024 C CA  . ALA A 1 126 ? 9.317   18.864  12.792  1.00 19.59 ? 126 ALA A CA  1 
ATOM   1025 C C   . ALA A 1 126 ? 10.043  19.162  11.431  1.00 22.04 ? 126 ALA A C   1 
ATOM   1026 O O   . ALA A 1 126 ? 11.224  18.880  11.272  1.00 21.55 ? 126 ALA A O   1 
ATOM   1027 C CB  . ALA A 1 126 ? 9.703   19.907  13.775  1.00 21.92 ? 126 ALA A CB  1 
ATOM   1028 N N   . ASN A 1 127 ? 9.304   19.732  10.487  1.00 21.62 ? 127 ASN A N   1 
ATOM   1029 C CA  . ASN A 1 127 ? 9.814   20.105  9.185   1.00 26.20 ? 127 ASN A CA  1 
ATOM   1030 C C   . ASN A 1 127 ? 10.459  18.966  8.452   1.00 30.48 ? 127 ASN A C   1 
ATOM   1031 O O   . ASN A 1 127 ? 11.591  19.072  7.966   1.00 29.24 ? 127 ASN A O   1 
ATOM   1032 C CB  . ASN A 1 127 ? 10.798  21.257  9.343   1.00 34.07 ? 127 ASN A CB  1 
ATOM   1033 C CG  . ASN A 1 127 ? 10.118  22.519  9.911   1.00 36.56 ? 127 ASN A CG  1 
ATOM   1034 O OD1 . ASN A 1 127 ? 9.237   23.116  9.261   1.00 37.15 ? 127 ASN A OD1 1 
ATOM   1035 N ND2 . ASN A 1 127 ? 10.500  22.902  11.116  1.00 26.42 ? 127 ASN A ND2 1 
ATOM   1036 N N   . SER A 1 128 ? 9.746   17.856  8.358   1.00 24.43 ? 128 SER A N   1 
ATOM   1037 C CA  . SER A 1 128 ? 10.335  16.746  7.643   1.00 28.62 ? 128 SER A CA  1 
ATOM   1038 C C   . SER A 1 128 ? 9.927   16.897  6.168   1.00 29.87 ? 128 SER A C   1 
ATOM   1039 O O   . SER A 1 128 ? 9.224   17.847  5.793   1.00 29.42 ? 128 SER A O   1 
ATOM   1040 C CB  . SER A 1 128 ? 9.859   15.416  8.248   1.00 26.54 ? 128 SER A CB  1 
ATOM   1041 O OG  . SER A 1 128 ? 8.459   15.413  8.215   1.00 31.34 ? 128 SER A OG  1 
ATOM   1042 N N   . ARG A 1 129 ? 10.396  15.975  5.342   1.00 29.84 ? 129 ARG A N   1 
ATOM   1043 C CA  . ARG A 1 129 ? 10.108  15.965  3.923   1.00 26.72 ? 129 ARG A CA  1 
ATOM   1044 C C   . ARG A 1 129 ? 9.473   14.624  3.614   1.00 28.05 ? 129 ARG A C   1 
ATOM   1045 O O   . ARG A 1 129 ? 9.542   13.702  4.416   1.00 22.82 ? 129 ARG A O   1 
ATOM   1046 C CB  . ARG A 1 129 ? 11.399  16.181  3.141   1.00 32.90 ? 129 ARG A CB  1 
ATOM   1047 C CG  . ARG A 1 129 ? 12.027  17.553  3.448   1.00 36.73 ? 129 ARG A CG  1 
ATOM   1048 C CD  . ARG A 1 129 ? 13.363  17.806  2.750   1.00 49.41 ? 129 ARG A CD  1 
ATOM   1049 N NE  . ARG A 1 129 ? 13.851  19.166  3.010   1.00 56.02 ? 129 ARG A NE  1 
ATOM   1050 C CZ  . ARG A 1 129 ? 14.166  19.629  4.219   1.00 59.23 ? 129 ARG A CZ  1 
ATOM   1051 N NH1 . ARG A 1 129 ? 14.056  18.841  5.289   1.00 61.10 ? 129 ARG A NH1 1 
ATOM   1052 N NH2 . ARG A 1 129 ? 14.560  20.888  4.368   1.00 61.28 ? 129 ARG A NH2 1 
ATOM   1053 N N   . SER A 1 130 ? 8.833   14.517  2.457   1.00 26.83 ? 130 SER A N   1 
ATOM   1054 C CA  . SER A 1 130 ? 8.140   13.298  2.113   1.00 29.61 ? 130 SER A CA  1 
ATOM   1055 C C   . SER A 1 130 ? 9.018   12.082  2.112   1.00 24.44 ? 130 SER A C   1 
ATOM   1056 O O   . SER A 1 130 ? 10.150  12.086  1.614   1.00 29.74 ? 130 SER A O   1 
ATOM   1057 C CB  . SER A 1 130 ? 7.397   13.424  0.758   1.00 32.60 ? 130 SER A CB  1 
ATOM   1058 O OG  . SER A 1 130 ? 8.265   13.831  -0.277  1.00 39.35 ? 130 SER A OG  1 
ATOM   1059 N N   . MET A 1 131 ? 8.505   11.037  2.723   1.00 22.37 ? 131 MET A N   1 
ATOM   1060 C CA  . MET A 1 131 ? 9.210   9.776   2.735   1.00 22.83 ? 131 MET A CA  1 
ATOM   1061 C C   . MET A 1 131 ? 8.886   9.021   1.411   1.00 23.46 ? 131 MET A C   1 
ATOM   1062 O O   . MET A 1 131 ? 7.771   9.112   0.908   1.00 24.19 ? 131 MET A O   1 
ATOM   1063 C CB  . MET A 1 131 ? 8.735   8.950   3.919   1.00 22.16 ? 131 MET A CB  1 
ATOM   1064 C CG  . MET A 1 131 ? 9.392   7.625   3.948   1.00 26.43 ? 131 MET A CG  1 
ATOM   1065 S SD  . MET A 1 131 ? 9.036   6.780   5.526   1.00 42.81 ? 131 MET A SD  1 
ATOM   1066 C CE  . MET A 1 131 ? 10.643  6.471   5.864   1.00 19.81 ? 131 MET A CE  1 
ATOM   1067 N N   . ASN A 1 132 ? 9.841   8.259   0.885   1.00 18.66 ? 132 ASN A N   1 
ATOM   1068 C CA  . ASN A 1 132 ? 9.645   7.526   -0.341  1.00 23.00 ? 132 ASN A CA  1 
ATOM   1069 C C   . ASN A 1 132 ? 8.519   6.514   -0.170  1.00 26.41 ? 132 ASN A C   1 
ATOM   1070 O O   . ASN A 1 132 ? 8.443   5.826   0.885   1.00 25.54 ? 132 ASN A O   1 
ATOM   1071 C CB  . ASN A 1 132 ? 10.970  6.858   -0.726  1.00 28.91 ? 132 ASN A CB  1 
ATOM   1072 C CG  . ASN A 1 132 ? 10.788  5.689   -1.649  1.00 34.22 ? 132 ASN A CG  1 
ATOM   1073 O OD1 . ASN A 1 132 ? 10.634  4.556   -1.190  1.00 31.19 ? 132 ASN A OD1 1 
ATOM   1074 N ND2 . ASN A 1 132 ? 10.785  5.947   -2.958  1.00 29.82 ? 132 ASN A ND2 1 
ATOM   1075 N N   . LEU A 1 133 ? 7.629   6.452   -1.175  1.00 17.33 ? 133 LEU A N   1 
ATOM   1076 C CA  . LEU A 1 133 ? 6.508   5.553   -1.158  1.00 20.57 ? 133 LEU A CA  1 
ATOM   1077 C C   . LEU A 1 133 ? 6.863   4.135   -0.691  1.00 18.18 ? 133 LEU A C   1 
ATOM   1078 O O   . LEU A 1 133 ? 6.253   3.619   0.244   1.00 23.33 ? 133 LEU A O   1 
ATOM   1079 C CB  . LEU A 1 133 ? 5.839   5.530   -2.546  1.00 21.32 ? 133 LEU A CB  1 
ATOM   1080 C CG  . LEU A 1 133 ? 4.606   4.648   -2.732  1.00 17.24 ? 133 LEU A CG  1 
ATOM   1081 C CD1 . LEU A 1 133 ? 3.711   4.755   -1.582  1.00 21.26 ? 133 LEU A CD1 1 
ATOM   1082 C CD2 . LEU A 1 133 ? 3.885   5.049   -3.989  1.00 22.87 ? 133 LEU A CD2 1 
ATOM   1083 N N   . SER A 1 134 ? 7.853   3.509   -1.303  1.00 18.72 ? 134 SER A N   1 
ATOM   1084 C CA  . SER A 1 134 ? 8.224   2.163   -0.916  1.00 18.53 ? 134 SER A CA  1 
ATOM   1085 C C   . SER A 1 134 ? 8.668   2.055   0.560   1.00 18.66 ? 134 SER A C   1 
ATOM   1086 O O   . SER A 1 134 ? 8.383   1.070   1.212   1.00 18.22 ? 134 SER A O   1 
ATOM   1087 C CB  . SER A 1 134 ? 9.284   1.589   -1.888  1.00 19.53 ? 134 SER A CB  1 
ATOM   1088 O OG  . SER A 1 134 ? 10.569  2.050   -1.559  1.00 25.93 ? 134 SER A OG  1 
ATOM   1089 N N   . ASN A 1 135 ? 9.351   3.065   1.083   1.00 14.98 ? 135 ASN A N   1 
ATOM   1090 C CA  . ASN A 1 135 ? 9.723   3.046   2.487   1.00 17.70 ? 135 ASN A CA  1 
ATOM   1091 C C   . ASN A 1 135 ? 8.441   3.118   3.345   1.00 14.53 ? 135 ASN A C   1 
ATOM   1092 O O   . ASN A 1 135 ? 8.347   2.449   4.357   1.00 14.53 ? 135 ASN A O   1 
ATOM   1093 C CB  . ASN A 1 135 ? 10.559  4.255   2.843   1.00 14.74 ? 135 ASN A CB  1 
ATOM   1094 C CG  . ASN A 1 135 ? 11.999  4.120   2.472   1.00 15.37 ? 135 ASN A CG  1 
ATOM   1095 O OD1 . ASN A 1 135 ? 12.460  3.110   1.968   1.00 24.70 ? 135 ASN A OD1 1 
ATOM   1096 N ND2 . ASN A 1 135 ? 12.742  5.165   2.753   1.00 14.44 ? 135 ASN A ND2 1 
ATOM   1097 N N   . SER A 1 136 ? 7.469   3.953   2.931   1.00 12.10 ? 136 SER A N   1 
ATOM   1098 C CA  . SER A 1 136 ? 6.176   4.129   3.621   1.00 13.58 ? 136 SER A CA  1 
ATOM   1099 C C   . SER A 1 136 ? 5.375   2.830   3.683   1.00 17.73 ? 136 SER A C   1 
ATOM   1100 O O   . SER A 1 136 ? 4.781   2.443   4.733   1.00 12.00 ? 136 SER A O   1 
ATOM   1101 C CB  . SER A 1 136 ? 5.316   5.192   2.896   1.00 16.71 ? 136 SER A CB  1 
ATOM   1102 O OG  . SER A 1 136 ? 5.916   6.466   3.102   1.00 25.70 ? 136 SER A OG  1 
ATOM   1103 N N   . VAL A 1 137 ? 5.380   2.165   2.547   1.00 14.37 ? 137 VAL A N   1 
ATOM   1104 C CA  . VAL A 1 137 ? 4.664   0.924   2.418   1.00 13.90 ? 137 VAL A CA  1 
ATOM   1105 C C   . VAL A 1 137 ? 5.370   -0.153  3.233   1.00 12.08 ? 137 VAL A C   1 
ATOM   1106 O O   . VAL A 1 137 ? 4.701   -0.903  3.936   1.00 15.28 ? 137 VAL A O   1 
ATOM   1107 C CB  . VAL A 1 137 ? 4.520   0.502   0.918   1.00 13.33 ? 137 VAL A CB  1 
ATOM   1108 C CG1 . VAL A 1 137 ? 3.662   -0.849  0.848   1.00 12.02 ? 137 VAL A CG1 1 
ATOM   1109 C CG2 . VAL A 1 137 ? 3.723   1.585   0.154   1.00 14.73 ? 137 VAL A CG2 1 
ATOM   1110 N N   . ALA A 1 138 ? 6.713   -0.172  3.206   1.00 14.58 ? 138 ALA A N   1 
ATOM   1111 C CA  . ALA A 1 138 ? 7.443   -1.193  3.935   1.00 14.04 ? 138 ALA A CA  1 
ATOM   1112 C C   . ALA A 1 138 ? 7.144   -1.025  5.417   1.00 16.65 ? 138 ALA A C   1 
ATOM   1113 O O   . ALA A 1 138 ? 6.802   -1.962  6.101   1.00 15.00 ? 138 ALA A O   1 
ATOM   1114 C CB  . ALA A 1 138 ? 8.912   -1.081  3.693   1.00 9.93  ? 138 ALA A CB  1 
ATOM   1115 N N   . VAL A 1 139 ? 7.270   0.201   5.891   1.00 12.75 ? 139 VAL A N   1 
ATOM   1116 C CA  . VAL A 1 139 ? 7.011   0.495   7.292   1.00 13.79 ? 139 VAL A CA  1 
ATOM   1117 C C   . VAL A 1 139 ? 5.624   0.064   7.747   1.00 14.68 ? 139 VAL A C   1 
ATOM   1118 O O   . VAL A 1 139 ? 5.465   -0.622  8.789   1.00 9.99  ? 139 VAL A O   1 
ATOM   1119 C CB  . VAL A 1 139 ? 7.220   2.018   7.570   1.00 12.74 ? 139 VAL A CB  1 
ATOM   1120 C CG1 . VAL A 1 139 ? 6.583   2.411   8.964   1.00 18.10 ? 139 VAL A CG1 1 
ATOM   1121 C CG2 . VAL A 1 139 ? 8.745   2.296   7.519   1.00 13.45 ? 139 VAL A CG2 1 
ATOM   1122 N N   . THR A 1 140 ? 4.618   0.410   6.955   1.00 14.22 ? 140 THR A N   1 
ATOM   1123 C CA  . THR A 1 140 ? 3.224   0.075   7.345   1.00 14.41 ? 140 THR A CA  1 
ATOM   1124 C C   . THR A 1 140 ? 2.985   -1.440  7.346   1.00 12.87 ? 140 THR A C   1 
ATOM   1125 O O   . THR A 1 140 ? 2.408   -1.988  8.274   1.00 15.59 ? 140 THR A O   1 
ATOM   1126 C CB  . THR A 1 140 ? 2.211   0.811   6.410   1.00 13.37 ? 140 THR A CB  1 
ATOM   1127 O OG1 . THR A 1 140 ? 2.527   2.211   6.398   1.00 13.92 ? 140 THR A OG1 1 
ATOM   1128 C CG2 . THR A 1 140 ? 0.754   0.666   6.926   1.00 15.21 ? 140 THR A CG2 1 
ATOM   1129 N N   . VAL A 1 141 ? 3.416   -2.103  6.299   1.00 13.21 ? 141 VAL A N   1 
ATOM   1130 C CA  . VAL A 1 141 ? 3.264   -3.536  6.153   1.00 13.09 ? 141 VAL A CA  1 
ATOM   1131 C C   . VAL A 1 141 ? 3.904   -4.305  7.306   1.00 14.73 ? 141 VAL A C   1 
ATOM   1132 O O   . VAL A 1 141 ? 3.286   -5.201  7.888   1.00 15.67 ? 141 VAL A O   1 
ATOM   1133 C CB  . VAL A 1 141 ? 3.868   -4.046  4.812   1.00 15.69 ? 141 VAL A CB  1 
ATOM   1134 C CG1 . VAL A 1 141 ? 3.938   -5.636  4.782   1.00 19.34 ? 141 VAL A CG1 1 
ATOM   1135 C CG2 . VAL A 1 141 ? 2.975   -3.614  3.634   1.00 16.56 ? 141 VAL A CG2 1 
ATOM   1136 N N   . TYR A 1 142 ? 5.133   -3.956  7.637   1.00 12.51 ? 142 TYR A N   1 
ATOM   1137 C CA  . TYR A 1 142 ? 5.810   -4.661  8.707   1.00 17.35 ? 142 TYR A CA  1 
ATOM   1138 C C   . TYR A 1 142 ? 5.209   -4.380  10.042  1.00 14.58 ? 142 TYR A C   1 
ATOM   1139 O O   . TYR A 1 142 ? 5.238   -5.228  10.947  1.00 17.41 ? 142 TYR A O   1 
ATOM   1140 C CB  . TYR A 1 142 ? 7.293   -4.330  8.697   1.00 15.71 ? 142 TYR A CB  1 
ATOM   1141 C CG  . TYR A 1 142 ? 7.997   -5.367  7.869   1.00 13.70 ? 142 TYR A CG  1 
ATOM   1142 C CD1 . TYR A 1 142 ? 8.259   -6.618  8.375   1.00 17.10 ? 142 TYR A CD1 1 
ATOM   1143 C CD2 . TYR A 1 142 ? 8.308   -5.117  6.548   1.00 13.13 ? 142 TYR A CD2 1 
ATOM   1144 C CE1 . TYR A 1 142 ? 8.837   -7.630  7.558   1.00 14.94 ? 142 TYR A CE1 1 
ATOM   1145 C CE2 . TYR A 1 142 ? 8.855   -6.091  5.744   1.00 17.80 ? 142 TYR A CE2 1 
ATOM   1146 C CZ  . TYR A 1 142 ? 9.123   -7.357  6.258   1.00 14.48 ? 142 TYR A CZ  1 
ATOM   1147 O OH  . TYR A 1 142 ? 9.661   -8.319  5.410   1.00 14.86 ? 142 TYR A OH  1 
ATOM   1148 N N   . GLU A 1 143 ? 4.622   -3.204  10.190  1.00 13.92 ? 143 GLU A N   1 
ATOM   1149 C CA  . GLU A 1 143 ? 3.992   -2.922  11.481  1.00 13.74 ? 143 GLU A CA  1 
ATOM   1150 C C   . GLU A 1 143 ? 2.680   -3.734  11.528  1.00 18.38 ? 143 GLU A C   1 
ATOM   1151 O O   . GLU A 1 143 ? 2.350   -4.359  12.547  1.00 16.15 ? 143 GLU A O   1 
ATOM   1152 C CB  . GLU A 1 143 ? 3.723   -1.418  11.634  1.00 12.43 ? 143 GLU A CB  1 
ATOM   1153 C CG  . GLU A 1 143 ? 2.642   -1.043  12.691  1.00 19.50 ? 143 GLU A CG  1 
ATOM   1154 C CD  . GLU A 1 143 ? 3.002   -1.520  14.140  1.00 19.65 ? 143 GLU A CD  1 
ATOM   1155 O OE1 . GLU A 1 143 ? 4.177   -1.795  14.386  1.00 16.76 ? 143 GLU A OE1 1 
ATOM   1156 O OE2 . GLU A 1 143 ? 2.099   -1.616  15.000  1.00 14.59 ? 143 GLU A OE2 1 
ATOM   1157 N N   . ALA A 1 144 ? 1.916   -3.743  10.436  1.00 17.00 ? 144 ALA A N   1 
ATOM   1158 C CA  . ALA A 1 144 ? 0.684   -4.541  10.482  1.00 18.32 ? 144 ALA A CA  1 
ATOM   1159 C C   . ALA A 1 144 ? 1.076   -6.034  10.671  1.00 15.26 ? 144 ALA A C   1 
ATOM   1160 O O   . ALA A 1 144 ? 0.404   -6.743  11.409  1.00 14.99 ? 144 ALA A O   1 
ATOM   1161 C CB  . ALA A 1 144 ? -0.129  -4.367  9.212   1.00 11.30 ? 144 ALA A CB  1 
ATOM   1162 N N   . TRP A 1 145 ? 2.156   -6.488  10.015  1.00 14.37 ? 145 TRP A N   1 
ATOM   1163 C CA  . TRP A 1 145 ? 2.589   -7.889  10.123  1.00 16.67 ? 145 TRP A CA  1 
ATOM   1164 C C   . TRP A 1 145 ? 2.999   -8.220  11.569  1.00 21.09 ? 145 TRP A C   1 
ATOM   1165 O O   . TRP A 1 145 ? 2.654   -9.276  12.114  1.00 22.03 ? 145 TRP A O   1 
ATOM   1166 C CB  . TRP A 1 145 ? 3.751   -8.220  9.171   1.00 17.81 ? 145 TRP A CB  1 
ATOM   1167 C CG  . TRP A 1 145 ? 3.757   -9.703  8.753   1.00 16.39 ? 145 TRP A CG  1 
ATOM   1168 C CD1 . TRP A 1 145 ? 2.743   -10.591 8.937   1.00 14.30 ? 145 TRP A CD1 1 
ATOM   1169 C CD2 . TRP A 1 145 ? 4.802   -10.429 8.079   1.00 15.04 ? 145 TRP A CD2 1 
ATOM   1170 N NE1 . TRP A 1 145 ? 3.072   -11.798 8.437   1.00 16.12 ? 145 TRP A NE1 1 
ATOM   1171 C CE2 . TRP A 1 145 ? 4.335   -11.744 7.909   1.00 14.95 ? 145 TRP A CE2 1 
ATOM   1172 C CE3 . TRP A 1 145 ? 6.083   -10.093 7.607   1.00 14.80 ? 145 TRP A CE3 1 
ATOM   1173 C CZ2 . TRP A 1 145 ? 5.091   -12.729 7.290   1.00 14.36 ? 145 TRP A CZ2 1 
ATOM   1174 C CZ3 . TRP A 1 145 ? 6.844   -11.072 6.983   1.00 12.88 ? 145 TRP A CZ3 1 
ATOM   1175 C CH2 . TRP A 1 145 ? 6.349   -12.375 6.825   1.00 13.22 ? 145 TRP A CH2 1 
ATOM   1176 N N   . ARG A 1 146 ? 3.720   -7.294  12.185  1.00 19.01 ? 146 ARG A N   1 
ATOM   1177 C CA  . ARG A 1 146 ? 4.158   -7.442  13.576  1.00 17.54 ? 146 ARG A CA  1 
ATOM   1178 C C   . ARG A 1 146 ? 2.924   -7.634  14.476  1.00 20.52 ? 146 ARG A C   1 
ATOM   1179 O O   . ARG A 1 146 ? 2.890   -8.514  15.359  1.00 17.65 ? 146 ARG A O   1 
ATOM   1180 C CB  . ARG A 1 146 ? 4.894   -6.179  14.032  1.00 17.46 ? 146 ARG A CB  1 
ATOM   1181 C CG  . ARG A 1 146 ? 5.219   -6.146  15.568  1.00 14.33 ? 146 ARG A CG  1 
ATOM   1182 C CD  . ARG A 1 146 ? 5.716   -4.780  15.929  1.00 15.25 ? 146 ARG A CD  1 
ATOM   1183 N NE  . ARG A 1 146 ? 4.622   -3.829  16.076  1.00 18.12 ? 146 ARG A NE  1 
ATOM   1184 C CZ  . ARG A 1 146 ? 3.728   -3.850  17.069  1.00 23.34 ? 146 ARG A CZ  1 
ATOM   1185 N NH1 . ARG A 1 146 ? 3.807   -4.779  18.002  1.00 17.12 ? 146 ARG A NH1 1 
ATOM   1186 N NH2 . ARG A 1 146 ? 2.735   -2.944  17.131  1.00 20.49 ? 146 ARG A NH2 1 
ATOM   1187 N N   . GLN A 1 147 ? 1.925   -6.796  14.278  1.00 12.85 ? 147 GLN A N   1 
ATOM   1188 C CA  . GLN A 1 147 ? 0.714   -6.898  15.073  1.00 19.07 ? 147 GLN A CA  1 
ATOM   1189 C C   . GLN A 1 147 ? 0.019   -8.246  14.902  1.00 21.45 ? 147 GLN A C   1 
ATOM   1190 O O   . GLN A 1 147 ? -0.544  -8.768  15.850  1.00 19.65 ? 147 GLN A O   1 
ATOM   1191 C CB  . GLN A 1 147 ? -0.283  -5.793  14.741  1.00 15.65 ? 147 GLN A CB  1 
ATOM   1192 C CG  . GLN A 1 147 ? 0.069   -4.361  15.264  1.00 22.06 ? 147 GLN A CG  1 
ATOM   1193 C CD  . GLN A 1 147 ? -1.025  -3.401  14.901  1.00 18.25 ? 147 GLN A CD  1 
ATOM   1194 O OE1 . GLN A 1 147 ? -2.143  -3.833  14.700  1.00 17.66 ? 147 GLN A OE1 1 
ATOM   1195 N NE2 . GLN A 1 147 ? -0.719  -2.100  14.824  1.00 19.19 ? 147 GLN A NE2 1 
ATOM   1196 N N   . LEU A 1 148 ? 0.076   -8.802  13.706  1.00 17.59 ? 148 LEU A N   1 
ATOM   1197 C CA  . LEU A 1 148 ? -0.574  -10.070 13.410  1.00 22.87 ? 148 LEU A CA  1 
ATOM   1198 C C   . LEU A 1 148 ? 0.334   -11.282 13.613  1.00 20.40 ? 148 LEU A C   1 
ATOM   1199 O O   . LEU A 1 148 ? 0.037   -12.399 13.144  1.00 21.25 ? 148 LEU A O   1 
ATOM   1200 C CB  . LEU A 1 148 ? -1.125  -10.034 11.970  1.00 21.68 ? 148 LEU A CB  1 
ATOM   1201 C CG  . LEU A 1 148 ? -2.257  -9.004  11.856  1.00 27.30 ? 148 LEU A CG  1 
ATOM   1202 C CD1 . LEU A 1 148 ? -2.664  -8.798  10.391  1.00 22.27 ? 148 LEU A CD1 1 
ATOM   1203 C CD2 . LEU A 1 148 ? -3.401  -9.453  12.752  1.00 26.27 ? 148 LEU A CD2 1 
ATOM   1204 N N   . GLY A 1 149 ? 1.452   -11.062 14.307  1.00 21.74 ? 149 GLY A N   1 
ATOM   1205 C CA  . GLY A 1 149 ? 2.364   -12.163 14.616  1.00 16.22 ? 149 GLY A CA  1 
ATOM   1206 C C   . GLY A 1 149 ? 3.235   -12.712 13.488  1.00 19.84 ? 149 GLY A C   1 
ATOM   1207 O O   . GLY A 1 149 ? 3.709   -13.846 13.581  1.00 18.02 ? 149 GLY A O   1 
ATOM   1208 N N   . TYR A 1 150 ? 3.442   -11.942 12.410  1.00 19.74 ? 150 TYR A N   1 
ATOM   1209 C CA  . TYR A 1 150 ? 4.281   -12.426 11.347  1.00 16.31 ? 150 TYR A CA  1 
ATOM   1210 C C   . TYR A 1 150 ? 3.877   -13.826 10.845  1.00 21.22 ? 150 TYR A C   1 
ATOM   1211 O O   . TYR A 1 150 ? 4.749   -14.661 10.591  1.00 18.21 ? 150 TYR A O   1 
ATOM   1212 C CB  . TYR A 1 150 ? 5.710   -12.527 11.881  1.00 16.83 ? 150 TYR A CB  1 
ATOM   1213 C CG  . TYR A 1 150 ? 6.272   -11.206 12.259  1.00 17.08 ? 150 TYR A CG  1 
ATOM   1214 C CD1 . TYR A 1 150 ? 6.811   -10.999 13.526  1.00 13.87 ? 150 TYR A CD1 1 
ATOM   1215 C CD2 . TYR A 1 150 ? 6.283   -10.130 11.331  1.00 14.10 ? 150 TYR A CD2 1 
ATOM   1216 C CE1 . TYR A 1 150 ? 7.357   -9.776  13.890  1.00 14.85 ? 150 TYR A CE1 1 
ATOM   1217 C CE2 . TYR A 1 150 ? 6.842   -8.885  11.686  1.00 15.06 ? 150 TYR A CE2 1 
ATOM   1218 C CZ  . TYR A 1 150 ? 7.376   -8.720  12.965  1.00 14.37 ? 150 TYR A CZ  1 
ATOM   1219 O OH  . TYR A 1 150 ? 7.891   -7.518  13.346  1.00 15.22 ? 150 TYR A OH  1 
ATOM   1220 N N   . LYS A 1 151 ? 2.591   -14.097 10.695  1.00 23.15 ? 151 LYS A N   1 
ATOM   1221 C CA  . LYS A 1 151 ? 2.191   -15.437 10.227  1.00 23.51 ? 151 LYS A CA  1 
ATOM   1222 C C   . LYS A 1 151 ? 2.704   -15.603 8.827   1.00 19.42 ? 151 LYS A C   1 
ATOM   1223 O O   . LYS A 1 151 ? 2.620   -14.672 8.017   1.00 21.68 ? 151 LYS A O   1 
ATOM   1224 C CB  . LYS A 1 151 ? 0.663   -15.594 10.288  1.00 25.93 ? 151 LYS A CB  1 
ATOM   1225 C CG  . LYS A 1 151 ? 0.187   -16.056 11.669  1.00 35.98 ? 151 LYS A CG  1 
ATOM   1226 C CD  . LYS A 1 151 ? -0.098  -14.953 12.574  1.00 41.35 ? 151 LYS A CD  1 
ATOM   1227 C CE  . LYS A 1 151 ? -0.002  -15.419 14.026  1.00 46.33 ? 151 LYS A CE  1 
ATOM   1228 N NZ  . LYS A 1 151 ? -0.885  -16.537 14.335  1.00 43.91 ? 151 LYS A NZ  1 
ATOM   1229 N N   . GLY A 1 152 ? 3.272   -16.776 8.567   1.00 19.46 ? 152 GLY A N   1 
ATOM   1230 C CA  . GLY A 1 152 ? 3.857   -17.099 7.282   1.00 16.91 ? 152 GLY A CA  1 
ATOM   1231 C C   . GLY A 1 152 ? 5.345   -16.928 7.240   1.00 18.12 ? 152 GLY A C   1 
ATOM   1232 O O   . GLY A 1 152 ? 6.026   -17.379 6.301   1.00 19.83 ? 152 GLY A O   1 
ATOM   1233 N N   . ALA A 1 153 ? 5.888   -16.281 8.258   1.00 20.00 ? 153 ALA A N   1 
ATOM   1234 C CA  . ALA A 1 153 ? 7.328   -16.043 8.277   1.00 21.86 ? 153 ALA A CA  1 
ATOM   1235 C C   . ALA A 1 153 ? 8.059   -17.345 8.524   1.00 23.93 ? 153 ALA A C   1 
ATOM   1236 O O   . ALA A 1 153 ? 7.546   -18.222 9.222   1.00 23.19 ? 153 ALA A O   1 
ATOM   1237 C CB  . ALA A 1 153 ? 7.677   -15.052 9.387   1.00 18.39 ? 153 ALA A CB  1 
ATOM   1238 N N   . VAL A 1 154 ? 9.263   -17.462 7.969   1.00 24.95 ? 154 VAL A N   1 
ATOM   1239 C CA  . VAL A 1 154 ? 10.099  -18.650 8.178   1.00 29.13 ? 154 VAL A CA  1 
ATOM   1240 C C   . VAL A 1 154 ? 11.538  -18.178 8.102   1.00 32.70 ? 154 VAL A C   1 
ATOM   1241 O O   . VAL A 1 154 ? 11.825  -17.186 7.407   1.00 30.23 ? 154 VAL A O   1 
ATOM   1242 C CB  . VAL A 1 154 ? 9.890   -19.755 7.063   1.00 32.35 ? 154 VAL A CB  1 
ATOM   1243 C CG1 . VAL A 1 154 ? 8.398   -20.129 6.945   1.00 33.87 ? 154 VAL A CG1 1 
ATOM   1244 C CG2 . VAL A 1 154 ? 10.432  -19.272 5.717   1.00 25.26 ? 154 VAL A CG2 1 
ATOM   1245 N N   . ASN A 1 155 ? 12.441  -18.868 8.795   1.00 35.62 ? 155 ASN A N   1 
ATOM   1246 C CA  . ASN A 1 155 ? 13.877  -18.539 8.744   1.00 42.35 ? 155 ASN A CA  1 
ATOM   1247 C C   . ASN A 1 155 ? 14.618  -18.878 7.426   1.00 47.01 ? 155 ASN A C   1 
ATOM   1248 O O   . ASN A 1 155 ? 14.073  -19.472 6.487   1.00 45.52 ? 155 ASN A O   1 
ATOM   1249 C CB  . ASN A 1 155 ? 14.627  -19.272 9.850   1.00 43.96 ? 155 ASN A CB  1 
ATOM   1250 C CG  . ASN A 1 155 ? 14.698  -18.470 11.115  1.00 45.54 ? 155 ASN A CG  1 
ATOM   1251 O OD1 . ASN A 1 155 ? 15.693  -17.755 11.378  1.00 48.03 ? 155 ASN A OD1 1 
ATOM   1252 N ND2 . ASN A 1 155 ? 13.631  -18.544 11.904  1.00 41.97 ? 155 ASN A ND2 1 
ATOM   1253 N N   . LEU A 1 156 ? 15.895  -18.509 7.410   1.00 52.97 ? 156 LEU A N   1 
ATOM   1254 C CA  . LEU A 1 156 ? 16.825  -18.739 6.310   1.00 55.97 ? 156 LEU A CA  1 
ATOM   1255 C C   . LEU A 1 156 ? 16.703  -20.187 5.846   1.00 60.56 ? 156 LEU A C   1 
ATOM   1256 O O   . LEU A 1 156 ? 16.193  -20.405 4.722   1.00 61.99 ? 156 LEU A O   1 
ATOM   1257 C CB  . LEU A 1 156 ? 18.240  -18.499 6.832   1.00 57.35 ? 156 LEU A CB  1 
ATOM   1258 C CG  . LEU A 1 156 ? 19.123  -17.437 6.180   1.00 57.27 ? 156 LEU A CG  1 
ATOM   1259 C CD1 . LEU A 1 156 ? 20.233  -17.005 7.163   1.00 56.44 ? 156 LEU A CD1 1 
ATOM   1260 C CD2 . LEU A 1 156 ? 19.699  -18.017 4.880   1.00 59.50 ? 156 LEU A CD2 1 
HETATM 1261 O O   . HOH B 2 .   ? -11.028 -6.045  8.864   1.00 18.03 ? 201 HOH A O   1 
HETATM 1262 O O   . HOH B 2 .   ? -7.227  -8.156  3.584   1.00 22.82 ? 202 HOH A O   1 
HETATM 1263 O O   . HOH B 2 .   ? 6.151   -6.613  19.003  1.00 19.58 ? 203 HOH A O   1 
HETATM 1264 O O   . HOH B 2 .   ? -12.241 -7.741  3.485   1.00 19.96 ? 204 HOH A O   1 
HETATM 1265 O O   . HOH B 2 .   ? 12.161  -14.662 8.394   1.00 23.81 ? 205 HOH A O   1 
HETATM 1266 O O   . HOH B 2 .   ? -6.762  -10.184 5.469   1.00 17.54 ? 206 HOH A O   1 
HETATM 1267 O O   . HOH B 2 .   ? -7.617  0.312   15.872  1.00 31.90 ? 207 HOH A O   1 
HETATM 1268 O O   . HOH B 2 .   ? 10.717  -7.567  2.921   1.00 21.58 ? 208 HOH A O   1 
HETATM 1269 O O   . HOH B 2 .   ? 5.925   -16.055 12.765  1.00 20.73 ? 209 HOH A O   1 
HETATM 1270 O O   . HOH B 2 .   ? 2.207   -13.927 5.502   1.00 25.02 ? 210 HOH A O   1 
HETATM 1271 O O   . HOH B 2 .   ? 5.229   3.283   -7.393  1.00 38.60 ? 211 HOH A O   1 
HETATM 1272 O O   . HOH B 2 .   ? 0.289   7.141   1.207   1.00 21.27 ? 212 HOH A O   1 
HETATM 1273 O O   . HOH B 2 .   ? -13.993 5.646   -8.819  1.00 25.73 ? 213 HOH A O   1 
HETATM 1274 O O   . HOH B 2 .   ? -4.461  11.460  -11.525 1.00 24.77 ? 214 HOH A O   1 
HETATM 1275 O O   . HOH B 2 .   ? 6.863   0.999   12.536  1.00 20.58 ? 215 HOH A O   1 
HETATM 1276 O O   . HOH B 2 .   ? 2.062   9.555   6.588   1.00 26.16 ? 216 HOH A O   1 
HETATM 1277 O O   . HOH B 2 .   ? -13.055 -0.632  13.001  1.00 32.47 ? 217 HOH A O   1 
HETATM 1278 O O   . HOH B 2 .   ? 0.240   4.908   -5.070  1.00 23.32 ? 218 HOH A O   1 
HETATM 1279 O O   . HOH B 2 .   ? 5.933   -18.529 4.029   1.00 34.17 ? 219 HOH A O   1 
HETATM 1280 O O   . HOH B 2 .   ? 4.763   -9.758  16.563  1.00 23.71 ? 220 HOH A O   1 
HETATM 1281 O O   . HOH B 2 .   ? 4.109   -9.383  -4.877  1.00 30.52 ? 221 HOH A O   1 
HETATM 1282 O O   . HOH B 2 .   ? 7.897   8.567   -3.199  1.00 35.29 ? 222 HOH A O   1 
HETATM 1283 O O   . HOH B 2 .   ? -2.249  10.036  0.822   1.00 29.98 ? 223 HOH A O   1 
HETATM 1284 O O   . HOH B 2 .   ? -13.643 1.112   6.061   1.00 24.55 ? 224 HOH A O   1 
HETATM 1285 O O   . HOH B 2 .   ? -7.388  10.821  11.123  1.00 29.33 ? 225 HOH A O   1 
HETATM 1286 O O   . HOH B 2 .   ? 4.796   -5.812  -24.559 1.00 28.29 ? 226 HOH A O   1 
HETATM 1287 O O   . HOH B 2 .   ? -7.033  -10.256 12.665  1.00 30.37 ? 227 HOH A O   1 
HETATM 1288 O O   . HOH B 2 .   ? 2.331   2.993   18.667  1.00 20.51 ? 228 HOH A O   1 
HETATM 1289 O O   . HOH B 2 .   ? 2.808   -15.676 15.394  1.00 28.03 ? 229 HOH A O   1 
HETATM 1290 O O   . HOH B 2 .   ? -11.670 -4.436  -10.244 1.00 31.11 ? 230 HOH A O   1 
HETATM 1291 O O   . HOH B 2 .   ? 12.110  16.648  10.163  1.00 44.93 ? 231 HOH A O   1 
HETATM 1292 O O   . HOH B 2 .   ? -3.977  14.016  -10.392 1.00 34.57 ? 232 HOH A O   1 
HETATM 1293 O O   . HOH B 2 .   ? 13.252  -4.441  -5.119  1.00 32.71 ? 233 HOH A O   1 
HETATM 1294 O O   . HOH B 2 .   ? 0.721   9.796   -0.973  1.00 30.67 ? 234 HOH A O   1 
HETATM 1295 O O   . HOH B 2 .   ? 5.440   8.174   1.209   1.00 29.61 ? 235 HOH A O   1 
HETATM 1296 O O   . HOH B 2 .   ? 10.428  -12.132 -3.172  1.00 33.89 ? 236 HOH A O   1 
HETATM 1297 O O   . HOH B 2 .   ? -5.980  -1.922  22.918  1.00 36.43 ? 237 HOH A O   1 
HETATM 1298 O O   . HOH B 2 .   ? -2.189  -1.862  17.703  1.00 33.84 ? 238 HOH A O   1 
HETATM 1299 O O   . HOH B 2 .   ? -7.445  12.568  9.021   1.00 24.20 ? 239 HOH A O   1 
HETATM 1300 O O   . HOH B 2 .   ? 3.345   11.292  7.787   1.00 28.26 ? 240 HOH A O   1 
HETATM 1301 O O   . HOH B 2 .   ? 11.099  10.925  -0.907  1.00 37.23 ? 241 HOH A O   1 
HETATM 1302 O O   . HOH B 2 .   ? -7.514  16.184  -3.436  1.00 30.67 ? 242 HOH A O   1 
HETATM 1303 O O   . HOH B 2 .   ? -16.415 12.878  -0.897  1.00 38.33 ? 243 HOH A O   1 
HETATM 1304 O O   . HOH B 2 .   ? 12.688  -17.965 -10.574 1.00 49.59 ? 244 HOH A O   1 
HETATM 1305 O O   . HOH B 2 .   ? -13.523 11.708  8.284   1.00 38.13 ? 245 HOH A O   1 
HETATM 1306 O O   . HOH B 2 .   ? 2.068   -12.128 -1.192  1.00 32.18 ? 246 HOH A O   1 
HETATM 1307 O O   . HOH B 2 .   ? 9.279   16.847  0.933   1.00 38.83 ? 247 HOH A O   1 
HETATM 1308 O O   . HOH B 2 .   ? -10.396 5.931   -9.478  1.00 27.21 ? 248 HOH A O   1 
HETATM 1309 O O   . HOH B 2 .   ? -9.047  2.311   13.396  1.00 19.45 ? 249 HOH A O   1 
HETATM 1310 O O   . HOH B 2 .   ? -0.332  0.792   -16.640 1.00 42.55 ? 250 HOH A O   1 
HETATM 1311 O O   . HOH B 2 .   ? -2.615  -13.281 13.548  1.00 35.19 ? 251 HOH A O   1 
HETATM 1312 O O   . HOH B 2 .   ? 12.697  22.270  11.386  1.00 36.67 ? 252 HOH A O   1 
HETATM 1313 O O   . HOH B 2 .   ? 3.331   -13.429 -13.224 1.00 47.01 ? 253 HOH A O   1 
HETATM 1314 O O   . HOH B 2 .   ? -3.400  12.824  1.828   1.00 33.97 ? 254 HOH A O   1 
HETATM 1315 O O   . HOH B 2 .   ? -7.270  10.624  -9.077  1.00 37.11 ? 255 HOH A O   1 
HETATM 1316 O O   . HOH B 2 .   ? 19.781  -5.348  -19.160 1.00 55.48 ? 256 HOH A O   1 
HETATM 1317 O O   . HOH B 2 .   ? -19.785 0.428   -8.199  1.00 38.48 ? 257 HOH A O   1 
HETATM 1318 O O   . HOH B 2 .   ? -8.259  -10.535 -0.045  1.00 35.11 ? 258 HOH A O   1 
HETATM 1319 O O   . HOH B 2 .   ? 5.542   2.765   -19.237 1.00 37.60 ? 259 HOH A O   1 
HETATM 1320 O O   . HOH B 2 .   ? -1.630  10.028  17.468  1.00 32.98 ? 260 HOH A O   1 
HETATM 1321 O O   . HOH B 2 .   ? -7.696  9.652   -12.553 1.00 30.40 ? 261 HOH A O   1 
HETATM 1322 O O   . HOH B 2 .   ? 2.163   -4.238  20.525  1.00 40.23 ? 262 HOH A O   1 
HETATM 1323 O O   . HOH B 2 .   ? -0.808  7.763   -11.898 1.00 35.86 ? 263 HOH A O   1 
HETATM 1324 O O   . HOH B 2 .   ? -11.209 -10.113 10.842  1.00 31.77 ? 264 HOH A O   1 
HETATM 1325 O O   . HOH B 2 .   ? -12.994 -7.965  12.381  1.00 35.80 ? 265 HOH A O   1 
HETATM 1326 O O   . HOH B 2 .   ? 4.178   -14.279 -0.830  1.00 42.89 ? 266 HOH A O   1 
HETATM 1327 O O   . HOH B 2 .   ? -15.282 8.751   -3.374  1.00 45.38 ? 267 HOH A O   1 
HETATM 1328 O O   . HOH B 2 .   ? 7.889   -17.408 11.811  1.00 40.85 ? 268 HOH A O   1 
HETATM 1329 O O   . HOH B 2 .   ? 11.721  -19.551 -13.579 1.00 43.94 ? 269 HOH A O   1 
HETATM 1330 O O   . HOH B 2 .   ? -0.235  -18.861 14.245  1.00 47.40 ? 270 HOH A O   1 
HETATM 1331 O O   . HOH B 2 .   ? 12.406  -1.185  -8.362  1.00 36.82 ? 271 HOH A O   1 
HETATM 1332 O O   . HOH B 2 .   ? -0.659  -8.281  -13.130 1.00 42.14 ? 272 HOH A O   1 
HETATM 1333 O O   . HOH B 2 .   ? 4.232   8.641   4.945   1.00 51.13 ? 273 HOH A O   1 
HETATM 1334 O O   . HOH B 2 .   ? -6.567  -8.528  14.871  1.00 43.20 ? 274 HOH A O   1 
HETATM 1335 O O   . HOH B 2 .   ? -1.238  14.383  1.927   1.00 40.91 ? 275 HOH A O   1 
HETATM 1336 O O   . HOH B 2 .   ? 14.786  -14.045 -11.677 1.00 40.01 ? 276 HOH A O   1 
HETATM 1337 O O   . HOH B 2 .   ? -2.743  2.533   -16.178 1.00 30.06 ? 277 HOH A O   1 
HETATM 1338 O O   . HOH B 2 .   ? -8.615  -6.964  -11.480 1.00 46.97 ? 278 HOH A O   1 
HETATM 1339 O O   . HOH B 2 .   ? -5.560  -7.485  -12.343 1.00 42.69 ? 279 HOH A O   1 
HETATM 1340 O O   . HOH B 2 .   ? -3.787  -6.199  15.969  1.00 30.70 ? 280 HOH A O   1 
HETATM 1341 O O   . HOH B 2 .   ? -17.978 0.553   -5.904  1.00 45.82 ? 281 HOH A O   1 
HETATM 1342 O O   . HOH B 2 .   ? -12.587 -8.383  0.979   1.00 42.55 ? 282 HOH A O   1 
HETATM 1343 O O   . HOH B 2 .   ? 13.167  18.757  13.311  1.00 43.68 ? 283 HOH A O   1 
HETATM 1344 O O   . HOH B 2 .   ? 6.439   15.594  -3.119  1.00 55.47 ? 284 HOH A O   1 
HETATM 1345 O O   . HOH B 2 .   ? -12.907 -5.725  10.657  1.00 31.12 ? 285 HOH A O   1 
HETATM 1346 O O   . HOH B 2 .   ? -13.762 4.108   4.517   1.00 48.39 ? 286 HOH A O   1 
HETATM 1347 O O   . HOH B 2 .   ? -9.062  14.030  6.522   1.00 31.51 ? 287 HOH A O   1 
HETATM 1348 O O   . HOH B 2 .   ? 3.569   -17.747 13.488  1.00 30.63 ? 288 HOH A O   1 
HETATM 1349 O O   . HOH B 2 .   ? 7.267   -14.396 14.613  1.00 33.72 ? 289 HOH A O   1 
HETATM 1350 O O   . HOH B 2 .   ? 9.815   -13.991 13.154  1.00 39.31 ? 290 HOH A O   1 
HETATM 1351 O O   . HOH B 2 .   ? -3.482  -8.667  16.895  1.00 40.35 ? 291 HOH A O   1 
HETATM 1352 O O   . HOH B 2 .   ? -20.156 -1.408  -6.606  1.00 55.03 ? 292 HOH A O   1 
HETATM 1353 O O   . HOH B 2 .   ? -18.775 -0.309  -3.316  1.00 39.48 ? 293 HOH A O   1 
HETATM 1354 O O   . HOH B 2 .   ? 2.402   9.167   3.273   1.00 44.23 ? 294 HOH A O   1 
HETATM 1355 O O   . HOH B 2 .   ? -5.639  11.316  -13.810 1.00 26.55 ? 295 HOH A O   1 
HETATM 1356 O O   . HOH B 2 .   ? -7.041  -10.077 -2.840  1.00 47.91 ? 296 HOH A O   1 
HETATM 1357 O O   . HOH B 2 .   ? 1.744   -14.960 -8.150  1.00 41.94 ? 297 HOH A O   1 
HETATM 1358 O O   . HOH B 2 .   ? -15.147 0.755   10.114  1.00 36.87 ? 298 HOH A O   1 
HETATM 1359 O O   . HOH B 2 .   ? -16.245 15.450  -0.416  1.00 35.33 ? 299 HOH A O   1 
HETATM 1360 O O   . HOH B 2 .   ? 5.973   16.884  11.449  1.00 43.95 ? 300 HOH A O   1 
HETATM 1361 O O   . HOH B 2 .   ? 16.404  19.263  7.589   1.00 34.19 ? 301 HOH A O   1 
HETATM 1362 O O   . HOH B 2 .   ? 3.576   -18.940 3.411   1.00 43.52 ? 302 HOH A O   1 
HETATM 1363 O O   . HOH B 2 .   ? 10.038  -16.198 14.581  1.00 45.10 ? 303 HOH A O   1 
HETATM 1364 O O   . HOH B 2 .   ? -8.991  -5.101  22.524  1.00 42.97 ? 304 HOH A O   1 
HETATM 1365 O O   . HOH B 2 .   ? -9.689  -9.836  2.947   1.00 31.66 ? 305 HOH A O   1 
HETATM 1366 O O   . HOH B 2 .   ? 4.564   -15.839 1.063   1.00 54.48 ? 306 HOH A O   1 
HETATM 1367 O O   . HOH B 2 .   ? -6.895  -9.611  -11.835 1.00 48.17 ? 307 HOH A O   1 
HETATM 1368 O O   . HOH B 2 .   ? -0.841  11.992  2.131   1.00 36.50 ? 308 HOH A O   1 
HETATM 1369 O O   . HOH B 2 .   ? 3.342   -18.863 10.619  1.00 47.13 ? 309 HOH A O   1 
HETATM 1370 O O   . HOH B 2 .   ? -5.733  -12.567 13.072  1.00 39.58 ? 310 HOH A O   1 
HETATM 1371 O O   . HOH B 2 .   ? -4.323  13.134  -5.565  1.00 39.20 ? 311 HOH A O   1 
HETATM 1372 O O   . HOH B 2 .   ? -3.206  -8.129  -13.141 1.00 38.54 ? 312 HOH A O   1 
HETATM 1373 O O   . HOH B 2 .   ? -9.084  4.428   -15.047 1.00 58.18 ? 313 HOH A O   1 
HETATM 1374 O O   . HOH B 2 .   ? 2.372   -15.849 3.804   1.00 47.82 ? 314 HOH A O   1 
HETATM 1375 O O   . HOH B 2 .   ? 10.950  -17.775 12.590  1.00 52.79 ? 315 HOH A O   1 
HETATM 1376 O O   . HOH B 2 .   ? 14.437  17.345  8.769   1.00 53.99 ? 316 HOH A O   1 
HETATM 1377 O O   . HOH B 2 .   ? 4.225   -15.458 -15.331 1.00 43.13 ? 317 HOH A O   1 
HETATM 1378 O O   . HOH B 2 .   ? -9.950  -11.641 12.379  1.00 58.65 ? 318 HOH A O   1 
HETATM 1379 O O   . HOH B 2 .   ? -2.074  -4.549  18.562  1.00 50.23 ? 319 HOH A O   1 
HETATM 1380 O O   . HOH B 2 .   ? -9.543  -2.145  15.450  1.00 41.44 ? 320 HOH A O   1 
HETATM 1381 O O   . HOH B 2 .   ? 9.180   19.435  1.217   1.00 52.75 ? 321 HOH A O   1 
HETATM 1382 O O   . HOH B 2 .   ? -5.052  -10.588 16.215  1.00 43.04 ? 322 HOH A O   1 
HETATM 1383 O O   . HOH B 2 .   ? 13.043  -20.653 -11.444 1.00 57.61 ? 323 HOH A O   1 
HETATM 1384 O O   . HOH B 2 .   ? -3.596  -18.396 14.814  1.00 54.96 ? 324 HOH A O   1 
# 
